data_7ZXB
# 
_entry.id   7ZXB 
# 
_audit_conform.dict_name       mmcif_pdbx.dic 
_audit_conform.dict_version    5.381 
_audit_conform.dict_location   http://mmcif.pdb.org/dictionaries/ascii/mmcif_pdbx.dic 
# 
loop_
_database_2.database_id 
_database_2.database_code 
_database_2.pdbx_database_accession 
_database_2.pdbx_DOI 
PDB   7ZXB         pdb_00007zxb 10.2210/pdb7zxb/pdb 
WWPDB D_1292123175 ?            ?                   
# 
_pdbx_database_status.status_code                     REL 
_pdbx_database_status.status_code_sf                  REL 
_pdbx_database_status.status_code_mr                  ? 
_pdbx_database_status.entry_id                        7ZXB 
_pdbx_database_status.recvd_initial_deposition_date   2022-05-20 
_pdbx_database_status.SG_entry                        N 
_pdbx_database_status.deposit_site                    PDBE 
_pdbx_database_status.process_site                    PDBE 
_pdbx_database_status.status_code_cs                  ? 
_pdbx_database_status.status_code_nmr_data            ? 
_pdbx_database_status.methods_development_category    ? 
_pdbx_database_status.pdb_format_compatible           Y 
# 
loop_
_audit_author.name 
_audit_author.pdbx_ordinal 
_audit_author.identifier_ORCID 
'Klima, M.' 1 0000-0002-9083-509X 
'Smola, M.' 2 0000-0002-4611-739X 
'Boura, E.' 3 0000-0002-9652-4065 
# 
_citation.abstract                  ? 
_citation.abstract_id_CAS           ? 
_citation.book_id_ISBN              ? 
_citation.book_publisher            ? 
_citation.book_publisher_city       ? 
_citation.book_title                ? 
_citation.coordinate_linkage        ? 
_citation.country                   ? 
_citation.database_id_Medline       ? 
_citation.details                   ? 
_citation.id                        primary 
_citation.journal_abbrev            'To Be Published' 
_citation.journal_id_ASTM           ? 
_citation.journal_id_CSD            0353 
_citation.journal_id_ISSN           ? 
_citation.journal_full              ? 
_citation.journal_issue             ? 
_citation.journal_volume            ? 
_citation.language                  ? 
_citation.page_first                ? 
_citation.page_last                 ? 
_citation.title                     
;Crystal structure of human STING in complex with 3',3'-c-(2'dAMP-2'F,2'd<carba>AMP)
;
_citation.year                      ? 
_citation.database_id_CSD           ? 
_citation.pdbx_database_id_DOI      ? 
_citation.pdbx_database_id_PubMed   ? 
_citation.pdbx_database_id_patent   ? 
_citation.unpublished_flag          ? 
# 
loop_
_citation_author.citation_id 
_citation_author.name 
_citation_author.ordinal 
_citation_author.identifier_ORCID 
primary 'Klima, M.' 1 0000-0002-9083-509X 
primary 'Smola, M.' 2 0000-0002-4611-739X 
primary 'Boura, E.' 3 0000-0002-9652-4065 
# 
_cell.angle_alpha                  90.000 
_cell.angle_alpha_esd              ? 
_cell.angle_beta                   90.000 
_cell.angle_beta_esd               ? 
_cell.angle_gamma                  90.000 
_cell.angle_gamma_esd              ? 
_cell.entry_id                     7ZXB 
_cell.details                      ? 
_cell.formula_units_Z              ? 
_cell.length_a                     111.803 
_cell.length_a_esd                 ? 
_cell.length_b                     111.803 
_cell.length_b_esd                 ? 
_cell.length_c                     35.115 
_cell.length_c_esd                 ? 
_cell.volume                       438934.368 
_cell.volume_esd                   ? 
_cell.Z_PDB                        8 
_cell.reciprocal_angle_alpha       ? 
_cell.reciprocal_angle_beta        ? 
_cell.reciprocal_angle_gamma       ? 
_cell.reciprocal_angle_alpha_esd   ? 
_cell.reciprocal_angle_beta_esd    ? 
_cell.reciprocal_angle_gamma_esd   ? 
_cell.reciprocal_length_a          ? 
_cell.reciprocal_length_b          ? 
_cell.reciprocal_length_c          ? 
_cell.reciprocal_length_a_esd      ? 
_cell.reciprocal_length_b_esd      ? 
_cell.reciprocal_length_c_esd      ? 
_cell.pdbx_unique_axis             ? 
_cell.pdbx_esd_method              ? 
# 
_symmetry.entry_id                         7ZXB 
_symmetry.cell_setting                     ? 
_symmetry.Int_Tables_number                92 
_symmetry.space_group_name_Hall            'P 4abw 2nw' 
_symmetry.space_group_name_H-M             'P 41 21 2' 
_symmetry.pdbx_full_space_group_name_H-M   ? 
# 
loop_
_entity.id 
_entity.type 
_entity.src_method 
_entity.pdbx_description 
_entity.formula_weight 
_entity.pdbx_number_of_molecules 
_entity.pdbx_ec 
_entity.pdbx_mutation 
_entity.pdbx_fragment 
_entity.details 
1 polymer     man 'Stimulator of interferon protein' 23189.064 1 ? ? ? ? 
2 non-polymer syn 
;9-[(1~{R},6~{R},8~{R},10~{S},15~{R},17~{R},18~{S})-8-(6-aminopurin-9-yl)-18-fluoranyl-3,12-bis(oxidanyl)-3,12-bis(oxidanylidene)-2,4,7,11,13-pentaoxa-3$l^{5},12$l^{5}-diphosphatricyclo[13.3.0.0^{6,10}]octadecan-17-yl]purin-6-amine
;
642.431   1 ? ? ? ? 
# 
_entity_poly.entity_id                      1 
_entity_poly.type                           'polypeptide(L)' 
_entity_poly.nstd_linkage                   no 
_entity_poly.nstd_monomer                   no 
_entity_poly.pdbx_seq_one_letter_code       
;APAEISAVCEKGNFNVAHGLAWSYYIGYLRLILPELQARIRTYNQHYNNLLRGAVSQRLYILLPLDCGVPDNLSMADPNI
RFLDKLPQQTGDRAGIKDRVYSNSIYELLENGQRAGTCVLEYATPLQTLFAMSQYSQAGFSREDRLEQAKLFCRTLEDIL
ADAPESQNNCRLIAYQEPADDSSFSLSQEVLRHLRQEEKEEVTV
;
_entity_poly.pdbx_seq_one_letter_code_can   
;APAEISAVCEKGNFNVAHGLAWSYYIGYLRLILPELQARIRTYNQHYNNLLRGAVSQRLYILLPLDCGVPDNLSMADPNI
RFLDKLPQQTGDRAGIKDRVYSNSIYELLENGQRAGTCVLEYATPLQTLFAMSQYSQAGFSREDRLEQAKLFCRTLEDIL
ADAPESQNNCRLIAYQEPADDSSFSLSQEVLRHLRQEEKEEVTV
;
_entity_poly.pdbx_strand_id                 A 
_entity_poly.pdbx_target_identifier         ? 
# 
loop_
_entity_poly_seq.entity_id 
_entity_poly_seq.num 
_entity_poly_seq.mon_id 
_entity_poly_seq.hetero 
1 1   ALA n 
1 2   PRO n 
1 3   ALA n 
1 4   GLU n 
1 5   ILE n 
1 6   SER n 
1 7   ALA n 
1 8   VAL n 
1 9   CYS n 
1 10  GLU n 
1 11  LYS n 
1 12  GLY n 
1 13  ASN n 
1 14  PHE n 
1 15  ASN n 
1 16  VAL n 
1 17  ALA n 
1 18  HIS n 
1 19  GLY n 
1 20  LEU n 
1 21  ALA n 
1 22  TRP n 
1 23  SER n 
1 24  TYR n 
1 25  TYR n 
1 26  ILE n 
1 27  GLY n 
1 28  TYR n 
1 29  LEU n 
1 30  ARG n 
1 31  LEU n 
1 32  ILE n 
1 33  LEU n 
1 34  PRO n 
1 35  GLU n 
1 36  LEU n 
1 37  GLN n 
1 38  ALA n 
1 39  ARG n 
1 40  ILE n 
1 41  ARG n 
1 42  THR n 
1 43  TYR n 
1 44  ASN n 
1 45  GLN n 
1 46  HIS n 
1 47  TYR n 
1 48  ASN n 
1 49  ASN n 
1 50  LEU n 
1 51  LEU n 
1 52  ARG n 
1 53  GLY n 
1 54  ALA n 
1 55  VAL n 
1 56  SER n 
1 57  GLN n 
1 58  ARG n 
1 59  LEU n 
1 60  TYR n 
1 61  ILE n 
1 62  LEU n 
1 63  LEU n 
1 64  PRO n 
1 65  LEU n 
1 66  ASP n 
1 67  CYS n 
1 68  GLY n 
1 69  VAL n 
1 70  PRO n 
1 71  ASP n 
1 72  ASN n 
1 73  LEU n 
1 74  SER n 
1 75  MET n 
1 76  ALA n 
1 77  ASP n 
1 78  PRO n 
1 79  ASN n 
1 80  ILE n 
1 81  ARG n 
1 82  PHE n 
1 83  LEU n 
1 84  ASP n 
1 85  LYS n 
1 86  LEU n 
1 87  PRO n 
1 88  GLN n 
1 89  GLN n 
1 90  THR n 
1 91  GLY n 
1 92  ASP n 
1 93  ARG n 
1 94  ALA n 
1 95  GLY n 
1 96  ILE n 
1 97  LYS n 
1 98  ASP n 
1 99  ARG n 
1 100 VAL n 
1 101 TYR n 
1 102 SER n 
1 103 ASN n 
1 104 SER n 
1 105 ILE n 
1 106 TYR n 
1 107 GLU n 
1 108 LEU n 
1 109 LEU n 
1 110 GLU n 
1 111 ASN n 
1 112 GLY n 
1 113 GLN n 
1 114 ARG n 
1 115 ALA n 
1 116 GLY n 
1 117 THR n 
1 118 CYS n 
1 119 VAL n 
1 120 LEU n 
1 121 GLU n 
1 122 TYR n 
1 123 ALA n 
1 124 THR n 
1 125 PRO n 
1 126 LEU n 
1 127 GLN n 
1 128 THR n 
1 129 LEU n 
1 130 PHE n 
1 131 ALA n 
1 132 MET n 
1 133 SER n 
1 134 GLN n 
1 135 TYR n 
1 136 SER n 
1 137 GLN n 
1 138 ALA n 
1 139 GLY n 
1 140 PHE n 
1 141 SER n 
1 142 ARG n 
1 143 GLU n 
1 144 ASP n 
1 145 ARG n 
1 146 LEU n 
1 147 GLU n 
1 148 GLN n 
1 149 ALA n 
1 150 LYS n 
1 151 LEU n 
1 152 PHE n 
1 153 CYS n 
1 154 ARG n 
1 155 THR n 
1 156 LEU n 
1 157 GLU n 
1 158 ASP n 
1 159 ILE n 
1 160 LEU n 
1 161 ALA n 
1 162 ASP n 
1 163 ALA n 
1 164 PRO n 
1 165 GLU n 
1 166 SER n 
1 167 GLN n 
1 168 ASN n 
1 169 ASN n 
1 170 CYS n 
1 171 ARG n 
1 172 LEU n 
1 173 ILE n 
1 174 ALA n 
1 175 TYR n 
1 176 GLN n 
1 177 GLU n 
1 178 PRO n 
1 179 ALA n 
1 180 ASP n 
1 181 ASP n 
1 182 SER n 
1 183 SER n 
1 184 PHE n 
1 185 SER n 
1 186 LEU n 
1 187 SER n 
1 188 GLN n 
1 189 GLU n 
1 190 VAL n 
1 191 LEU n 
1 192 ARG n 
1 193 HIS n 
1 194 LEU n 
1 195 ARG n 
1 196 GLN n 
1 197 GLU n 
1 198 GLU n 
1 199 LYS n 
1 200 GLU n 
1 201 GLU n 
1 202 VAL n 
1 203 THR n 
1 204 VAL n 
# 
_entity_src_gen.entity_id                          1 
_entity_src_gen.pdbx_src_id                        1 
_entity_src_gen.pdbx_alt_source_flag               sample 
_entity_src_gen.pdbx_seq_type                      'Biological sequence' 
_entity_src_gen.pdbx_beg_seq_num                   1 
_entity_src_gen.pdbx_end_seq_num                   204 
_entity_src_gen.gene_src_common_name               human 
_entity_src_gen.gene_src_genus                     ? 
_entity_src_gen.pdbx_gene_src_gene                 'STING, LOC340061, hCG_1782396' 
_entity_src_gen.gene_src_species                   ? 
_entity_src_gen.gene_src_strain                    ? 
_entity_src_gen.gene_src_tissue                    ? 
_entity_src_gen.gene_src_tissue_fraction           ? 
_entity_src_gen.gene_src_details                   ? 
_entity_src_gen.pdbx_gene_src_fragment             ? 
_entity_src_gen.pdbx_gene_src_scientific_name      'Homo sapiens' 
_entity_src_gen.pdbx_gene_src_ncbi_taxonomy_id     9606 
_entity_src_gen.pdbx_gene_src_variant              ? 
_entity_src_gen.pdbx_gene_src_cell_line            ? 
_entity_src_gen.pdbx_gene_src_atcc                 ? 
_entity_src_gen.pdbx_gene_src_organ                ? 
_entity_src_gen.pdbx_gene_src_organelle            ? 
_entity_src_gen.pdbx_gene_src_cell                 ? 
_entity_src_gen.pdbx_gene_src_cellular_location    ? 
_entity_src_gen.host_org_common_name               ? 
_entity_src_gen.pdbx_host_org_scientific_name      'Escherichia coli BL21(DE3)' 
_entity_src_gen.pdbx_host_org_ncbi_taxonomy_id     469008 
_entity_src_gen.host_org_genus                     ? 
_entity_src_gen.pdbx_host_org_gene                 ? 
_entity_src_gen.pdbx_host_org_organ                ? 
_entity_src_gen.host_org_species                   ? 
_entity_src_gen.pdbx_host_org_tissue               ? 
_entity_src_gen.pdbx_host_org_tissue_fraction      ? 
_entity_src_gen.pdbx_host_org_strain               ? 
_entity_src_gen.pdbx_host_org_variant              ? 
_entity_src_gen.pdbx_host_org_cell_line            ? 
_entity_src_gen.pdbx_host_org_atcc                 ? 
_entity_src_gen.pdbx_host_org_culture_collection   ? 
_entity_src_gen.pdbx_host_org_cell                 ? 
_entity_src_gen.pdbx_host_org_organelle            ? 
_entity_src_gen.pdbx_host_org_cellular_location    ? 
_entity_src_gen.pdbx_host_org_vector_type          ? 
_entity_src_gen.pdbx_host_org_vector               ? 
_entity_src_gen.host_org_details                   ? 
_entity_src_gen.expression_system_id               ? 
_entity_src_gen.plasmid_name                       ? 
_entity_src_gen.plasmid_details                    ? 
_entity_src_gen.pdbx_description                   ? 
# 
_struct_ref.id                         1 
_struct_ref.db_name                    UNP 
_struct_ref.db_code                    A0A2R3XZB7_HUMAN 
_struct_ref.pdbx_db_accession          A0A2R3XZB7 
_struct_ref.pdbx_db_isoform            ? 
_struct_ref.entity_id                  1 
_struct_ref.pdbx_seq_one_letter_code   
;APAEISAVCEKGNFNVAHGLAWSYYIGYLRLILPELQARIRTYNQHYNNLLRGAVSQRLYILLPLDCGVPDNLSMADPNI
RFLDKLPQQTGDRAGIKDRVYSNSIYELLENGQRAGTCVLEYATPLQTLFAMSQYSQAGFSREDRLEQAKLFCRTLEDIL
ADAPESQNNCRLIAYQEPADDSSFSLSQEVLRHLRQEEKEEVTV
;
_struct_ref.pdbx_align_begin           140 
# 
_struct_ref_seq.align_id                      1 
_struct_ref_seq.ref_id                        1 
_struct_ref_seq.pdbx_PDB_id_code              7ZXB 
_struct_ref_seq.pdbx_strand_id                A 
_struct_ref_seq.seq_align_beg                 1 
_struct_ref_seq.pdbx_seq_align_beg_ins_code   ? 
_struct_ref_seq.seq_align_end                 204 
_struct_ref_seq.pdbx_seq_align_end_ins_code   ? 
_struct_ref_seq.pdbx_db_accession             A0A2R3XZB7 
_struct_ref_seq.db_align_beg                  140 
_struct_ref_seq.pdbx_db_align_beg_ins_code    ? 
_struct_ref_seq.db_align_end                  343 
_struct_ref_seq.pdbx_db_align_end_ins_code    ? 
_struct_ref_seq.pdbx_auth_seq_align_beg       140 
_struct_ref_seq.pdbx_auth_seq_align_end       343 
# 
loop_
_chem_comp.id 
_chem_comp.type 
_chem_comp.mon_nstd_flag 
_chem_comp.name 
_chem_comp.pdbx_synonyms 
_chem_comp.formula 
_chem_comp.formula_weight 
ALA 'L-peptide linking' y ALANINE ? 'C3 H7 N O2'          89.093  
ARG 'L-peptide linking' y ARGININE ? 'C6 H15 N4 O2 1'      175.209 
ASN 'L-peptide linking' y ASPARAGINE ? 'C4 H8 N2 O3'         132.118 
ASP 'L-peptide linking' y 'ASPARTIC ACID' ? 'C4 H7 N O4'          133.103 
CYS 'L-peptide linking' y CYSTEINE ? 'C3 H7 N O2 S'        121.158 
GLN 'L-peptide linking' y GLUTAMINE ? 'C5 H10 N2 O3'        146.144 
GLU 'L-peptide linking' y 'GLUTAMIC ACID' ? 'C5 H9 N O4'          147.129 
GLY 'peptide linking'   y GLYCINE ? 'C2 H5 N O2'          75.067  
HIS 'L-peptide linking' y HISTIDINE ? 'C6 H10 N3 O2 1'      156.162 
ILE 'L-peptide linking' y ISOLEUCINE ? 'C6 H13 N O2'         131.173 
KAX non-polymer         . 
;9-[(1~{R},6~{R},8~{R},10~{S},15~{R},17~{R},18~{S})-8-(6-aminopurin-9-yl)-18-fluoranyl-3,12-bis(oxidanyl)-3,12-bis(oxidanylidene)-2,4,7,11,13-pentaoxa-3$l^{5},12$l^{5}-diphosphatricyclo[13.3.0.0^{6,10}]octadecan-17-yl]purin-6-amine
;
? 'C21 H25 F N10 O9 P2' 642.431 
LEU 'L-peptide linking' y LEUCINE ? 'C6 H13 N O2'         131.173 
LYS 'L-peptide linking' y LYSINE ? 'C6 H15 N2 O2 1'      147.195 
MET 'L-peptide linking' y METHIONINE ? 'C5 H11 N O2 S'       149.211 
PHE 'L-peptide linking' y PHENYLALANINE ? 'C9 H11 N O2'         165.189 
PRO 'L-peptide linking' y PROLINE ? 'C5 H9 N O2'          115.130 
SER 'L-peptide linking' y SERINE ? 'C3 H7 N O3'          105.093 
THR 'L-peptide linking' y THREONINE ? 'C4 H9 N O3'          119.119 
TRP 'L-peptide linking' y TRYPTOPHAN ? 'C11 H12 N2 O2'       204.225 
TYR 'L-peptide linking' y TYROSINE ? 'C9 H11 N O3'         181.189 
VAL 'L-peptide linking' y VALINE ? 'C5 H11 N O2'         117.146 
# 
_exptl.absorpt_coefficient_mu     ? 
_exptl.absorpt_correction_T_max   ? 
_exptl.absorpt_correction_T_min   ? 
_exptl.absorpt_correction_type    ? 
_exptl.absorpt_process_details    ? 
_exptl.entry_id                   7ZXB 
_exptl.crystals_number            1 
_exptl.details                    ? 
_exptl.method                     'X-RAY DIFFRACTION' 
_exptl.method_details             ? 
# 
_exptl_crystal.colour                       ? 
_exptl_crystal.density_diffrn               ? 
_exptl_crystal.density_Matthews             2.37 
_exptl_crystal.density_method               ? 
_exptl_crystal.density_percent_sol          48.01 
_exptl_crystal.description                  ? 
_exptl_crystal.F_000                        ? 
_exptl_crystal.id                           1 
_exptl_crystal.preparation                  ? 
_exptl_crystal.size_max                     ? 
_exptl_crystal.size_mid                     ? 
_exptl_crystal.size_min                     ? 
_exptl_crystal.size_rad                     ? 
_exptl_crystal.colour_lustre                ? 
_exptl_crystal.colour_modifier              ? 
_exptl_crystal.colour_primary               ? 
_exptl_crystal.density_meas                 ? 
_exptl_crystal.density_meas_esd             ? 
_exptl_crystal.density_meas_gt              ? 
_exptl_crystal.density_meas_lt              ? 
_exptl_crystal.density_meas_temp            ? 
_exptl_crystal.density_meas_temp_esd        ? 
_exptl_crystal.density_meas_temp_gt         ? 
_exptl_crystal.density_meas_temp_lt         ? 
_exptl_crystal.pdbx_crystal_image_url       ? 
_exptl_crystal.pdbx_crystal_image_format    ? 
_exptl_crystal.pdbx_mosaicity               ? 
_exptl_crystal.pdbx_mosaicity_esd           ? 
_exptl_crystal.pdbx_mosaic_method           ? 
_exptl_crystal.pdbx_mosaic_block_size       ? 
_exptl_crystal.pdbx_mosaic_block_size_esd   ? 
# 
_exptl_crystal_grow.apparatus       ? 
_exptl_crystal_grow.atmosphere      ? 
_exptl_crystal_grow.crystal_id      1 
_exptl_crystal_grow.details         ? 
_exptl_crystal_grow.method          'VAPOR DIFFUSION, SITTING DROP' 
_exptl_crystal_grow.method_ref      ? 
_exptl_crystal_grow.pH              ? 
_exptl_crystal_grow.pressure        ? 
_exptl_crystal_grow.pressure_esd    ? 
_exptl_crystal_grow.seeding         ? 
_exptl_crystal_grow.seeding_ref     ? 
_exptl_crystal_grow.temp            291 
_exptl_crystal_grow.temp_details    ? 
_exptl_crystal_grow.temp_esd        ? 
_exptl_crystal_grow.time            ? 
_exptl_crystal_grow.pdbx_details    
;0.2 M Lithium acetate, 
20% (w/v) PEG 3350
;
_exptl_crystal_grow.pdbx_pH_range   ? 
# 
_diffrn.ambient_environment              ? 
_diffrn.ambient_temp                     100 
_diffrn.ambient_temp_details             ? 
_diffrn.ambient_temp_esd                 ? 
_diffrn.crystal_id                       1 
_diffrn.crystal_support                  ? 
_diffrn.crystal_treatment                ? 
_diffrn.details                          ? 
_diffrn.id                               1 
_diffrn.ambient_pressure                 ? 
_diffrn.ambient_pressure_esd             ? 
_diffrn.ambient_pressure_gt              ? 
_diffrn.ambient_pressure_lt              ? 
_diffrn.ambient_temp_gt                  ? 
_diffrn.ambient_temp_lt                  ? 
_diffrn.pdbx_serial_crystal_experiment   N 
# 
_diffrn_detector.details                      ? 
_diffrn_detector.detector                     PIXEL 
_diffrn_detector.diffrn_id                    1 
_diffrn_detector.type                         'DECTRIS PILATUS 6M' 
_diffrn_detector.area_resol_mean              ? 
_diffrn_detector.dtime                        ? 
_diffrn_detector.pdbx_frames_total            ? 
_diffrn_detector.pdbx_collection_time_total   ? 
_diffrn_detector.pdbx_collection_date         2019-02-11 
_diffrn_detector.pdbx_frequency               ? 
# 
_diffrn_radiation.collimation                      ? 
_diffrn_radiation.diffrn_id                        1 
_diffrn_radiation.filter_edge                      ? 
_diffrn_radiation.inhomogeneity                    ? 
_diffrn_radiation.monochromator                    ? 
_diffrn_radiation.polarisn_norm                    ? 
_diffrn_radiation.polarisn_ratio                   ? 
_diffrn_radiation.probe                            ? 
_diffrn_radiation.type                             ? 
_diffrn_radiation.xray_symbol                      ? 
_diffrn_radiation.wavelength_id                    1 
_diffrn_radiation.pdbx_monochromatic_or_laue_m_l   M 
_diffrn_radiation.pdbx_wavelength_list             ? 
_diffrn_radiation.pdbx_wavelength                  ? 
_diffrn_radiation.pdbx_diffrn_protocol             'SINGLE WAVELENGTH' 
_diffrn_radiation.pdbx_analyzer                    ? 
_diffrn_radiation.pdbx_scattering_type             x-ray 
# 
_diffrn_radiation_wavelength.id           1 
_diffrn_radiation_wavelength.wavelength   0.9184 
_diffrn_radiation_wavelength.wt           1.0 
# 
_diffrn_source.current                     ? 
_diffrn_source.details                     ? 
_diffrn_source.diffrn_id                   1 
_diffrn_source.power                       ? 
_diffrn_source.size                        ? 
_diffrn_source.source                      SYNCHROTRON 
_diffrn_source.target                      ? 
_diffrn_source.type                        'BESSY BEAMLINE 14.1' 
_diffrn_source.voltage                     ? 
_diffrn_source.take-off_angle              ? 
_diffrn_source.pdbx_wavelength_list        0.9184 
_diffrn_source.pdbx_wavelength             ? 
_diffrn_source.pdbx_synchrotron_beamline   14.1 
_diffrn_source.pdbx_synchrotron_site       BESSY 
# 
_reflns.B_iso_Wilson_estimate                          71.06 
_reflns.entry_id                                       7ZXB 
_reflns.data_reduction_details                         ? 
_reflns.data_reduction_method                          ? 
_reflns.d_resolution_high                              3.0 
_reflns.d_resolution_low                               35.36 
_reflns.details                                        ? 
_reflns.limit_h_max                                    ? 
_reflns.limit_h_min                                    ? 
_reflns.limit_k_max                                    ? 
_reflns.limit_k_min                                    ? 
_reflns.limit_l_max                                    ? 
_reflns.limit_l_min                                    ? 
_reflns.number_all                                     ? 
_reflns.number_obs                                     4804 
_reflns.observed_criterion                             ? 
_reflns.observed_criterion_F_max                       ? 
_reflns.observed_criterion_F_min                       ? 
_reflns.observed_criterion_I_max                       ? 
_reflns.observed_criterion_I_min                       ? 
_reflns.observed_criterion_sigma_F                     ? 
_reflns.observed_criterion_sigma_I                     ? 
_reflns.percent_possible_obs                           99.61 
_reflns.R_free_details                                 ? 
_reflns.Rmerge_F_all                                   ? 
_reflns.Rmerge_F_obs                                   ? 
_reflns.Friedel_coverage                               ? 
_reflns.number_gt                                      ? 
_reflns.threshold_expression                           ? 
_reflns.pdbx_redundancy                                16.2 
_reflns.pdbx_Rmerge_I_obs                              0.1612 
_reflns.pdbx_Rmerge_I_all                              ? 
_reflns.pdbx_Rsym_value                                ? 
_reflns.pdbx_netI_over_av_sigmaI                       ? 
_reflns.pdbx_netI_over_sigmaI                          17.29 
_reflns.pdbx_res_netI_over_av_sigmaI_2                 ? 
_reflns.pdbx_res_netI_over_sigmaI_2                    ? 
_reflns.pdbx_chi_squared                               ? 
_reflns.pdbx_scaling_rejects                           ? 
_reflns.pdbx_d_res_high_opt                            ? 
_reflns.pdbx_d_res_low_opt                             ? 
_reflns.pdbx_d_res_opt_method                          ? 
_reflns.phase_calculation_details                      ? 
_reflns.pdbx_Rrim_I_all                                0.1665 
_reflns.pdbx_Rpim_I_all                                0.04082 
_reflns.pdbx_d_opt                                     ? 
_reflns.pdbx_number_measured_all                       ? 
_reflns.pdbx_diffrn_id                                 1 
_reflns.pdbx_ordinal                                   1 
_reflns.pdbx_CC_half                                   0.998 
_reflns.pdbx_CC_star                                   1 
_reflns.pdbx_R_split                                   ? 
_reflns.pdbx_aniso_diffraction_limit_axis_1_ortho[1]   ? 
_reflns.pdbx_aniso_diffraction_limit_axis_1_ortho[2]   ? 
_reflns.pdbx_aniso_diffraction_limit_axis_1_ortho[3]   ? 
_reflns.pdbx_aniso_diffraction_limit_axis_2_ortho[1]   ? 
_reflns.pdbx_aniso_diffraction_limit_axis_2_ortho[2]   ? 
_reflns.pdbx_aniso_diffraction_limit_axis_2_ortho[3]   ? 
_reflns.pdbx_aniso_diffraction_limit_axis_3_ortho[1]   ? 
_reflns.pdbx_aniso_diffraction_limit_axis_3_ortho[2]   ? 
_reflns.pdbx_aniso_diffraction_limit_axis_3_ortho[3]   ? 
_reflns.pdbx_aniso_diffraction_limit_1                 ? 
_reflns.pdbx_aniso_diffraction_limit_2                 ? 
_reflns.pdbx_aniso_diffraction_limit_3                 ? 
_reflns.pdbx_aniso_B_tensor_eigenvector_1_ortho[1]     ? 
_reflns.pdbx_aniso_B_tensor_eigenvector_1_ortho[2]     ? 
_reflns.pdbx_aniso_B_tensor_eigenvector_1_ortho[3]     ? 
_reflns.pdbx_aniso_B_tensor_eigenvector_2_ortho[1]     ? 
_reflns.pdbx_aniso_B_tensor_eigenvector_2_ortho[2]     ? 
_reflns.pdbx_aniso_B_tensor_eigenvector_2_ortho[3]     ? 
_reflns.pdbx_aniso_B_tensor_eigenvector_3_ortho[1]     ? 
_reflns.pdbx_aniso_B_tensor_eigenvector_3_ortho[2]     ? 
_reflns.pdbx_aniso_B_tensor_eigenvector_3_ortho[3]     ? 
_reflns.pdbx_aniso_B_tensor_eigenvalue_1               ? 
_reflns.pdbx_aniso_B_tensor_eigenvalue_2               ? 
_reflns.pdbx_aniso_B_tensor_eigenvalue_3               ? 
_reflns.pdbx_orthogonalization_convention              ? 
_reflns.pdbx_percent_possible_ellipsoidal              ? 
_reflns.pdbx_percent_possible_spherical                ? 
_reflns.pdbx_percent_possible_ellipsoidal_anomalous    ? 
_reflns.pdbx_percent_possible_spherical_anomalous      ? 
_reflns.pdbx_redundancy_anomalous                      ? 
_reflns.pdbx_CC_half_anomalous                         ? 
_reflns.pdbx_absDiff_over_sigma_anomalous              ? 
_reflns.pdbx_percent_possible_anomalous                ? 
_reflns.pdbx_observed_signal_threshold                 ? 
_reflns.pdbx_signal_type                               ? 
_reflns.pdbx_signal_details                            ? 
_reflns.pdbx_signal_software_id                        ? 
_reflns.pdbx_CC_split_method                           ? 
# 
_reflns_shell.d_res_high                                    3.0 
_reflns_shell.d_res_low                                     3.107 
_reflns_shell.meanI_over_sigI_all                           ? 
_reflns_shell.meanI_over_sigI_obs                           2.59 
_reflns_shell.number_measured_all                           ? 
_reflns_shell.number_measured_obs                           ? 
_reflns_shell.number_possible                               ? 
_reflns_shell.number_unique_all                             ? 
_reflns_shell.number_unique_obs                             465 
_reflns_shell.percent_possible_all                          100.00 
_reflns_shell.percent_possible_obs                          ? 
_reflns_shell.Rmerge_F_all                                  ? 
_reflns_shell.Rmerge_F_obs                                  ? 
_reflns_shell.Rmerge_I_all                                  ? 
_reflns_shell.Rmerge_I_obs                                  1.256 
_reflns_shell.meanI_over_sigI_gt                            ? 
_reflns_shell.meanI_over_uI_all                             ? 
_reflns_shell.meanI_over_uI_gt                              ? 
_reflns_shell.number_measured_gt                            ? 
_reflns_shell.number_unique_gt                              ? 
_reflns_shell.percent_possible_gt                           ? 
_reflns_shell.Rmerge_F_gt                                   ? 
_reflns_shell.Rmerge_I_gt                                   ? 
_reflns_shell.pdbx_redundancy                               17.3 
_reflns_shell.pdbx_Rsym_value                               ? 
_reflns_shell.pdbx_chi_squared                              ? 
_reflns_shell.pdbx_netI_over_sigmaI_all                     ? 
_reflns_shell.pdbx_netI_over_sigmaI_obs                     ? 
_reflns_shell.pdbx_Rrim_I_all                               1.294 
_reflns_shell.pdbx_Rpim_I_all                               0.3076 
_reflns_shell.pdbx_rejects                                  ? 
_reflns_shell.pdbx_ordinal                                  1 
_reflns_shell.pdbx_diffrn_id                                1 
_reflns_shell.pdbx_CC_half                                  0.806 
_reflns_shell.pdbx_CC_star                                  0.945 
_reflns_shell.pdbx_R_split                                  ? 
_reflns_shell.pdbx_percent_possible_ellipsoidal             ? 
_reflns_shell.pdbx_percent_possible_spherical               ? 
_reflns_shell.pdbx_percent_possible_ellipsoidal_anomalous   ? 
_reflns_shell.pdbx_percent_possible_spherical_anomalous     ? 
_reflns_shell.pdbx_redundancy_anomalous                     ? 
_reflns_shell.pdbx_CC_half_anomalous                        ? 
_reflns_shell.pdbx_absDiff_over_sigma_anomalous             ? 
_reflns_shell.pdbx_percent_possible_anomalous               ? 
# 
_refine.aniso_B[1][1]                            ? 
_refine.aniso_B[1][2]                            ? 
_refine.aniso_B[1][3]                            ? 
_refine.aniso_B[2][2]                            ? 
_refine.aniso_B[2][3]                            ? 
_refine.aniso_B[3][3]                            ? 
_refine.B_iso_max                                ? 
_refine.B_iso_mean                               63.30 
_refine.B_iso_min                                ? 
_refine.correlation_coeff_Fo_to_Fc               ? 
_refine.correlation_coeff_Fo_to_Fc_free          ? 
_refine.details                                  ? 
_refine.diff_density_max                         ? 
_refine.diff_density_max_esd                     ? 
_refine.diff_density_min                         ? 
_refine.diff_density_min_esd                     ? 
_refine.diff_density_rms                         ? 
_refine.diff_density_rms_esd                     ? 
_refine.entry_id                                 7ZXB 
_refine.pdbx_refine_id                           'X-RAY DIFFRACTION' 
_refine.ls_abs_structure_details                 ? 
_refine.ls_abs_structure_Flack                   ? 
_refine.ls_abs_structure_Flack_esd               ? 
_refine.ls_abs_structure_Rogers                  ? 
_refine.ls_abs_structure_Rogers_esd              ? 
_refine.ls_d_res_high                            3.00 
_refine.ls_d_res_low                             35.36 
_refine.ls_extinction_coef                       ? 
_refine.ls_extinction_coef_esd                   ? 
_refine.ls_extinction_expression                 ? 
_refine.ls_extinction_method                     ? 
_refine.ls_goodness_of_fit_all                   ? 
_refine.ls_goodness_of_fit_all_esd               ? 
_refine.ls_goodness_of_fit_obs                   ? 
_refine.ls_goodness_of_fit_obs_esd               ? 
_refine.ls_hydrogen_treatment                    ? 
_refine.ls_matrix_type                           ? 
_refine.ls_number_constraints                    ? 
_refine.ls_number_parameters                     ? 
_refine.ls_number_reflns_all                     ? 
_refine.ls_number_reflns_obs                     4804 
_refine.ls_number_reflns_R_free                  241 
_refine.ls_number_reflns_R_work                  8082 
_refine.ls_number_restraints                     ? 
_refine.ls_percent_reflns_obs                    99.70 
_refine.ls_percent_reflns_R_free                 5.02 
_refine.ls_R_factor_all                          ? 
_refine.ls_R_factor_obs                          0.2342 
_refine.ls_R_factor_R_free                       0.2701 
_refine.ls_R_factor_R_free_error                 ? 
_refine.ls_R_factor_R_free_error_details         ? 
_refine.ls_R_factor_R_work                       0.2322 
_refine.ls_R_Fsqd_factor_obs                     ? 
_refine.ls_R_I_factor_obs                        ? 
_refine.ls_redundancy_reflns_all                 ? 
_refine.ls_redundancy_reflns_obs                 ? 
_refine.ls_restrained_S_all                      ? 
_refine.ls_restrained_S_obs                      ? 
_refine.ls_shift_over_esd_max                    ? 
_refine.ls_shift_over_esd_mean                   ? 
_refine.ls_structure_factor_coef                 ? 
_refine.ls_weighting_details                     ? 
_refine.ls_weighting_scheme                      ? 
_refine.ls_wR_factor_all                         ? 
_refine.ls_wR_factor_obs                         ? 
_refine.ls_wR_factor_R_free                      ? 
_refine.ls_wR_factor_R_work                      ? 
_refine.occupancy_max                            ? 
_refine.occupancy_min                            ? 
_refine.solvent_model_details                    'FLAT BULK SOLVENT MODEL' 
_refine.solvent_model_param_bsol                 ? 
_refine.solvent_model_param_ksol                 ? 
_refine.pdbx_R_complete                          ? 
_refine.ls_R_factor_gt                           ? 
_refine.ls_goodness_of_fit_gt                    ? 
_refine.ls_goodness_of_fit_ref                   ? 
_refine.ls_shift_over_su_max                     ? 
_refine.ls_shift_over_su_max_lt                  ? 
_refine.ls_shift_over_su_mean                    ? 
_refine.ls_shift_over_su_mean_lt                 ? 
_refine.pdbx_ls_sigma_I                          ? 
_refine.pdbx_ls_sigma_F                          1.35 
_refine.pdbx_ls_sigma_Fsqd                       ? 
_refine.pdbx_data_cutoff_high_absF               ? 
_refine.pdbx_data_cutoff_high_rms_absF           ? 
_refine.pdbx_data_cutoff_low_absF                ? 
_refine.pdbx_isotropic_thermal_model             ? 
_refine.pdbx_ls_cross_valid_method               'FREE R-VALUE' 
_refine.pdbx_method_to_determine_struct          'MOLECULAR REPLACEMENT' 
_refine.pdbx_starting_model                      4ksy 
_refine.pdbx_stereochemistry_target_values       'GeoStd + Monomer Library + CDL v1.2' 
_refine.pdbx_R_Free_selection_details            'random selection' 
_refine.pdbx_stereochem_target_val_spec_case     ? 
_refine.pdbx_overall_ESU_R                       ? 
_refine.pdbx_overall_ESU_R_Free                  ? 
_refine.pdbx_solvent_vdw_probe_radii             1.1000 
_refine.pdbx_solvent_ion_probe_radii             ? 
_refine.pdbx_solvent_shrinkage_radii             0.9000 
_refine.pdbx_real_space_R                        ? 
_refine.pdbx_density_correlation                 ? 
_refine.pdbx_pd_number_of_powder_patterns        ? 
_refine.pdbx_pd_number_of_points                 ? 
_refine.pdbx_pd_meas_number_of_points            ? 
_refine.pdbx_pd_proc_ls_prof_R_factor            ? 
_refine.pdbx_pd_proc_ls_prof_wR_factor           ? 
_refine.pdbx_pd_Marquardt_correlation_coeff      ? 
_refine.pdbx_pd_Fsqrd_R_factor                   ? 
_refine.pdbx_pd_ls_matrix_band_width             ? 
_refine.pdbx_overall_phase_error                 28.8023 
_refine.pdbx_overall_SU_R_free_Cruickshank_DPI   ? 
_refine.pdbx_overall_SU_R_free_Blow_DPI          ? 
_refine.pdbx_overall_SU_R_Blow_DPI               ? 
_refine.pdbx_TLS_residual_ADP_flag               ? 
_refine.pdbx_diffrn_id                           1 
_refine.overall_SU_B                             ? 
_refine.overall_SU_ML                            0.2088 
_refine.overall_SU_R_Cruickshank_DPI             ? 
_refine.overall_SU_R_free                        ? 
_refine.overall_FOM_free_R_set                   ? 
_refine.overall_FOM_work_R_set                   ? 
_refine.pdbx_average_fsc_overall                 ? 
_refine.pdbx_average_fsc_work                    ? 
_refine.pdbx_average_fsc_free                    ? 
# 
_refine_hist.pdbx_refine_id                   'X-RAY DIFFRACTION' 
_refine_hist.cycle_id                         LAST 
_refine_hist.details                          ? 
_refine_hist.d_res_high                       3.00 
_refine_hist.d_res_low                        35.36 
_refine_hist.number_atoms_solvent             0 
_refine_hist.number_atoms_total               1443 
_refine_hist.number_reflns_all                ? 
_refine_hist.number_reflns_obs                ? 
_refine_hist.number_reflns_R_free             ? 
_refine_hist.number_reflns_R_work             ? 
_refine_hist.R_factor_all                     ? 
_refine_hist.R_factor_obs                     ? 
_refine_hist.R_factor_R_free                  ? 
_refine_hist.R_factor_R_work                  ? 
_refine_hist.pdbx_number_residues_total       ? 
_refine_hist.pdbx_B_iso_mean_ligand           ? 
_refine_hist.pdbx_B_iso_mean_solvent          ? 
_refine_hist.pdbx_number_atoms_protein        1400 
_refine_hist.pdbx_number_atoms_nucleic_acid   0 
_refine_hist.pdbx_number_atoms_ligand         43 
_refine_hist.pdbx_number_atoms_lipid          ? 
_refine_hist.pdbx_number_atoms_carb           ? 
_refine_hist.pdbx_pseudo_atom_details         ? 
# 
loop_
_refine_ls_restr.pdbx_refine_id 
_refine_ls_restr.criterion 
_refine_ls_restr.dev_ideal 
_refine_ls_restr.dev_ideal_target 
_refine_ls_restr.number 
_refine_ls_restr.rejects 
_refine_ls_restr.type 
_refine_ls_restr.weight 
_refine_ls_restr.pdbx_restraint_function 
'X-RAY DIFFRACTION' ? 0.0024  ? 1474 ? f_bond_d           ? ? 
'X-RAY DIFFRACTION' ? 0.5148  ? 2006 ? f_angle_d          ? ? 
'X-RAY DIFFRACTION' ? 0.0410  ? 220  ? f_chiral_restr     ? ? 
'X-RAY DIFFRACTION' ? 0.0034  ? 256  ? f_plane_restr      ? ? 
'X-RAY DIFFRACTION' ? 12.9225 ? 553  ? f_dihedral_angle_d ? ? 
# 
loop_
_refine_ls_shell.pdbx_refine_id 
_refine_ls_shell.d_res_high 
_refine_ls_shell.d_res_low 
_refine_ls_shell.number_reflns_all 
_refine_ls_shell.number_reflns_obs 
_refine_ls_shell.number_reflns_R_free 
_refine_ls_shell.number_reflns_R_work 
_refine_ls_shell.percent_reflns_obs 
_refine_ls_shell.percent_reflns_R_free 
_refine_ls_shell.R_factor_all 
_refine_ls_shell.R_factor_obs 
_refine_ls_shell.R_factor_R_free 
_refine_ls_shell.R_factor_R_free_error 
_refine_ls_shell.R_factor_R_work 
_refine_ls_shell.redundancy_reflns_all 
_refine_ls_shell.redundancy_reflns_obs 
_refine_ls_shell.wR_factor_all 
_refine_ls_shell.wR_factor_obs 
_refine_ls_shell.wR_factor_R_free 
_refine_ls_shell.wR_factor_R_work 
_refine_ls_shell.pdbx_R_complete 
_refine_ls_shell.pdbx_total_number_of_bins_used 
_refine_ls_shell.pdbx_phase_error 
_refine_ls_shell.pdbx_fsc_work 
_refine_ls_shell.pdbx_fsc_free 
'X-RAY DIFFRACTION' 3.00 3.43  . . 147 2699 99.86  . . . 0.3683 . 0.3156 . . . . . . . . . . . 
'X-RAY DIFFRACTION' 3.43 4.32  . . 135 2702 100.00 . . . 0.2946 . 0.2395 . . . . . . . . . . . 
'X-RAY DIFFRACTION' 4.32 35.36 . . 145 2681 99.30  . . . 0.2251 . 0.1996 . . . . . . . . . . . 
# 
_struct.entry_id                     7ZXB 
_struct.title                        
;Crystal structure of human STING in complex with 3',3'-c-(2'dAMP-2'F,2'd<carba>AMP)
;
_struct.pdbx_model_details           ? 
_struct.pdbx_formula_weight          ? 
_struct.pdbx_formula_weight_method   ? 
_struct.pdbx_model_type_details      ? 
_struct.pdbx_CASP_flag               N 
# 
_struct_keywords.entry_id        7ZXB 
_struct_keywords.text            'sting, antiviral, activator, ANTIVIRAL PROTEIN' 
_struct_keywords.pdbx_keywords   'ANTIVIRAL PROTEIN' 
# 
loop_
_struct_asym.id 
_struct_asym.pdbx_blank_PDB_chainid_flag 
_struct_asym.pdbx_modified 
_struct_asym.entity_id 
_struct_asym.details 
A N N 1 ? 
B N N 2 ? 
# 
loop_
_struct_conf.conf_type_id 
_struct_conf.id 
_struct_conf.pdbx_PDB_helix_id 
_struct_conf.beg_label_comp_id 
_struct_conf.beg_label_asym_id 
_struct_conf.beg_label_seq_id 
_struct_conf.pdbx_beg_PDB_ins_code 
_struct_conf.end_label_comp_id 
_struct_conf.end_label_asym_id 
_struct_conf.end_label_seq_id 
_struct_conf.pdbx_end_PDB_ins_code 
_struct_conf.beg_auth_comp_id 
_struct_conf.beg_auth_asym_id 
_struct_conf.beg_auth_seq_id 
_struct_conf.end_auth_comp_id 
_struct_conf.end_auth_asym_id 
_struct_conf.end_auth_seq_id 
_struct_conf.pdbx_PDB_helix_class 
_struct_conf.details 
_struct_conf.pdbx_PDB_helix_length 
HELX_P HELX_P1 AA1 VAL A 16  ? TYR A 28  ? VAL A 155 TYR A 167 1 ? 13 
HELX_P HELX_P2 AA2 TYR A 28  ? TYR A 47  ? TYR A 167 TYR A 186 1 ? 20 
HELX_P HELX_P3 AA3 ASN A 72  ? ASP A 77  ? ASN A 211 ASP A 216 1 ? 6  
HELX_P HELX_P4 AA4 ALA A 123 ? SER A 133 ? ALA A 262 SER A 272 1 ? 11 
HELX_P HELX_P5 AA5 SER A 141 ? GLU A 143 ? SER A 280 GLU A 282 5 ? 3  
HELX_P HELX_P6 AA6 ASP A 144 ? ALA A 163 ? ASP A 283 ALA A 302 1 ? 20 
HELX_P HELX_P7 AA7 SER A 185 ? GLU A 198 ? SER A 324 GLU A 337 1 ? 14 
# 
_struct_conf_type.id          HELX_P 
_struct_conf_type.criteria    ? 
_struct_conf_type.reference   ? 
# 
loop_
_struct_sheet.id 
_struct_sheet.type 
_struct_sheet.number_strands 
_struct_sheet.details 
AA1 ? 5 ? 
AA2 ? 2 ? 
# 
loop_
_struct_sheet_order.sheet_id 
_struct_sheet_order.range_id_1 
_struct_sheet_order.range_id_2 
_struct_sheet_order.offset 
_struct_sheet_order.sense 
AA1 1 2 ? anti-parallel 
AA1 2 3 ? anti-parallel 
AA1 3 4 ? parallel      
AA1 4 5 ? parallel      
AA2 1 2 ? anti-parallel 
# 
loop_
_struct_sheet_range.sheet_id 
_struct_sheet_range.id 
_struct_sheet_range.beg_label_comp_id 
_struct_sheet_range.beg_label_asym_id 
_struct_sheet_range.beg_label_seq_id 
_struct_sheet_range.pdbx_beg_PDB_ins_code 
_struct_sheet_range.end_label_comp_id 
_struct_sheet_range.end_label_asym_id 
_struct_sheet_range.end_label_seq_id 
_struct_sheet_range.pdbx_end_PDB_ins_code 
_struct_sheet_range.beg_auth_comp_id 
_struct_sheet_range.beg_auth_asym_id 
_struct_sheet_range.beg_auth_seq_id 
_struct_sheet_range.end_auth_comp_id 
_struct_sheet_range.end_auth_asym_id 
_struct_sheet_range.end_auth_seq_id 
AA1 1 ILE A 80  ? LYS A 85  ? ILE A 219 LYS A 224 
AA1 2 SER A 104 ? GLU A 110 ? SER A 243 GLU A 249 
AA1 3 GLN A 113 ? TYR A 122 ? GLN A 252 TYR A 261 
AA1 4 LEU A 59  ? PRO A 64  ? LEU A 198 PRO A 203 
AA1 5 CYS A 170 ? TYR A 175 ? CYS A 309 TYR A 314 
AA2 1 GLN A 89  ? ARG A 93  ? GLN A 228 ARG A 232 
AA2 2 ILE A 96  ? TYR A 101 ? ILE A 235 TYR A 240 
# 
loop_
_pdbx_struct_sheet_hbond.sheet_id 
_pdbx_struct_sheet_hbond.range_id_1 
_pdbx_struct_sheet_hbond.range_id_2 
_pdbx_struct_sheet_hbond.range_1_label_atom_id 
_pdbx_struct_sheet_hbond.range_1_label_comp_id 
_pdbx_struct_sheet_hbond.range_1_label_asym_id 
_pdbx_struct_sheet_hbond.range_1_label_seq_id 
_pdbx_struct_sheet_hbond.range_1_PDB_ins_code 
_pdbx_struct_sheet_hbond.range_1_auth_atom_id 
_pdbx_struct_sheet_hbond.range_1_auth_comp_id 
_pdbx_struct_sheet_hbond.range_1_auth_asym_id 
_pdbx_struct_sheet_hbond.range_1_auth_seq_id 
_pdbx_struct_sheet_hbond.range_2_label_atom_id 
_pdbx_struct_sheet_hbond.range_2_label_comp_id 
_pdbx_struct_sheet_hbond.range_2_label_asym_id 
_pdbx_struct_sheet_hbond.range_2_label_seq_id 
_pdbx_struct_sheet_hbond.range_2_PDB_ins_code 
_pdbx_struct_sheet_hbond.range_2_auth_atom_id 
_pdbx_struct_sheet_hbond.range_2_auth_comp_id 
_pdbx_struct_sheet_hbond.range_2_auth_asym_id 
_pdbx_struct_sheet_hbond.range_2_auth_seq_id 
AA1 1 2 N ARG A 81  ? N ARG A 220 O GLU A 107 ? O GLU A 246 
AA1 2 3 N TYR A 106 ? N TYR A 245 O CYS A 118 ? O CYS A 257 
AA1 3 4 O GLU A 121 ? O GLU A 260 N LEU A 62  ? N LEU A 201 
AA1 4 5 N LEU A 63  ? N LEU A 202 O ILE A 173 ? O ILE A 312 
AA2 1 2 N GLN A 89  ? N GLN A 228 O TYR A 101 ? O TYR A 240 
# 
_atom_sites.entry_id                    7ZXB 
_atom_sites.Cartn_transf_matrix[1][1]   ? 
_atom_sites.Cartn_transf_matrix[1][2]   ? 
_atom_sites.Cartn_transf_matrix[1][3]   ? 
_atom_sites.Cartn_transf_matrix[2][1]   ? 
_atom_sites.Cartn_transf_matrix[2][2]   ? 
_atom_sites.Cartn_transf_matrix[2][3]   ? 
_atom_sites.Cartn_transf_matrix[3][1]   ? 
_atom_sites.Cartn_transf_matrix[3][2]   ? 
_atom_sites.Cartn_transf_matrix[3][3]   ? 
_atom_sites.Cartn_transf_vector[1]      ? 
_atom_sites.Cartn_transf_vector[2]      ? 
_atom_sites.Cartn_transf_vector[3]      ? 
_atom_sites.fract_transf_matrix[1][1]   -0.00537997 
_atom_sites.fract_transf_matrix[1][2]   0.00329670 
_atom_sites.fract_transf_matrix[1][3]   0.00633899 
_atom_sites.fract_transf_matrix[2][1]   -0.00373112 
_atom_sites.fract_transf_matrix[2][2]   -0.00806346 
_atom_sites.fract_transf_matrix[2][3]   0.00102690 
_atom_sites.fract_transf_matrix[3][1]   0.01940168 
_atom_sites.fract_transf_matrix[3][2]   -0.00645309 
_atom_sites.fract_transf_matrix[3][3]   0.01982244 
_atom_sites.fract_transf_vector[1]      0.399658 
_atom_sites.fract_transf_vector[2]      0.236188 
_atom_sites.fract_transf_vector[3]      -0.042944 
_atom_sites.solution_primary            ? 
_atom_sites.solution_secondary          ? 
_atom_sites.solution_hydrogens          ? 
_atom_sites.special_details             ? 
# 
loop_
_atom_type.symbol 
_atom_type.scat_dispersion_real 
_atom_type.scat_dispersion_imag 
_atom_type.scat_Cromer_Mann_a1 
_atom_type.scat_Cromer_Mann_a2 
_atom_type.scat_Cromer_Mann_a3 
_atom_type.scat_Cromer_Mann_a4 
_atom_type.scat_Cromer_Mann_b1 
_atom_type.scat_Cromer_Mann_b2 
_atom_type.scat_Cromer_Mann_b3 
_atom_type.scat_Cromer_Mann_b4 
_atom_type.scat_Cromer_Mann_c 
_atom_type.scat_source 
_atom_type.scat_dispersion_source 
C ? ? 3.54356 2.42580 ? ? 25.62398 1.50364  ? ? 0.0 
;2-Gaussian fit: Grosse-Kunstleve RW, Sauter NK, Adams PD: Newsletter of the IUCr Commission on Crystallographic Computing 2004, 3, 22-31.
;
? 
F ? ? 8.95735 ?       ? ? 7.27484  ?        ? ? 0.0 
;1-Gaussian fit: Grosse-Kunstleve RW, Sauter NK, Adams PD: Newsletter of the IUCr Commission on Crystallographic Computing 2004, 3, 22-31.
;
? 
H ? ? 0.51345 0.48472 ? ? 24.73122 6.32584  ? ? 0.0 
;2-Gaussian fit: Grosse-Kunstleve RW, Sauter NK, Adams PD: Newsletter of the IUCr Commission on Crystallographic Computing 2004, 3, 22-31.
;
? 
N ? ? 4.01032 2.96436 ? ? 19.97189 1.75589  ? ? 0.0 
;2-Gaussian fit: Grosse-Kunstleve RW, Sauter NK, Adams PD: Newsletter of the IUCr Commission on Crystallographic Computing 2004, 3, 22-31.
;
? 
O ? ? 7.96527 ?       ? ? 9.05267  ?        ? ? 0.0 
;1-Gaussian fit: Grosse-Kunstleve RW, Sauter NK, Adams PD: Newsletter of the IUCr Commission on Crystallographic Computing 2004, 3, 22-31.
;
? 
P ? ? 9.51135 5.44231 ? ? 1.42069  35.72801 ? ? 0.0 
;2-Gaussian fit: Grosse-Kunstleve RW, Sauter NK, Adams PD: Newsletter of the IUCr Commission on Crystallographic Computing 2004, 3, 22-31.
;
? 
S ? ? 9.55732 6.39887 ? ? 1.23737  29.19336 ? ? 0.0 
;2-Gaussian fit: Grosse-Kunstleve RW, Sauter NK, Adams PD: Newsletter of the IUCr Commission on Crystallographic Computing 2004, 3, 22-31.
;
? 
# 
loop_
_atom_site.group_PDB 
_atom_site.id 
_atom_site.type_symbol 
_atom_site.label_atom_id 
_atom_site.label_alt_id 
_atom_site.label_comp_id 
_atom_site.label_asym_id 
_atom_site.label_entity_id 
_atom_site.label_seq_id 
_atom_site.pdbx_PDB_ins_code 
_atom_site.Cartn_x 
_atom_site.Cartn_y 
_atom_site.Cartn_z 
_atom_site.occupancy 
_atom_site.B_iso_or_equiv 
_atom_site.pdbx_formal_charge 
_atom_site.auth_seq_id 
_atom_site.auth_comp_id 
_atom_site.auth_asym_id 
_atom_site.auth_atom_id 
_atom_site.pdbx_PDB_model_num 
ATOM   1    N N    . ASN A 1 15  ? 18.46954  -1.80050  -13.01043 1.000 70.15000  ? 154 ASN A N    1 
ATOM   2    C CA   . ASN A 1 15  ? 17.12121  -1.29132  -13.22309 1.000 73.89000  ? 154 ASN A CA   1 
ATOM   3    C C    . ASN A 1 15  ? 16.09751  -2.40323  -13.01840 1.000 69.02000  ? 154 ASN A C    1 
ATOM   4    O O    . ASN A 1 15  ? 15.39628  -2.79423  -13.95059 1.000 72.50000  ? 154 ASN A O    1 
ATOM   5    C CB   . ASN A 1 15  ? 16.98789  -0.69190  -14.62718 1.000 76.45000  ? 154 ASN A CB   1 
ATOM   6    C CG   . ASN A 1 15  ? 15.77553  0.21294   -14.76654 1.000 82.54000  ? 154 ASN A CG   1 
ATOM   7    O OD1  . ASN A 1 15  ? 14.73369  -0.02263  -14.15681 1.000 78.66000  ? 154 ASN A OD1  1 
ATOM   8    N ND2  . ASN A 1 15  ? 15.91003  1.25767   -15.57667 1.000 96.81000  ? 154 ASN A ND2  1 
ATOM   9    N N    . VAL A 1 16  ? 16.02123  -2.91647  -11.78623 1.000 67.96000  ? 155 VAL A N    1 
ATOM   10   C CA   . VAL A 1 16  ? 15.07765  -3.98419  -11.46598 1.000 61.62000  ? 155 VAL A CA   1 
ATOM   11   C C    . VAL A 1 16  ? 13.77430  -3.46573  -10.87633 1.000 54.58000  ? 155 VAL A C    1 
ATOM   12   O O    . VAL A 1 16  ? 12.80159  -4.23180  -10.78423 1.000 51.89000  ? 155 VAL A O    1 
ATOM   13   C CB   . VAL A 1 16  ? 15.70254  -5.00196  -10.48957 1.000 59.10000  ? 155 VAL A CB   1 
ATOM   14   C CG1  . VAL A 1 16  ? 16.79955  -5.79831  -11.18036 1.000 62.13000  ? 155 VAL A CG1  1 
ATOM   15   C CG2  . VAL A 1 16  ? 16.24743  -4.29227  -9.26038  1.000 55.85000  ? 155 VAL A CG2  1 
ATOM   16   N N    . ALA A 1 17  ? 13.71859  -2.19313  -10.47503 1.000 53.77000  ? 156 ALA A N    1 
ATOM   17   C CA   . ALA A 1 17  ? 12.49229  -1.64249  -9.91009  1.000 53.52000  ? 156 ALA A CA   1 
ATOM   18   C C    . ALA A 1 17  ? 11.37658  -1.53692  -10.94012 1.000 60.13000  ? 156 ALA A C    1 
ATOM   19   O O    . ALA A 1 17  ? 10.20163  -1.50843  -10.56093 1.000 58.37000  ? 156 ALA A O    1 
ATOM   20   C CB   . ALA A 1 17  ? 12.76119  -0.26611  -9.29996  1.000 46.50000  ? 156 ALA A CB   1 
ATOM   21   N N    . HIS A 1 18  ? 11.71629  -1.46447  -12.22883 1.000 56.10000  ? 157 HIS A N    1 
ATOM   22   C CA   . HIS A 1 18  ? 10.69020  -1.34720  -13.25944 1.000 45.59000  ? 157 HIS A CA   1 
ATOM   23   C C    . HIS A 1 18  ? 9.81435   -2.59380  -13.30508 1.000 47.30000  ? 157 HIS A C    1 
ATOM   24   O O    . HIS A 1 18  ? 8.58193   -2.50151  -13.29568 1.000 54.72000  ? 157 HIS A O    1 
ATOM   25   C CB   . HIS A 1 18  ? 11.34252  -1.09008  -14.61873 1.000 53.54000  ? 157 HIS A CB   1 
ATOM   26   C CG   . HIS A 1 18  ? 10.36142  -0.90098  -15.73176 1.000 59.88000  ? 157 HIS A CG   1 
ATOM   27   N ND1  . HIS A 1 18  ? 10.04404  -1.90547  -16.62018 1.000 49.22000  ? 157 HIS A ND1  1 
ATOM   28   C CD2  . HIS A 1 18  ? 9.62486   0.17395   -16.09899 1.000 53.80000  ? 157 HIS A CD2  1 
ATOM   29   C CE1  . HIS A 1 18  ? 9.15523   -1.45717  -17.48774 1.000 49.48000  ? 157 HIS A CE1  1 
ATOM   30   N NE2  . HIS A 1 18  ? 8.88330   -0.19802  -17.19382 1.000 58.99000  ? 157 HIS A NE2  1 
ATOM   31   N N    . GLY A 1 19  ? 10.43748  -3.77348  -13.34509 1.000 39.94000  ? 158 GLY A N    1 
ATOM   32   C CA   . GLY A 1 19  ? 9.66877   -5.00470  -13.36847 1.000 35.24000  ? 158 GLY A CA   1 
ATOM   33   C C    . GLY A 1 19  ? 8.86875   -5.23539  -12.10312 1.000 39.21000  ? 158 GLY A C    1 
ATOM   34   O O    . GLY A 1 19  ? 7.77684   -5.81013  -12.15244 1.000 50.90000  ? 158 GLY A O    1 
ATOM   35   N N    . LEU A 1 20  ? 9.39370   -4.79543  -10.95659 1.000 48.91000  ? 159 LEU A N    1 
ATOM   36   C CA   . LEU A 1 20  ? 8.66366   -4.95236  -9.70266  1.000 53.52000  ? 159 LEU A CA   1 
ATOM   37   C C    . LEU A 1 20  ? 7.39328   -4.11184  -9.69555  1.000 51.45000  ? 159 LEU A C    1 
ATOM   38   O O    . LEU A 1 20  ? 6.35842   -4.54722  -9.17493  1.000 54.64000  ? 159 LEU A O    1 
ATOM   39   C CB   . LEU A 1 20  ? 9.55834   -4.58661  -8.51837  1.000 48.05000  ? 159 LEU A CB   1 
ATOM   40   C CG   . LEU A 1 20  ? 10.26407  -5.74861  -7.81457  1.000 44.38000  ? 159 LEU A CG   1 
ATOM   41   C CD1  . LEU A 1 20  ? 11.14402  -6.52639  -8.78250  1.000 41.45000  ? 159 LEU A CD1  1 
ATOM   42   C CD2  . LEU A 1 20  ? 11.07854  -5.25003  -6.62776  1.000 48.47000  ? 159 LEU A CD2  1 
ATOM   43   N N    . ALA A 1 21  ? 7.45252   -2.90196  -10.25757 1.000 51.77000  ? 160 ALA A N    1 
ATOM   44   C CA   . ALA A 1 21  ? 6.25780   -2.06786  -10.33953 1.000 46.26000  ? 160 ALA A CA   1 
ATOM   45   C C    . ALA A 1 21  ? 5.19202   -2.71830  -11.21055 1.000 49.78000  ? 160 ALA A C    1 
ATOM   46   O O    . ALA A 1 21  ? 4.00797   -2.72741  -10.85482 1.000 55.79000  ? 160 ALA A O    1 
ATOM   47   C CB   . ALA A 1 21  ? 6.61932   -0.68255  -10.87309 1.000 42.02000  ? 160 ALA A CB   1 
ATOM   48   N N    . TRP A 1 22  ? 5.59505   -3.26843  -12.35878 1.000 46.44000  ? 161 TRP A N    1 
ATOM   49   C CA   . TRP A 1 22  ? 4.63913   -3.93908  -13.23329 1.000 40.08000  ? 161 TRP A CA   1 
ATOM   50   C C    . TRP A 1 22  ? 4.11973   -5.22482  -12.60474 1.000 52.14000  ? 161 TRP A C    1 
ATOM   51   O O    . TRP A 1 22  ? 2.93347   -5.54757  -12.73397 1.000 56.74000  ? 161 TRP A O    1 
ATOM   52   C CB   . TRP A 1 22  ? 5.27988   -4.21434  -14.59080 1.000 40.05000  ? 161 TRP A CB   1 
ATOM   53   C CG   . TRP A 1 22  ? 5.23034   -3.02997  -15.49571 1.000 56.87000  ? 161 TRP A CG   1 
ATOM   54   C CD1  . TRP A 1 22  ? 6.20668   -2.09447  -15.68130 1.000 56.18000  ? 161 TRP A CD1  1 
ATOM   55   C CD2  . TRP A 1 22  ? 4.13494   -2.63789  -16.32735 1.000 58.53000  ? 161 TRP A CD2  1 
ATOM   56   N NE1  . TRP A 1 22  ? 5.78839   -1.14874  -16.58600 1.000 56.00000  ? 161 TRP A NE1  1 
ATOM   57   C CE2  . TRP A 1 22  ? 4.51854   -1.46084  -16.99629 1.000 53.91000  ? 161 TRP A CE2  1 
ATOM   58   C CE3  . TRP A 1 22  ? 2.86679   -3.17161  -16.57298 1.000 52.94000  ? 161 TRP A CE3  1 
ATOM   59   C CZ2  . TRP A 1 22  ? 3.67992   -0.80793  -17.89522 1.000 61.07000  ? 161 TRP A CZ2  1 
ATOM   60   C CZ3  . TRP A 1 22  ? 2.03645   -2.52283  -17.46555 1.000 49.20000  ? 161 TRP A CZ3  1 
ATOM   61   C CH2  . TRP A 1 22  ? 2.44528   -1.35397  -18.11587 1.000 55.56000  ? 161 TRP A CH2  1 
ATOM   62   N N    . SER A 1 23  ? 4.99148   -5.97304  -11.92442 1.000 51.41000  ? 162 SER A N    1 
ATOM   63   C CA   . SER A 1 23  ? 4.53683   -7.15321  -11.19845 1.000 51.97000  ? 162 SER A CA   1 
ATOM   64   C C    . SER A 1 23  ? 3.55337   -6.76929  -10.10226 1.000 49.35000  ? 162 SER A C    1 
ATOM   65   O O    . SER A 1 23  ? 2.59053   -7.49767  -9.83516  1.000 50.37000  ? 162 SER A O    1 
ATOM   66   C CB   . SER A 1 23  ? 5.73204   -7.90457  -10.61307 1.000 52.62000  ? 162 SER A CB   1 
ATOM   67   O OG   . SER A 1 23  ? 5.31754   -9.09406  -9.96247  1.000 51.25000  ? 162 SER A OG   1 
ATOM   68   N N    . TYR A 1 24  ? 3.78469   -5.62591  -9.45506  1.000 43.84000  ? 163 TYR A N    1 
ATOM   69   C CA   . TYR A 1 24  ? 2.85882   -5.14645  -8.43586  1.000 36.81000  ? 163 TYR A CA   1 
ATOM   70   C C    . TYR A 1 24  ? 1.49298   -4.83145  -9.03507  1.000 56.60000  ? 163 TYR A C    1 
ATOM   71   O O    . TYR A 1 24  ? 0.45813   -5.10587  -8.41754  1.000 61.46000  ? 163 TYR A O    1 
ATOM   72   C CB   . TYR A 1 24  ? 3.44791   -3.91674  -7.74438  1.000 37.92000  ? 163 TYR A CB   1 
ATOM   73   C CG   . TYR A 1 24  ? 2.66890   -3.44730  -6.54031  1.000 41.60000  ? 163 TYR A CG   1 
ATOM   74   C CD1  . TYR A 1 24  ? 2.46712   -4.28341  -5.45132  1.000 35.97000  ? 163 TYR A CD1  1 
ATOM   75   C CD2  . TYR A 1 24  ? 2.15007   -2.16077  -6.48428  1.000 44.04000  ? 163 TYR A CD2  1 
ATOM   76   C CE1  . TYR A 1 24  ? 1.76082   -3.85677  -4.34528  1.000 36.33000  ? 163 TYR A CE1  1 
ATOM   77   C CE2  . TYR A 1 24  ? 1.44325   -1.72339  -5.38286  1.000 40.25000  ? 163 TYR A CE2  1 
ATOM   78   C CZ   . TYR A 1 24  ? 1.25157   -2.57590  -4.31628  1.000 38.70000  ? 163 TYR A CZ   1 
ATOM   79   O OH   . TYR A 1 24  ? 0.54757   -2.14758  -3.21482  1.000 46.90000  ? 163 TYR A OH   1 
ATOM   80   N N    . TYR A 1 25  ? 1.46810   -4.25456  -10.23946 1.000 50.21000  ? 164 TYR A N    1 
ATOM   81   C CA   . TYR A 1 25  ? 0.19890   -3.94524  -10.88914 1.000 44.15000  ? 164 TYR A CA   1 
ATOM   82   C C    . TYR A 1 25  ? -0.45638  -5.19580  -11.46229 1.000 51.05000  ? 164 TYR A C    1 
ATOM   83   O O    . TYR A 1 25  ? -1.63561  -5.46128  -11.20335 1.000 56.78000  ? 164 TYR A O    1 
ATOM   84   C CB   . TYR A 1 25  ? 0.40748   -2.90433  -11.99139 1.000 50.75000  ? 164 TYR A CB   1 
ATOM   85   C CG   . TYR A 1 25  ? -0.78159  -2.75248  -12.91587 1.000 48.53000  ? 164 TYR A CG   1 
ATOM   86   C CD1  . TYR A 1 25  ? -1.95839  -2.16146  -12.47243 1.000 54.64000  ? 164 TYR A CD1  1 
ATOM   87   C CD2  . TYR A 1 25  ? -0.72623  -3.19315  -14.23267 1.000 42.79000  ? 164 TYR A CD2  1 
ATOM   88   C CE1  . TYR A 1 25  ? -3.04886  -2.01899  -13.31257 1.000 57.41000  ? 164 TYR A CE1  1 
ATOM   89   C CE2  . TYR A 1 25  ? -1.81291  -3.05242  -15.08140 1.000 56.64000  ? 164 TYR A CE2  1 
ATOM   90   C CZ   . TYR A 1 25  ? -2.97085  -2.46492  -14.61447 1.000 55.20000  ? 164 TYR A CZ   1 
ATOM   91   O OH   . TYR A 1 25  ? -4.05529  -2.32133  -15.45009 1.000 57.33000  ? 164 TYR A OH   1 
ATOM   92   N N    . ILE A 1 26  ? 0.29506   -5.96878  -12.24972 1.000 53.34000  ? 165 ILE A N    1 
ATOM   93   C CA   . ILE A 1 26  ? -0.27082  -7.14411  -12.90886 1.000 55.52000  ? 165 ILE A CA   1 
ATOM   94   C C    . ILE A 1 26  ? -0.71809  -8.17372  -11.87962 1.000 50.28000  ? 165 ILE A C    1 
ATOM   95   O O    . ILE A 1 26  ? -1.79244  -8.77285  -12.00436 1.000 47.55000  ? 165 ILE A O    1 
ATOM   96   C CB   . ILE A 1 26  ? 0.74540   -7.73855  -13.90164 1.000 48.79000  ? 165 ILE A CB   1 
ATOM   97   C CG1  . ILE A 1 26  ? 1.00815   -6.75807  -15.04641 1.000 50.91000  ? 165 ILE A CG1  1 
ATOM   98   C CG2  . ILE A 1 26  ? 0.25111   -9.06955  -14.44305 1.000 48.55000  ? 165 ILE A CG2  1 
ATOM   99   C CD1  . ILE A 1 26  ? 1.98100   -7.27719  -16.07566 1.000 56.04000  ? 165 ILE A CD1  1 
ATOM   100  N N    . GLY A 1 27  ? 0.09529   -8.39165  -10.84456 1.000 50.90000  ? 166 GLY A N    1 
ATOM   101  C CA   . GLY A 1 27  ? -0.21159  -9.42986  -9.87795  1.000 46.81000  ? 166 GLY A CA   1 
ATOM   102  C C    . GLY A 1 27  ? -1.19716  -9.03497  -8.79912  1.000 50.16000  ? 166 GLY A C    1 
ATOM   103  O O    . GLY A 1 27  ? -1.94233  -9.88872  -8.30747  1.000 58.35000  ? 166 GLY A O    1 
ATOM   104  N N    . TYR A 1 28  ? -1.21491  -7.76119  -8.39867  1.000 53.12000  ? 167 TYR A N    1 
ATOM   105  C CA   . TYR A 1 28  ? -2.01065  -7.34179  -7.24768  1.000 52.57000  ? 167 TYR A CA   1 
ATOM   106  C C    . TYR A 1 28  ? -3.10290  -6.33989  -7.59942  1.000 55.05000  ? 167 TYR A C    1 
ATOM   107  O O    . TYR A 1 28  ? -4.28419  -6.62084  -7.37368  1.000 53.59000  ? 167 TYR A O    1 
ATOM   108  C CB   . TYR A 1 28  ? -1.07464  -6.75158  -6.18879  1.000 41.06000  ? 167 TYR A CB   1 
ATOM   109  C CG   . TYR A 1 28  ? -1.70722  -6.48016  -4.84916  1.000 42.70000  ? 167 TYR A CG   1 
ATOM   110  C CD1  . TYR A 1 28  ? -2.45652  -7.45198  -4.20226  1.000 45.57000  ? 167 TYR A CD1  1 
ATOM   111  C CD2  . TYR A 1 28  ? -1.52444  -5.26140  -4.21322  1.000 41.17000  ? 167 TYR A CD2  1 
ATOM   112  C CE1  . TYR A 1 28  ? -3.02442  -7.20857  -2.96953  1.000 42.50000  ? 167 TYR A CE1  1 
ATOM   113  C CE2  . TYR A 1 28  ? -2.08553  -5.00829  -2.98400  1.000 38.11000  ? 167 TYR A CE2  1 
ATOM   114  C CZ   . TYR A 1 28  ? -2.83310  -5.98422  -2.36312  1.000 40.03000  ? 167 TYR A CZ   1 
ATOM   115  O OH   . TYR A 1 28  ? -3.39403  -5.72907  -1.13483  1.000 43.24000  ? 167 TYR A OH   1 
ATOM   116  N N    . LEU A 1 29  ? -2.74494  -5.18351  -8.15805  1.000 54.59000  ? 168 LEU A N    1 
ATOM   117  C CA   . LEU A 1 29  ? -3.70217  -4.08739  -8.26360  1.000 49.81000  ? 168 LEU A CA   1 
ATOM   118  C C    . LEU A 1 29  ? -4.70207  -4.29635  -9.39157  1.000 57.99000  ? 168 LEU A C    1 
ATOM   119  O O    . LEU A 1 29  ? -5.85818  -3.87389  -9.27323  1.000 60.98000  ? 168 LEU A O    1 
ATOM   120  C CB   . LEU A 1 29  ? -2.96356  -2.75887  -8.43912  1.000 51.20000  ? 168 LEU A CB   1 
ATOM   121  C CG   . LEU A 1 29  ? -2.17183  -2.29674  -7.21174  1.000 39.35000  ? 168 LEU A CG   1 
ATOM   122  C CD1  . LEU A 1 29  ? -1.54769  -0.92810  -7.44460  1.000 45.02000  ? 168 LEU A CD1  1 
ATOM   123  C CD2  . LEU A 1 29  ? -3.05981  -2.28116  -5.97838  1.000 34.12000  ? 168 LEU A CD2  1 
ATOM   124  N N    . ARG A 1 30  ? -4.28402  -4.93624  -10.48459 1.000 49.79000  ? 169 ARG A N    1 
ATOM   125  C CA   . ARG A 1 30  ? -5.22140  -5.24176  -11.56007 1.000 46.82000  ? 169 ARG A CA   1 
ATOM   126  C C    . ARG A 1 30  ? -6.33498  -6.16512  -11.08105 1.000 55.99000  ? 169 ARG A C    1 
ATOM   127  O O    . ARG A 1 30  ? -7.43661  -6.15510  -11.64308 1.000 66.85000  ? 169 ARG A O    1 
ATOM   128  C CB   . ARG A 1 30  ? -4.47432  -5.86623  -12.73883 1.000 46.41000  ? 169 ARG A CB   1 
ATOM   129  C CG   . ARG A 1 30  ? -5.31538  -6.07305  -13.98708 1.000 62.34000  ? 169 ARG A CG   1 
ATOM   130  C CD   . ARG A 1 30  ? -4.52473  -6.81436  -15.05399 1.000 63.01000  ? 169 ARG A CD   1 
ATOM   131  N NE   . ARG A 1 30  ? -4.09207  -8.12797  -14.59058 1.000 72.70000  ? 169 ARG A NE   1 
ATOM   132  C CZ   . ARG A 1 30  ? -3.27776  -8.93087  -15.26252 1.000 75.28000  ? 169 ARG A CZ   1 
ATOM   133  N NH1  . ARG A 1 30  ? -2.77727  -8.58322  -16.43655 1.000 62.84000  ? 169 ARG A NH1  1 
ATOM   134  N NH2  . ARG A 1 30  ? -2.95526  -10.11184 -14.74147 1.000 77.86000  ? 169 ARG A NH2  1 
ATOM   135  N N    . LEU A 1 31  ? -6.07092  -6.96051  -10.04398 1.000 57.57000  ? 170 LEU A N    1 
ATOM   136  C CA   . LEU A 1 31  ? -7.01813  -7.95715  -9.56201  1.000 53.76000  ? 170 LEU A CA   1 
ATOM   137  C C    . LEU A 1 31  ? -7.94434  -7.40926  -8.47709  1.000 50.83000  ? 170 LEU A C    1 
ATOM   138  O O    . LEU A 1 31  ? -9.16283  -7.58416  -8.55537  1.000 58.77000  ? 170 LEU A O    1 
ATOM   139  C CB   . LEU A 1 31  ? -6.26036  -9.18290  -9.03908  1.000 56.15000  ? 170 LEU A CB   1 
ATOM   140  C CG   . LEU A 1 31  ? -5.21776  -9.82278  -9.96185  1.000 56.39000  ? 170 LEU A CG   1 
ATOM   141  C CD1  . LEU A 1 31  ? -4.69916  -11.11876 -9.36130  1.000 44.03000  ? 170 LEU A CD1  1 
ATOM   142  C CD2  . LEU A 1 31  ? -5.77978  -10.06520 -11.35546 1.000 63.21000  ? 170 LEU A CD2  1 
ATOM   143  N N    . ILE A 1 32  ? -7.39014  -6.74377  -7.46536  1.000 50.55000  ? 171 ILE A N    1 
ATOM   144  C CA   . ILE A 1 32  ? -8.17805  -6.37515  -6.29259  1.000 51.02000  ? 171 ILE A CA   1 
ATOM   145  C C    . ILE A 1 32  ? -8.92579  -5.05434  -6.47688  1.000 55.13000  ? 171 ILE A C    1 
ATOM   146  O O    . ILE A 1 32  ? -10.01819 -4.89023  -5.92603  1.000 56.67000  ? 171 ILE A O    1 
ATOM   147  C CB   . ILE A 1 32  ? -7.28444  -6.32738  -5.03979  1.000 50.65000  ? 171 ILE A CB   1 
ATOM   148  C CG1  . ILE A 1 32  ? -6.24131  -5.21750  -5.15497  1.000 45.57000  ? 171 ILE A CG1  1 
ATOM   149  C CG2  . ILE A 1 32  ? -6.60606  -7.67259  -4.81136  1.000 47.34000  ? 171 ILE A CG2  1 
ATOM   150  C CD1  . ILE A 1 32  ? -5.64032  -4.80559  -3.83054  1.000 43.45000  ? 171 ILE A CD1  1 
ATOM   151  N N    . LEU A 1 33  ? -8.36265  -4.10518  -7.22909  1.000 63.73000  ? 172 LEU A N    1 
ATOM   152  C CA   . LEU A 1 33  ? -8.99754  -2.79415  -7.36755  1.000 63.00000  ? 172 LEU A CA   1 
ATOM   153  C C    . LEU A 1 33  ? -10.39030 -2.85602  -7.98409  1.000 59.53000  ? 172 LEU A C    1 
ATOM   154  O O    . LEU A 1 33  ? -11.29548 -2.18020  -7.46427  1.000 62.05000  ? 172 LEU A O    1 
ATOM   155  C CB   . LEU A 1 33  ? -8.08132  -1.85600  -8.16005  1.000 56.99000  ? 172 LEU A CB   1 
ATOM   156  C CG   . LEU A 1 33  ? -6.79367  -1.39893  -7.47000  1.000 51.24000  ? 172 LEU A CG   1 
ATOM   157  C CD1  . LEU A 1 33  ? -6.01505  -0.42455  -8.34732  1.000 52.73000  ? 172 LEU A CD1  1 
ATOM   158  C CD2  . LEU A 1 33  ? -7.09853  -0.77936  -6.11654  1.000 45.56000  ? 172 LEU A CD2  1 
ATOM   159  N N    . PRO A 1 34  ? -10.63944 -3.59827  -9.07373  1.000 57.37000  ? 173 PRO A N    1 
ATOM   160  C CA   . PRO A 1 34  ? -12.01158 -3.63240  -9.61523  1.000 54.98000  ? 173 PRO A CA   1 
ATOM   161  C C    . PRO A 1 34  ? -13.04091 -4.12818  -8.61686  1.000 54.83000  ? 173 PRO A C    1 
ATOM   162  O O    . PRO A 1 34  ? -14.17470 -3.63362  -8.60034  1.000 69.49000  ? 173 PRO A O    1 
ATOM   163  C CB   . PRO A 1 34  ? -11.88859 -4.57997  -10.81700 1.000 59.52000  ? 173 PRO A CB   1 
ATOM   164  C CG   . PRO A 1 34  ? -10.46654 -4.50402  -11.21152 1.000 61.08000  ? 173 PRO A CG   1 
ATOM   165  C CD   . PRO A 1 34  ? -9.70433  -4.34682  -9.93385  1.000 60.99000  ? 173 PRO A CD   1 
ATOM   166  N N    . GLU A 1 35  ? -12.67517 -5.09497  -7.78108  1.000 54.61000  ? 174 GLU A N    1 
ATOM   167  C CA   . GLU A 1 35  ? -13.56116 -5.62349  -6.75409  1.000 58.36000  ? 174 GLU A CA   1 
ATOM   168  C C    . GLU A 1 35  ? -13.37336 -4.93324  -5.40728  1.000 62.07000  ? 174 GLU A C    1 
ATOM   169  O O    . GLU A 1 35  ? -14.05137 -5.29617  -4.44087  1.000 68.40000  ? 174 GLU A O    1 
ATOM   170  C CB   . GLU A 1 35  ? -13.33650 -7.13668  -6.61034  1.000 55.10000  ? 174 GLU A CB   1 
ATOM   171  C CG   . GLU A 1 35  ? -14.50529 -7.91436  -6.01548  1.000 71.71000  ? 174 GLU A CG   1 
ATOM   172  C CD   . GLU A 1 35  ? -14.29363 -9.41775  -6.06845  1.000 90.45000  ? 174 GLU A CD   1 
ATOM   173  O OE1  . GLU A 1 35  ? -13.80825 -9.91540  -7.10636  1.000 93.00000  ? 174 GLU A OE1  1 
ATOM   174  O OE2  . GLU A 1 35  ? -14.60731 -10.10163 -5.07035  1.000 94.03000  ? 174 GLU A OE2  1 
ATOM   175  N N    . LEU A 1 36  ? -12.48011 -3.94398  -5.32451  1.000 64.84000  ? 175 LEU A N    1 
ATOM   176  C CA   . LEU A 1 36  ? -12.15590 -3.33650  -4.03616  1.000 67.84000  ? 175 LEU A CA   1 
ATOM   177  C C    . LEU A 1 36  ? -13.33335 -2.54960  -3.46797  1.000 69.55000  ? 175 LEU A C    1 
ATOM   178  O O    . LEU A 1 36  ? -13.72194 -2.74813  -2.31038  1.000 58.37000  ? 175 LEU A O    1 
ATOM   179  C CB   . LEU A 1 36  ? -10.93397 -2.43040  -4.17862  1.000 55.61000  ? 175 LEU A CB   1 
ATOM   180  C CG   . LEU A 1 36  ? -10.61239 -1.57868  -2.95040  1.000 55.15000  ? 175 LEU A CG   1 
ATOM   181  C CD1  . LEU A 1 36  ? -10.24309 -2.45457  -1.76240  1.000 42.11000  ? 175 LEU A CD1  1 
ATOM   182  C CD2  . LEU A 1 36  ? -9.50439  -0.59346  -3.26880  1.000 51.27000  ? 175 LEU A CD2  1 
ATOM   183  N N    . GLN A 1 37  ? -13.91071 -1.64656  -4.26678  1.000 70.41000  ? 176 GLN A N    1 
ATOM   184  C CA   . GLN A 1 37  ? -14.96182 -0.77610  -3.75052  1.000 61.33000  ? 176 GLN A CA   1 
ATOM   185  C C    . GLN A 1 37  ? -16.21129 -1.56160  -3.37951  1.000 67.82000  ? 176 GLN A C    1 
ATOM   186  O O    . GLN A 1 37  ? -16.97266 -1.13960  -2.50123  1.000 70.69000  ? 176 GLN A O    1 
ATOM   187  C CB   . GLN A 1 37  ? -15.29248 0.31392   -4.77159  1.000 66.77000  ? 176 GLN A CB   1 
ATOM   188  C CG   . GLN A 1 37  ? -14.17411 1.32908   -4.97401  1.000 75.54000  ? 176 GLN A CG   1 
ATOM   189  C CD   . GLN A 1 37  ? -14.52863 2.40113   -5.98764  1.000 83.35000  ? 176 GLN A CD   1 
ATOM   190  O OE1  . GLN A 1 37  ? -15.42744 2.22207   -6.80973  1.000 89.66000  ? 176 GLN A OE1  1 
ATOM   191  N NE2  . GLN A 1 37  ? -13.82367 3.52619   -5.93210  1.000 74.98000  ? 176 GLN A NE2  1 
ATOM   192  N N    . ALA A 1 38  ? -16.43937 -2.70465  -4.02977  1.000 68.26000  ? 177 ALA A N    1 
ATOM   193  C CA   . ALA A 1 38  ? -17.54983 -3.56400  -3.63783  1.000 65.12000  ? 177 ALA A CA   1 
ATOM   194  C C    . ALA A 1 38  ? -17.27933 -4.25763  -2.30959  1.000 63.90000  ? 177 ALA A C    1 
ATOM   195  O O    . ALA A 1 38  ? -18.21755 -4.52177  -1.54767  1.000 65.09000  ? 177 ALA A O    1 
ATOM   196  C CB   . ALA A 1 38  ? -17.82943 -4.59529  -4.72998  1.000 65.64000  ? 177 ALA A CB   1 
ATOM   197  N N    . ARG A 1 39  ? -16.01212 -4.55869  -2.01157  1.000 69.16000  ? 178 ARG A N    1 
ATOM   198  C CA   . ARG A 1 39  ? -15.68815 -5.19306  -0.73791  1.000 68.68000  ? 178 ARG A CA   1 
ATOM   199  C C    . ARG A 1 39  ? -15.77748 -4.21073  0.42356   1.000 70.24000  ? 178 ARG A C    1 
ATOM   200  O O    . ARG A 1 39  ? -16.12572 -4.60707  1.54190   1.000 62.18000  ? 178 ARG A O    1 
ATOM   201  C CB   . ARG A 1 39  ? -14.29433 -5.81009  -0.79740  1.000 64.09000  ? 178 ARG A CB   1 
ATOM   202  C CG   . ARG A 1 39  ? -14.17312 -7.00064  -1.73605  1.000 69.22000  ? 178 ARG A CG   1 
ATOM   203  C CD   . ARG A 1 39  ? -12.71513 -7.35337  -1.95189  1.000 62.92000  ? 178 ARG A CD   1 
ATOM   204  N NE   . ARG A 1 39  ? -12.02838 -7.57195  -0.68534  1.000 58.01000  ? 178 ARG A NE   1 
ATOM   205  C CZ   . ARG A 1 39  ? -10.72488 -7.41431  -0.50337  1.000 55.09000  ? 178 ARG A CZ   1 
ATOM   206  N NH1  . ARG A 1 39  ? -9.93303  -7.01403  -1.48572  1.000 54.82000  ? 178 ARG A NH1  1 
ATOM   207  N NH2  . ARG A 1 39  ? -10.20399 -7.65459  0.69578   1.000 52.55000  ? 178 ARG A NH2  1 
ATOM   208  N N    . ILE A 1 40  ? -15.46075 -2.93666  0.18639   1.000 78.81000  ? 179 ILE A N    1 
ATOM   209  C CA   . ILE A 1 40  ? -15.57601 -1.93574  1.24281   1.000 74.96000  ? 179 ILE A CA   1 
ATOM   210  C C    . ILE A 1 40  ? -17.04062 -1.66842  1.56519   1.000 72.55000  ? 179 ILE A C    1 
ATOM   211  O O    . ILE A 1 40  ? -17.41897 -1.54274  2.73641   1.000 70.94000  ? 179 ILE A O    1 
ATOM   212  C CB   . ILE A 1 40  ? -14.84007 -0.64347  0.84261   1.000 70.09000  ? 179 ILE A CB   1 
ATOM   213  C CG1  . ILE A 1 40  ? -13.36927 -0.93989  0.54062   1.000 65.19000  ? 179 ILE A CG1  1 
ATOM   214  C CG2  . ILE A 1 40  ? -14.95588 0.40075   1.94096   1.000 66.89000  ? 179 ILE A CG2  1 
ATOM   215  C CD1  . ILE A 1 40  ? -12.58022 0.27599   0.10811   1.000 67.03000  ? 179 ILE A CD1  1 
ATOM   216  N N    . ARG A 1 41  ? -17.88532 -1.57520  0.53454   1.000 72.00000  ? 180 ARG A N    1 
ATOM   217  C CA   . ARG A 1 41  ? -19.31228 -1.37932  0.76376   1.000 73.81000  ? 180 ARG A CA   1 
ATOM   218  C C    . ARG A 1 41  ? -19.91844 -2.54095  1.53775   1.000 74.37000  ? 180 ARG A C    1 
ATOM   219  O O    . ARG A 1 41  ? -20.86653 -2.34599  2.30650   1.000 79.28000  ? 180 ARG A O    1 
ATOM   220  C CB   . ARG A 1 41  ? -20.03838 -1.19204  -0.56928  1.000 68.67000  ? 180 ARG A CB   1 
ATOM   221  N N    . THR A 1 42  ? -19.39450 -3.75306  1.34436   1.000 75.03000  ? 181 THR A N    1 
ATOM   222  C CA   . THR A 1 42  ? -19.86050 -4.89334  2.12460   1.000 70.09000  ? 181 THR A CA   1 
ATOM   223  C C    . THR A 1 42  ? -19.53643 -4.71863  3.60263   1.000 73.62000  ? 181 THR A C    1 
ATOM   224  O O    . THR A 1 42  ? -20.38526 -4.97704  4.46424   1.000 83.97000  ? 181 THR A O    1 
ATOM   225  C CB   . THR A 1 42  ? -19.24101 -6.18452  1.58781   1.000 67.19000  ? 181 THR A CB   1 
ATOM   226  O OG1  . THR A 1 42  ? -19.54796 -6.32413  0.19496   1.000 73.36000  ? 181 THR A OG1  1 
ATOM   227  C CG2  . THR A 1 42  ? -19.78232 -7.39079  2.34270   1.000 73.42000  ? 181 THR A CG2  1 
ATOM   228  N N    . TYR A 1 43  ? -18.31645 -4.27503  3.91491   1.000 73.89000  ? 182 TYR A N    1 
ATOM   229  C CA   . TYR A 1 43  ? -17.92640 -4.10254  5.31040   1.000 74.61000  ? 182 TYR A CA   1 
ATOM   230  C C    . TYR A 1 43  ? -18.66840 -2.93826  5.95595   1.000 82.47000  ? 182 TYR A C    1 
ATOM   231  O O    . TYR A 1 43  ? -19.06581 -3.02160  7.12375   1.000 77.73000  ? 182 TYR A O    1 
ATOM   232  C CB   . TYR A 1 43  ? -16.41315 -3.90271  5.41000   1.000 75.63000  ? 182 TYR A CB   1 
ATOM   233  C CG   . TYR A 1 43  ? -15.89653 -3.79567  6.82983   1.000 69.26000  ? 182 TYR A CG   1 
ATOM   234  C CD1  . TYR A 1 43  ? -15.61102 -4.93339  7.57355   1.000 71.58000  ? 182 TYR A CD1  1 
ATOM   235  C CD2  . TYR A 1 43  ? -15.68762 -2.55664  7.42379   1.000 70.28000  ? 182 TYR A CD2  1 
ATOM   236  C CE1  . TYR A 1 43  ? -15.13519 -4.84106  8.86905   1.000 76.07000  ? 182 TYR A CE1  1 
ATOM   237  C CE2  . TYR A 1 43  ? -15.21386 -2.45358  8.71762   1.000 65.75000  ? 182 TYR A CE2  1 
ATOM   238  C CZ   . TYR A 1 43  ? -14.93994 -3.59900  9.43715   1.000 72.09000  ? 182 TYR A CZ   1 
ATOM   239  O OH   . TYR A 1 43  ? -14.46757 -3.50048  10.72511  1.000 76.82000  ? 182 TYR A OH   1 
ATOM   240  N N    . ASN A 1 44  ? -18.85724 -1.84258  5.21597   1.000 85.34000  ? 183 ASN A N    1 
ATOM   241  C CA   . ASN A 1 44  ? -19.53212 -0.67465  5.77690   1.000 80.75000  ? 183 ASN A CA   1 
ATOM   242  C C    . ASN A 1 44  ? -20.98618 -0.97803  6.11579   1.000 85.99000  ? 183 ASN A C    1 
ATOM   243  O O    . ASN A 1 44  ? -21.50325 -0.50797  7.13550   1.000 94.88000  ? 183 ASN A O    1 
ATOM   244  C CB   . ASN A 1 44  ? -19.44358 0.50292   4.80647   1.000 78.81000  ? 183 ASN A CB   1 
ATOM   245  C CG   . ASN A 1 44  ? -18.12247 1.24298   4.90508   1.000 77.55000  ? 183 ASN A CG   1 
ATOM   246  O OD1  . ASN A 1 44  ? -17.53382 1.34290   5.98199   1.000 68.44000  ? 183 ASN A OD1  1 
ATOM   247  N ND2  . ASN A 1 44  ? -17.65359 1.77012   3.78019   1.000 73.68000  ? 183 ASN A ND2  1 
ATOM   248  N N    . GLN A 1 45  ? -21.66462 -1.75689  5.26920   1.000 82.55000  ? 184 GLN A N    1 
ATOM   249  C CA   . GLN A 1 45  ? -23.07826 -2.03633  5.49873   1.000 88.93000  ? 184 GLN A CA   1 
ATOM   250  C C    . GLN A 1 45  ? -23.29305 -2.93504  6.71082   1.000 89.30000  ? 184 GLN A C    1 
ATOM   251  O O    . GLN A 1 45  ? -24.35395 -2.87278  7.34279   1.000 100.26000 ? 184 GLN A O    1 
ATOM   252  C CB   . GLN A 1 45  ? -23.69908 -2.66229  4.25045   1.000 74.48000  ? 184 GLN A CB   1 
ATOM   253  C CG   . GLN A 1 45  ? -23.90364 -1.67930  3.10847   1.000 80.35000  ? 184 GLN A CG   1 
ATOM   254  C CD   . GLN A 1 45  ? -24.37334 -2.35196  1.83354   1.000 93.71000  ? 184 GLN A CD   1 
ATOM   255  O OE1  . GLN A 1 45  ? -24.37826 -3.57846  1.73072   1.000 97.24000  ? 184 GLN A OE1  1 
ATOM   256  N NE2  . GLN A 1 45  ? -24.77104 -1.54844  0.85378   1.000 93.68000  ? 184 GLN A NE2  1 
ATOM   257  N N    . HIS A 1 46  ? -22.31460 -3.77034  7.05148   1.000 89.85000  ? 185 HIS A N    1 
ATOM   258  C CA   . HIS A 1 46  ? -22.41605 -4.63385  8.22012   1.000 102.38000 ? 185 HIS A CA   1 
ATOM   259  C C    . HIS A 1 46  ? -21.90578 -3.97454  9.49409   1.000 99.97000  ? 185 HIS A C    1 
ATOM   260  O O    . HIS A 1 46  ? -22.00698 -4.57509  10.56850  1.000 96.84000  ? 185 HIS A O    1 
ATOM   261  C CB   . HIS A 1 46  ? -21.65336 -5.94203  7.98301   1.000 100.46000 ? 185 HIS A CB   1 
ATOM   262  C CG   . HIS A 1 46  ? -22.22025 -6.78078  6.87988   1.000 104.17000 ? 185 HIS A CG   1 
ATOM   263  N ND1  . HIS A 1 46  ? -21.58949 -6.93780  5.66546   1.000 106.52000 ? 185 HIS A ND1  1 
ATOM   264  C CD2  . HIS A 1 46  ? -23.36136 -7.50644  6.80803   1.000 106.88000 ? 185 HIS A CD2  1 
ATOM   265  C CE1  . HIS A 1 46  ? -22.31598 -7.72602  4.89303   1.000 111.17000 ? 185 HIS A CE1  1 
ATOM   266  N NE2  . HIS A 1 46  ? -23.39705 -8.08440  5.56296   1.000 116.57000 ? 185 HIS A NE2  1 
ATOM   267  N N    . TYR A 1 47  ? -21.36307 -2.76426  9.40287   1.000 92.66000  ? 186 TYR A N    1 
ATOM   268  C CA   . TYR A 1 47  ? -20.82402 -2.07424  10.56959  1.000 94.64000  ? 186 TYR A CA   1 
ATOM   269  C C    . TYR A 1 47  ? -21.26248 -0.61380  10.59351  1.000 88.84000  ? 186 TYR A C    1 
ATOM   270  O O    . TYR A 1 47  ? -20.43219 0.29243   10.64910  1.000 79.50000  ? 186 TYR A O    1 
ATOM   271  C CB   . TYR A 1 47  ? -19.29570 -2.16448  10.58874  1.000 93.77000  ? 186 TYR A CB   1 
ATOM   272  C CG   . TYR A 1 47  ? -18.76156 -3.55733  10.84228  1.000 92.47000  ? 186 TYR A CG   1 
ATOM   273  C CD1  . TYR A 1 47  ? -18.66887 -4.48653  9.81405   1.000 88.07000  ? 186 TYR A CD1  1 
ATOM   274  C CD2  . TYR A 1 47  ? -18.34323 -3.94113  12.10945  1.000 93.31000  ? 186 TYR A CD2  1 
ATOM   275  C CE1  . TYR A 1 47  ? -18.18366 -5.75916  10.04113  1.000 87.26000  ? 186 TYR A CE1  1 
ATOM   276  C CE2  . TYR A 1 47  ? -17.85365 -5.21125  12.34599  1.000 106.33000 ? 186 TYR A CE2  1 
ATOM   277  C CZ   . TYR A 1 47  ? -17.77487 -6.11646  11.30759  1.000 102.34000 ? 186 TYR A CZ   1 
ATOM   278  O OH   . TYR A 1 47  ? -17.28769 -7.38317  11.53610  1.000 97.33000  ? 186 TYR A OH   1 
ATOM   279  N N    . ALA A 1 54  ? -17.19591 5.12919   9.44398   1.000 56.65000  ? 193 ALA A N    1 
ATOM   280  C CA   . ALA A 1 54  ? -17.07781 4.20631   8.32256   1.000 56.82000  ? 193 ALA A CA   1 
ATOM   281  C C    . ALA A 1 54  ? -15.69974 4.30712   7.67603   1.000 75.06000  ? 193 ALA A C    1 
ATOM   282  O O    . ALA A 1 54  ? -14.88256 5.14455   8.05822   1.000 81.76000  ? 193 ALA A O    1 
ATOM   283  C CB   . ALA A 1 54  ? -18.16754 4.47361   7.29820   1.000 75.79000  ? 193 ALA A CB   1 
ATOM   284  N N    . VAL A 1 55  ? -15.45338 3.45286   6.68846   1.000 76.75000  ? 194 VAL A N    1 
ATOM   285  C CA   . VAL A 1 55  ? -14.15977 3.35186   6.02299   1.000 73.20000  ? 194 VAL A CA   1 
ATOM   286  C C    . VAL A 1 55  ? -14.21348 4.12258   4.71167   1.000 72.84000  ? 194 VAL A C    1 
ATOM   287  O O    . VAL A 1 55  ? -15.24088 4.12731   4.02067   1.000 76.76000  ? 194 VAL A O    1 
ATOM   288  C CB   . VAL A 1 55  ? -13.78313 1.87528   5.78710   1.000 67.85000  ? 194 VAL A CB   1 
ATOM   289  C CG1  . VAL A 1 55  ? -12.41002 1.76033   5.14416   1.000 76.16000  ? 194 VAL A CG1  1 
ATOM   290  C CG2  . VAL A 1 55  ? -13.82936 1.10422   7.09844   1.000 63.19000  ? 194 VAL A CG2  1 
ATOM   291  N N    . SER A 1 56  ? -13.10838 4.78450   4.36988   1.000 62.87000  ? 195 SER A N    1 
ATOM   292  C CA   . SER A 1 56  ? -13.01949 5.49032   3.10186   1.000 67.64000  ? 195 SER A CA   1 
ATOM   293  C C    . SER A 1 56  ? -13.02684 4.49619   1.94067   1.000 64.42000  ? 195 SER A C    1 
ATOM   294  O O    . SER A 1 56  ? -12.83523 3.28921   2.11301   1.000 59.80000  ? 195 SER A O    1 
ATOM   295  C CB   . SER A 1 56  ? -11.76504 6.36030   3.05517   1.000 65.31000  ? 195 SER A CB   1 
ATOM   296  O OG   . SER A 1 56  ? -10.59560 5.56289   3.03733   1.000 82.78000  ? 195 SER A OG   1 
ATOM   297  N N    . GLN A 1 57  ? -13.24509 5.02421   0.73867   1.000 73.00000  ? 196 GLN A N    1 
ATOM   298  C CA   . GLN A 1 57  ? -13.59126 4.21375   -0.42042  1.000 73.54000  ? 196 GLN A CA   1 
ATOM   299  C C    . GLN A 1 57  ? -12.39809 3.81990   -1.28549  1.000 65.86000  ? 196 GLN A C    1 
ATOM   300  O O    . GLN A 1 57  ? -12.60253 3.25779   -2.36598  1.000 66.21000  ? 196 GLN A O    1 
ATOM   301  C CB   . GLN A 1 57  ? -14.62142 4.95033   -1.27991  1.000 72.11000  ? 196 GLN A CB   1 
ATOM   302  C CG   . GLN A 1 57  ? -16.00812 4.99302   -0.67018  1.000 72.25000  ? 196 GLN A CG   1 
ATOM   303  C CD   . GLN A 1 57  ? -16.62604 3.61513   -0.55704  1.000 69.84000  ? 196 GLN A CD   1 
ATOM   304  O OE1  . GLN A 1 57  ? -16.40818 2.75369   -1.40844  1.000 71.46000  ? 196 GLN A OE1  1 
ATOM   305  N NE2  . GLN A 1 57  ? -17.39537 3.39616   0.50251   1.000 77.82000  ? 196 GLN A NE2  1 
ATOM   306  N N    . ARG A 1 58  ? -11.16846 4.09533   -0.85639  1.000 69.37000  ? 197 ARG A N    1 
ATOM   307  C CA   . ARG A 1 58  ? -10.01464 3.77211   -1.68437  1.000 66.67000  ? 197 ARG A CA   1 
ATOM   308  C C    . ARG A 1 58  ? -8.90402  3.16884   -0.83580  1.000 67.26000  ? 197 ARG A C    1 
ATOM   309  O O    . ARG A 1 58  ? -8.84746  3.35217   0.38249   1.000 66.39000  ? 197 ARG A O    1 
ATOM   310  C CB   . ARG A 1 58  ? -9.49961  5.00244   -2.44162  1.000 57.53000  ? 197 ARG A CB   1 
ATOM   311  C CG   . ARG A 1 58  ? -8.96685  6.11523   -1.56641  1.000 63.72000  ? 197 ARG A CG   1 
ATOM   312  C CD   . ARG A 1 58  ? -8.48629  7.26348   -2.43157  1.000 70.67000  ? 197 ARG A CD   1 
ATOM   313  N NE   . ARG A 1 58  ? -9.56648  7.80229   -3.24901  1.000 78.06000  ? 197 ARG A NE   1 
ATOM   314  C CZ   . ARG A 1 58  ? -9.38959  8.48470   -4.37231  1.000 82.92000  ? 197 ARG A CZ   1 
ATOM   315  N NH1  . ARG A 1 58  ? -8.18050  8.70688   -4.86276  1.000 84.28000  ? 197 ARG A NH1  1 
ATOM   316  N NH2  . ARG A 1 58  ? -10.45110 8.95431   -5.02080  1.000 73.94000  ? 197 ARG A NH2  1 
ATOM   317  N N    . LEU A 1 59  ? -8.01965  2.43635   -1.51030  1.000 58.72000  ? 198 LEU A N    1 
ATOM   318  C CA   . LEU A 1 59  ? -6.88754  1.77636   -0.87220  1.000 56.38000  ? 198 LEU A CA   1 
ATOM   319  C C    . LEU A 1 59  ? -5.68357  2.70776   -0.86387  1.000 61.12000  ? 198 LEU A C    1 
ATOM   320  O O    . LEU A 1 59  ? -5.31363  3.26509   -1.90219  1.000 67.75000  ? 198 LEU A O    1 
ATOM   321  C CB   . LEU A 1 59  ? -6.54206  0.47842   -1.60416  1.000 50.28000  ? 198 LEU A CB   1 
ATOM   322  C CG   . LEU A 1 59  ? -5.22427  -0.21384  -1.25025  1.000 39.13000  ? 198 LEU A CG   1 
ATOM   323  C CD1  . LEU A 1 59  ? -5.27546  -0.79925  0.15081   1.000 53.63000  ? 198 LEU A CD1  1 
ATOM   324  C CD2  . LEU A 1 59  ? -4.88805  -1.28861  -2.27545  1.000 41.25000  ? 198 LEU A CD2  1 
ATOM   325  N N    . TYR A 1 60  ? -5.07363  2.86838   0.30536   1.000 47.58000  ? 199 TYR A N    1 
ATOM   326  C CA   . TYR A 1 60  ? -3.92830  3.75223   0.47630   1.000 51.28000  ? 199 TYR A CA   1 
ATOM   327  C C    . TYR A 1 60  ? -2.66131  2.91515   0.59717   1.000 48.50000  ? 199 TYR A C    1 
ATOM   328  O O    . TYR A 1 60  ? -2.50642  2.14662   1.55301   1.000 45.50000  ? 199 TYR A O    1 
ATOM   329  C CB   . TYR A 1 60  ? -4.11707  4.64661   1.70072   1.000 54.33000  ? 199 TYR A CB   1 
ATOM   330  C CG   . TYR A 1 60  ? -5.32461  5.54787   1.58565   1.000 64.78000  ? 199 TYR A CG   1 
ATOM   331  C CD1  . TYR A 1 60  ? -6.58395  5.10704   1.97079   1.000 77.18000  ? 199 TYR A CD1  1 
ATOM   332  C CD2  . TYR A 1 60  ? -5.20915  6.83407   1.07821   1.000 64.43000  ? 199 TYR A CD2  1 
ATOM   333  C CE1  . TYR A 1 60  ? -7.69381  5.92474   1.85933   1.000 76.08000  ? 199 TYR A CE1  1 
ATOM   334  C CE2  . TYR A 1 60  ? -6.31330  7.66081   0.96267   1.000 67.64000  ? 199 TYR A CE2  1 
ATOM   335  C CZ   . TYR A 1 60  ? -7.55272  7.20059   1.35505   1.000 69.16000  ? 199 TYR A CZ   1 
ATOM   336  O OH   . TYR A 1 60  ? -8.65710  8.01492   1.24576   1.000 57.65000  ? 199 TYR A OH   1 
ATOM   337  N N    . ILE A 1 61  ? -1.76121  3.07120   -0.36806  1.000 47.94000  ? 200 ILE A N    1 
ATOM   338  C CA   . ILE A 1 61  ? -0.53326  2.28868   -0.44839  1.000 41.63000  ? 200 ILE A CA   1 
ATOM   339  C C    . ILE A 1 61  ? 0.61639   3.16347   0.03288   1.000 52.51000  ? 200 ILE A C    1 
ATOM   340  O O    . ILE A 1 61  ? 0.87717   4.23158   -0.53551  1.000 51.51000  ? 200 ILE A O    1 
ATOM   341  C CB   . ILE A 1 61  ? -0.28513  1.78202   -1.87908  1.000 41.46000  ? 200 ILE A CB   1 
ATOM   342  C CG1  . ILE A 1 61  ? -1.46360  0.93748   -2.35821  1.000 45.73000  ? 200 ILE A CG1  1 
ATOM   343  C CG2  . ILE A 1 61  ? 1.01086   0.98624   -1.94698  1.000 45.88000  ? 200 ILE A CG2  1 
ATOM   344  C CD1  . ILE A 1 61  ? -1.35445  0.49289   -3.80651  1.000 45.40000  ? 200 ILE A CD1  1 
ATOM   345  N N    . LEU A 1 62  ? 1.31340   2.67149   1.05384   1.000 50.27000  ? 201 LEU A N    1 
ATOM   346  C CA   . LEU A 1 62  ? 2.43911   3.43389   1.62826   1.000 45.02000  ? 201 LEU A CA   1 
ATOM   347  C C    . LEU A 1 62  ? 3.70500   3.16855   0.82580   1.000 51.90000  ? 201 LEU A C    1 
ATOM   348  O O    . LEU A 1 62  ? 4.00244   2.00078   0.55821   1.000 55.39000  ? 201 LEU A O    1 
ATOM   349  C CB   . LEU A 1 62  ? 2.60810   3.01277   3.08136   1.000 43.24000  ? 201 LEU A CB   1 
ATOM   350  C CG   . LEU A 1 62  ? 1.51819   3.50669   4.01872   1.000 55.85000  ? 201 LEU A CG   1 
ATOM   351  C CD1  . LEU A 1 62  ? 1.73759   2.92370   5.39420   1.000 53.07000  ? 201 LEU A CD1  1 
ATOM   352  C CD2  . LEU A 1 62  ? 1.51162   5.02531   4.07416   1.000 56.50000  ? 201 LEU A CD2  1 
ATOM   353  N N    . LEU A 1 63  ? 4.42518   4.22730   0.48569   1.000 54.05000  ? 202 LEU A N    1 
ATOM   354  C CA   . LEU A 1 63  ? 5.64549   4.13081   -0.31488  1.000 50.76000  ? 202 LEU A CA   1 
ATOM   355  C C    . LEU A 1 63  ? 6.77120   4.90794   0.35771   1.000 58.81000  ? 202 LEU A C    1 
ATOM   356  O O    . LEU A 1 63  ? 7.15480   5.98977   -0.10087  1.000 56.71000  ? 202 LEU A O    1 
ATOM   357  C CB   . LEU A 1 63  ? 5.40712   4.64700   -1.73521  1.000 47.85000  ? 202 LEU A CB   1 
ATOM   358  C CG   . LEU A 1 63  ? 4.58433   3.75878   -2.66718  1.000 46.31000  ? 202 LEU A CG   1 
ATOM   359  C CD1  . LEU A 1 63  ? 4.09775   4.54198   -3.87689  1.000 52.69000  ? 202 LEU A CD1  1 
ATOM   360  C CD2  . LEU A 1 63  ? 5.41569   2.57270   -3.10703  1.000 43.61000  ? 202 LEU A CD2  1 
ATOM   361  N N    . PRO A 1 64  ? 7.32321   4.38743   1.45528   1.000 67.78000  ? 203 PRO A N    1 
ATOM   362  C CA   . PRO A 1 64  ? 8.50150   5.03241   2.05638   1.000 63.44000  ? 203 PRO A CA   1 
ATOM   363  C C    . PRO A 1 64  ? 9.69081   4.93432   1.11323   1.000 56.40000  ? 203 PRO A C    1 
ATOM   364  O O    . PRO A 1 64  ? 10.11571  3.83850   0.74144   1.000 54.87000  ? 203 PRO A O    1 
ATOM   365  C CB   . PRO A 1 64  ? 8.72682   4.23384   3.34583   1.000 63.90000  ? 203 PRO A CB   1 
ATOM   366  C CG   . PRO A 1 64  ? 8.09631   2.91070   3.08542   1.000 59.72000  ? 203 PRO A CG   1 
ATOM   367  C CD   . PRO A 1 64  ? 6.90812   3.19275   2.21108   1.000 61.58000  ? 203 PRO A CD   1 
ATOM   368  N N    . LEU A 1 65  ? 10.22449  6.09287   0.72237   1.000 66.44000  ? 204 LEU A N    1 
ATOM   369  C CA   . LEU A 1 65  ? 11.30945  6.11664   -0.25280  1.000 63.43000  ? 204 LEU A CA   1 
ATOM   370  C C    . LEU A 1 65  ? 12.63487  5.65594   0.33567   1.000 63.53000  ? 204 LEU A C    1 
ATOM   371  O O    . LEU A 1 65  ? 13.55041  5.32177   -0.42499  1.000 69.92000  ? 204 LEU A O    1 
ATOM   372  C CB   . LEU A 1 65  ? 11.45329  7.51963   -0.84626  1.000 66.45000  ? 204 LEU A CB   1 
ATOM   373  C CG   . LEU A 1 65  ? 10.28573  7.96075   -1.73784  1.000 64.90000  ? 204 LEU A CG   1 
ATOM   374  C CD1  . LEU A 1 65  ? 10.54879  9.32390   -2.35896  1.000 65.54000  ? 204 LEU A CD1  1 
ATOM   375  C CD2  . LEU A 1 65  ? 10.01673  6.92178   -2.81700  1.000 60.39000  ? 204 LEU A CD2  1 
ATOM   376  N N    . ASP A 1 66  ? 12.76151  5.62337   1.66363   1.000 64.67000  ? 205 ASP A N    1 
ATOM   377  C CA   . ASP A 1 66  ? 13.95134  5.05451   2.28640   1.000 54.35000  ? 205 ASP A CA   1 
ATOM   378  C C    . ASP A 1 66  ? 13.94506  3.53255   2.27117   1.000 65.20000  ? 205 ASP A C    1 
ATOM   379  O O    . ASP A 1 66  ? 14.89058  2.92331   2.78661   1.000 82.19000  ? 205 ASP A O    1 
ATOM   380  C CB   . ASP A 1 66  ? 14.09236  5.55630   3.72539   1.000 57.27000  ? 205 ASP A CB   1 
ATOM   381  C CG   . ASP A 1 66  ? 12.92458  5.15115   4.60144   1.000 64.80000  ? 205 ASP A CG   1 
ATOM   382  O OD1  . ASP A 1 66  ? 11.81071  5.67663   4.39304   1.000 77.79000  ? 205 ASP A OD1  1 
ATOM   383  O OD2  . ASP A 1 66  ? 13.12121  4.29591   5.48965   1.000 63.65000  ? 205 ASP A OD2  1 
ATOM   384  N N    . CYS A 1 67  ? 12.89769  2.92014   1.71345   1.000 65.62000  ? 206 CYS A N    1 
ATOM   385  C CA   . CYS A 1 67  ? 12.74432  1.46978   1.59541   1.000 61.94000  ? 206 CYS A CA   1 
ATOM   386  C C    . CYS A 1 67  ? 12.63350  0.77866   2.95145   1.000 60.98000  ? 206 CYS A C    1 
ATOM   387  O O    . CYS A 1 67  ? 12.85108  -0.43297  3.05089   1.000 60.14000  ? 206 CYS A O    1 
ATOM   388  C CB   . CYS A 1 67  ? 13.87966  0.84958   0.77216   1.000 62.96000  ? 206 CYS A CB   1 
ATOM   389  S SG   . CYS A 1 67  ? 13.73360  1.13550   -1.00598  1.000 67.14000  ? 206 CYS A SG   1 
ATOM   390  N N    . GLY A 1 68  ? 12.29065  1.52446   3.99961   1.000 62.01000  ? 207 GLY A N    1 
ATOM   391  C CA   . GLY A 1 68  ? 12.01656  0.92969   5.29254   1.000 59.45000  ? 207 GLY A CA   1 
ATOM   392  C C    . GLY A 1 68  ? 10.57028  0.49488   5.41150   1.000 60.16000  ? 207 GLY A C    1 
ATOM   393  O O    . GLY A 1 68  ? 9.67596   1.32930   5.57868   1.000 61.77000  ? 207 GLY A O    1 
ATOM   394  N N    . VAL A 1 69  ? 10.32812  -0.80560  5.28548   1.000 48.01000  ? 208 VAL A N    1 
ATOM   395  C CA   . VAL A 1 69  ? 8.92099   -1.28477  5.29423   1.000 46.07000  ? 208 VAL A CA   1 
ATOM   396  C C    . VAL A 1 69  ? 8.73165   -2.26348  6.44960   1.000 49.54000  ? 208 VAL A C    1 
ATOM   397  O O    . VAL A 1 69  ? 8.97061   -3.46141  6.25530   1.000 48.12000  ? 208 VAL A O    1 
ATOM   398  C CB   . VAL A 1 69  ? 8.56556   -1.92122  3.94367   1.000 46.85000  ? 208 VAL A CB   1 
ATOM   399  C CG1  . VAL A 1 69  ? 7.20798   -2.57830  3.98965   1.000 48.53000  ? 208 VAL A CG1  1 
ATOM   400  C CG2  . VAL A 1 69  ? 8.63348   -0.91231  2.81064   1.000 48.66000  ? 208 VAL A CG2  1 
ATOM   401  N N    . PRO A 1 70  ? 8.33522   -1.80277  7.65134   1.000 43.58000  ? 209 PRO A N    1 
ATOM   402  C CA   . PRO A 1 70  ? 8.05441   -2.71230  8.76505   1.000 39.74000  ? 209 PRO A CA   1 
ATOM   403  C C    . PRO A 1 70  ? 6.90316   -3.64921  8.43467   1.000 53.82000  ? 209 PRO A C    1 
ATOM   404  O O    . PRO A 1 70  ? 5.96700   -3.29435  7.71520   1.000 69.24000  ? 209 PRO A O    1 
ATOM   405  C CB   . PRO A 1 70  ? 7.69337   -1.76426  9.91552   1.000 48.93000  ? 209 PRO A CB   1 
ATOM   406  C CG   . PRO A 1 70  ? 8.28939   -0.44276  9.52387   1.000 53.02000  ? 209 PRO A CG   1 
ATOM   407  C CD   . PRO A 1 70  ? 8.15912   -0.39269  8.03276   1.000 50.90000  ? 209 PRO A CD   1 
ATOM   408  N N    . ASP A 1 71  ? 6.98540   -4.86783  8.97174   1.000 63.26000  ? 210 ASP A N    1 
ATOM   409  C CA   . ASP A 1 71  ? 5.91007   -5.83382  8.77594   1.000 58.64000  ? 210 ASP A CA   1 
ATOM   410  C C    . ASP A 1 71  ? 4.67284   -5.45296  9.57934   1.000 59.26000  ? 210 ASP A C    1 
ATOM   411  O O    . ASP A 1 71  ? 3.54510   -5.56958  9.08640   1.000 62.19000  ? 210 ASP A O    1 
ATOM   412  C CB   . ASP A 1 71  ? 6.39020   -7.23321  9.15635   1.000 59.96000  ? 210 ASP A CB   1 
ATOM   413  C CG   . ASP A 1 71  ? 7.51694   -7.72108  8.26968   1.000 71.83000  ? 210 ASP A CG   1 
ATOM   414  O OD1  . ASP A 1 71  ? 7.34178   -7.72443  7.03210   1.000 71.39000  ? 210 ASP A OD1  1 
ATOM   415  O OD2  . ASP A 1 71  ? 8.58125   -8.08825  8.80942   1.000 70.21000  ? 210 ASP A OD2  1 
ATOM   416  N N    . ASN A 1 72  ? 4.86396   -4.99170  10.81243  1.000 60.02000  ? 211 ASN A N    1 
ATOM   417  C CA   . ASN A 1 72  ? 3.76753   -4.60637  11.69209  1.000 70.04000  ? 211 ASN A CA   1 
ATOM   418  C C    . ASN A 1 72  ? 3.57644   -3.09726  11.58600  1.000 69.72000  ? 211 ASN A C    1 
ATOM   419  O O    . ASN A 1 72  ? 4.42323   -2.32367  12.04485  1.000 70.68000  ? 211 ASN A O    1 
ATOM   420  C CB   . ASN A 1 72  ? 4.05480   -5.03434  13.12920  1.000 75.03000  ? 211 ASN A CB   1 
ATOM   421  C CG   . ASN A 1 72  ? 2.88671   -4.77929  14.05813  1.000 75.18000  ? 211 ASN A CG   1 
ATOM   422  O OD1  . ASN A 1 72  ? 3.06038   -4.29268  15.17433  1.000 75.35000  ? 211 ASN A OD1  1 
ATOM   423  N ND2  . ASN A 1 72  ? 1.68326   -5.10182  13.59813  1.000 79.19000  ? 211 ASN A ND2  1 
ATOM   424  N N    . LEU A 1 73  ? 2.46147   -2.68324  10.97748  1.000 65.40000  ? 212 LEU A N    1 
ATOM   425  C CA   . LEU A 1 73  ? 2.22892   -1.26079  10.74582  1.000 64.53000  ? 212 LEU A CA   1 
ATOM   426  C C    . LEU A 1 73  ? 2.06529   -0.49716  12.05392  1.000 68.52000  ? 212 LEU A C    1 
ATOM   427  O O    . LEU A 1 73  ? 2.40234   0.69146   12.12534  1.000 66.09000  ? 212 LEU A O    1 
ATOM   428  C CB   . LEU A 1 73  ? 1.00432   -1.07017  9.84863   1.000 57.94000  ? 212 LEU A CB   1 
ATOM   429  C CG   . LEU A 1 73  ? 0.65786   0.35965   9.41769   1.000 60.46000  ? 212 LEU A CG   1 
ATOM   430  C CD1  . LEU A 1 73  ? 1.88092   1.08172   8.87947   1.000 59.56000  ? 212 LEU A CD1  1 
ATOM   431  C CD2  . LEU A 1 73  ? -0.45844  0.36158   8.38179   1.000 64.19000  ? 212 LEU A CD2  1 
ATOM   432  N N    . SER A 1 74  ? 1.55945   -1.15603  13.09884  1.000 74.11000  ? 213 SER A N    1 
ATOM   433  C CA   . SER A 1 74  ? 1.43161   -0.50661  14.39794  1.000 69.56000  ? 213 SER A CA   1 
ATOM   434  C C    . SER A 1 74  ? 2.75140   -0.11381  15.04853  1.000 76.30000  ? 213 SER A C    1 
ATOM   435  O O    . SER A 1 74  ? 2.76962   0.80502   15.87574  1.000 75.76000  ? 213 SER A O    1 
ATOM   436  C CB   . SER A 1 74  ? 0.64104   -1.39755  15.35578  1.000 70.51000  ? 213 SER A CB   1 
ATOM   437  O OG   . SER A 1 74  ? 0.46284   -0.76498  16.60961  1.000 79.90000  ? 213 SER A OG   1 
ATOM   438  N N    . MET A 1 75  ? 3.84931   -0.78615  14.69893  1.000 78.32000  ? 214 MET A N    1 
ATOM   439  C CA   . MET A 1 75  ? 5.15011   -0.40333  15.23700  1.000 75.75000  ? 214 MET A CA   1 
ATOM   440  C C    . MET A 1 75  ? 5.69570   0.86057   14.57570  1.000 72.39000  ? 214 MET A C    1 
ATOM   441  O O    . MET A 1 75  ? 6.43676   1.62963   15.19834  1.000 78.08000  ? 214 MET A O    1 
ATOM   442  C CB   . MET A 1 75  ? 6.16461   -1.52900  15.03121  1.000 83.15000  ? 214 MET A CB   1 
ATOM   443  C CG   . MET A 1 75  ? 5.83651   -2.81299  15.76761  1.000 81.56000  ? 214 MET A CG   1 
ATOM   444  S SD   . MET A 1 75  ? 5.85678   -2.61760  17.55835  1.000 90.35000  ? 214 MET A SD   1 
ATOM   445  C CE   . MET A 1 75  ? 5.44024   -4.27763  18.08650  1.000 81.18000  ? 214 MET A CE   1 
ATOM   446  N N    . ALA A 1 76  ? 5.33461   1.08379   13.30941  1.000 69.51000  ? 215 ALA A N    1 
ATOM   447  C CA   . ALA A 1 76  ? 5.82452   2.25907   12.59475  1.000 74.60000  ? 215 ALA A CA   1 
ATOM   448  C C    . ALA A 1 76  ? 5.27930   3.50209   13.28452  1.000 73.69000  ? 215 ALA A C    1 
ATOM   449  O O    . ALA A 1 76  ? 6.00023   4.49097   13.46111  1.000 74.23000  ? 215 ALA A O    1 
ATOM   450  C CB   . ALA A 1 76  ? 5.43427   2.25256   11.11700  1.000 71.84000  ? 215 ALA A CB   1 
ATOM   451  N N    . ASP A 1 77  ? 4.00363   3.47629   13.67277  1.000 68.50000  ? 216 ASP A N    1 
ATOM   452  C CA   . ASP A 1 77  ? 3.38001   4.58552   14.36841  1.000 62.99000  ? 216 ASP A CA   1 
ATOM   453  C C    . ASP A 1 77  ? 2.36242   4.00962   15.34645  1.000 63.74000  ? 216 ASP A C    1 
ATOM   454  O O    . ASP A 1 77  ? 1.48273   3.23824   14.92483  1.000 73.82000  ? 216 ASP A O    1 
ATOM   455  C CB   . ASP A 1 77  ? 2.69919   5.55815   13.40045  1.000 64.28000  ? 216 ASP A CB   1 
ATOM   456  C CG   . ASP A 1 77  ? 2.35905   6.89133   14.04526  1.000 73.63000  ? 216 ASP A CG   1 
ATOM   457  O OD1  . ASP A 1 77  ? 1.89269   6.90652   15.20488  1.000 73.48000  ? 216 ASP A OD1  1 
ATOM   458  O OD2  . ASP A 1 77  ? 2.56064   7.93457   13.38879  1.000 75.11000  ? 216 ASP A OD2  1 
ATOM   459  N N    . PRO A 1 78  ? 2.45918   4.34528   16.63533  1.000 60.25000  ? 217 PRO A N    1 
ATOM   460  C CA   . PRO A 1 78  ? 1.43284   3.88882   17.58755  1.000 63.45000  ? 217 PRO A CA   1 
ATOM   461  C C    . PRO A 1 78  ? 0.04023   4.39085   17.25355  1.000 70.45000  ? 217 PRO A C    1 
ATOM   462  O O    . PRO A 1 78  ? -0.94668  3.71539   17.57007  1.000 67.14000  ? 217 PRO A O    1 
ATOM   463  C CB   . PRO A 1 78  ? 1.92702   4.44988   18.92860  1.000 57.85000  ? 217 PRO A CB   1 
ATOM   464  C CG   . PRO A 1 78  ? 3.39365   4.66969   18.73697  1.000 60.46000  ? 217 PRO A CG   1 
ATOM   465  C CD   . PRO A 1 78  ? 3.56317   5.05723   17.30079  1.000 64.87000  ? 217 PRO A CD   1 
ATOM   466  N N    . ASN A 1 79  ? -0.06979  5.55509   16.61536  1.000 63.25000  ? 218 ASN A N    1 
ATOM   467  C CA   . ASN A 1 79  ? -1.36271  6.13114   16.26680  1.000 65.03000  ? 218 ASN A CA   1 
ATOM   468  C C    . ASN A 1 79  ? -2.04204  5.41076   15.10968  1.000 67.38000  ? 218 ASN A C    1 
ATOM   469  O O    . ASN A 1 79  ? -3.18759  5.74438   14.78651  1.000 64.55000  ? 218 ASN A O    1 
ATOM   470  C CB   . ASN A 1 79  ? -1.20409  7.61748   15.93742  1.000 67.35000  ? 218 ASN A CB   1 
ATOM   471  C CG   . ASN A 1 79  ? -0.89599  8.45530   17.16425  1.000 56.58000  ? 218 ASN A CG   1 
ATOM   472  O OD1  . ASN A 1 79  ? -1.24764  8.08517   18.28442  1.000 54.12000  ? 218 ASN A OD1  1 
ATOM   473  N ND2  . ASN A 1 79  ? -0.23891  9.59026   16.95812  1.000 63.09000  ? 218 ASN A ND2  1 
ATOM   474  N N    . ILE A 1 80  ? -1.37470  4.45151   14.47897  1.000 60.44000  ? 219 ILE A N    1 
ATOM   475  C CA   . ILE A 1 80  ? -1.98076  3.60894   13.45604  1.000 57.67000  ? 219 ILE A CA   1 
ATOM   476  C C    . ILE A 1 80  ? -2.35456  2.29177   14.12293  1.000 66.30000  ? 219 ILE A C    1 
ATOM   477  O O    . ILE A 1 80  ? -1.48209  1.48359   14.45690  1.000 77.41000  ? 219 ILE A O    1 
ATOM   478  C CB   . ILE A 1 80  ? -1.03515  3.38733   12.26871  1.000 50.93000  ? 219 ILE A CB   1 
ATOM   479  C CG1  . ILE A 1 80  ? -0.55895  4.72807   11.70610  1.000 55.61000  ? 219 ILE A CG1  1 
ATOM   480  C CG2  . ILE A 1 80  ? -1.72550  2.57096   11.18884  1.000 60.92000  ? 219 ILE A CG2  1 
ATOM   481  C CD1  . ILE A 1 80  ? 0.41389   4.59465   10.55244  1.000 57.96000  ? 219 ILE A CD1  1 
ATOM   482  N N    . ARG A 1 81  ? -3.65210  2.06840   14.31742  1.000 60.88000  ? 220 ARG A N    1 
ATOM   483  C CA   . ARG A 1 81  ? -4.15260  0.89251   15.01495  1.000 58.12000  ? 220 ARG A CA   1 
ATOM   484  C C    . ARG A 1 81  ? -4.91001  -0.01384  14.05618  1.000 63.98000  ? 220 ARG A C    1 
ATOM   485  O O    . ARG A 1 81  ? -5.71815  0.45583   13.24879  1.000 61.99000  ? 220 ARG A O    1 
ATOM   486  C CB   . ARG A 1 81  ? -5.08135  1.28056   16.16813  1.000 52.28000  ? 220 ARG A CB   1 
ATOM   487  C CG   . ARG A 1 81  ? -4.45410  2.15617   17.23136  1.000 74.44000  ? 220 ARG A CG   1 
ATOM   488  C CD   . ARG A 1 81  ? -5.41035  2.32164   18.40077  1.000 80.71000  ? 220 ARG A CD   1 
ATOM   489  N NE   . ARG A 1 81  ? -6.78734  2.48853   17.94814  1.000 75.39000  ? 220 ARG A NE   1 
ATOM   490  C CZ   . ARG A 1 81  ? -7.79865  2.83249   18.73389  1.000 69.01000  ? 220 ARG A CZ   1 
ATOM   491  N NH1  . ARG A 1 81  ? -7.62115  3.07842   20.02085  1.000 76.19000  ? 220 ARG A NH1  1 
ATOM   492  N NH2  . ARG A 1 81  ? -9.01768  2.93639   18.21246  1.000 69.91000  ? 220 ARG A NH2  1 
ATOM   493  N N    . PHE A 1 82  ? -4.65214  -1.31506  14.15598  1.000 67.91000  ? 221 PHE A N    1 
ATOM   494  C CA   . PHE A 1 82  ? -5.45144  -2.28803  13.42771  1.000 70.16000  ? 221 PHE A CA   1 
ATOM   495  C C    . PHE A 1 82  ? -6.85343  -2.35690  14.02040  1.000 73.56000  ? 221 PHE A C    1 
ATOM   496  O O    . PHE A 1 82  ? -7.03013  -2.33029  15.24215  1.000 69.79000  ? 221 PHE A O    1 
ATOM   497  C CB   . PHE A 1 82  ? -4.78686  -3.66579  13.47228  1.000 58.65000  ? 221 PHE A CB   1 
ATOM   498  C CG   . PHE A 1 82  ? -5.61805  -4.76385  12.86524  1.000 59.35000  ? 221 PHE A CG   1 
ATOM   499  C CD1  . PHE A 1 82  ? -5.65159  -4.94972  11.49286  1.000 61.55000  ? 221 PHE A CD1  1 
ATOM   500  C CD2  . PHE A 1 82  ? -6.36056  -5.61348  13.66882  1.000 65.81000  ? 221 PHE A CD2  1 
ATOM   501  C CE1  . PHE A 1 82  ? -6.41526  -5.95871  10.93348  1.000 59.24000  ? 221 PHE A CE1  1 
ATOM   502  C CE2  . PHE A 1 82  ? -7.12535  -6.62333  13.11600  1.000 67.00000  ? 221 PHE A CE2  1 
ATOM   503  C CZ   . PHE A 1 82  ? -7.15213  -6.79639  11.74692  1.000 58.40000  ? 221 PHE A CZ   1 
ATOM   504  N N    . LEU A 1 83  ? -7.85863  -2.43657  13.14803  1.000 64.58000  ? 222 LEU A N    1 
ATOM   505  C CA   . LEU A 1 83  ? -9.24726  -2.52867  13.58073  1.000 67.50000  ? 222 LEU A CA   1 
ATOM   506  C C    . LEU A 1 83  ? -9.87836  -3.86422  13.21198  1.000 73.35000  ? 222 LEU A C    1 
ATOM   507  O O    . LEU A 1 83  ? -10.34300 -4.59044  14.09551  1.000 80.68000  ? 222 LEU A O    1 
ATOM   508  C CB   . LEU A 1 83  ? -10.06018 -1.36984  12.98513  1.000 72.00000  ? 222 LEU A CB   1 
ATOM   509  C CG   . LEU A 1 83  ? -11.51829 -1.27438  13.43626  1.000 59.36000  ? 222 LEU A CG   1 
ATOM   510  C CD1  . LEU A 1 83  ? -11.60139 -1.03689  14.93818  1.000 70.54000  ? 222 LEU A CD1  1 
ATOM   511  C CD2  . LEU A 1 83  ? -12.25349 -0.18141  12.67562  1.000 68.53000  ? 222 LEU A CD2  1 
ATOM   512  N N    . ASP A 1 84  ? -9.89085  -4.21828  11.92801  1.000 68.03000  ? 223 ASP A N    1 
ATOM   513  C CA   . ASP A 1 84  ? -10.50724 -5.45449  11.46083  1.000 66.91000  ? 223 ASP A CA   1 
ATOM   514  C C    . ASP A 1 84  ? -10.12281 -5.65838  10.00246  1.000 66.88000  ? 223 ASP A C    1 
ATOM   515  O O    . ASP A 1 84  ? -9.68716  -4.72515  9.32389   1.000 67.77000  ? 223 ASP A O    1 
ATOM   516  C CB   . ASP A 1 84  ? -12.03380 -5.42134  11.61819  1.000 74.51000  ? 223 ASP A CB   1 
ATOM   517  C CG   . ASP A 1 84  ? -12.67212 -6.79016  11.44969  1.000 90.98000  ? 223 ASP A CG   1 
ATOM   518  O OD1  . ASP A 1 84  ? -11.92875 -7.79246  11.38421  1.000 93.22000  ? 223 ASP A OD1  1 
ATOM   519  O OD2  . ASP A 1 84  ? -13.91745 -6.86175  11.37957  1.000 95.78000  ? 223 ASP A OD2  1 
ATOM   520  N N    . LYS A 1 85  ? -10.29332 -6.88952  9.53152   1.000 63.96000  ? 224 LYS A N    1 
ATOM   521  C CA   . LYS A 1 85  ? -9.98181  -7.24225  8.15499   1.000 56.15000  ? 224 LYS A CA   1 
ATOM   522  C C    . LYS A 1 85  ? -11.19078 -7.02959  7.25254   1.000 56.45000  ? 224 LYS A C    1 
ATOM   523  O O    . LYS A 1 85  ? -12.34103 -7.10704  7.69086   1.000 70.37000  ? 224 LYS A O    1 
ATOM   524  C CB   . LYS A 1 85  ? -9.52659  -8.69861  8.05852   1.000 57.68000  ? 224 LYS A CB   1 
ATOM   525  C CG   . LYS A 1 85  ? -8.36682  -9.06107  8.96466   1.000 54.66000  ? 224 LYS A CG   1 
ATOM   526  C CD   . LYS A 1 85  ? -8.07546  -10.55010 8.88721   1.000 49.25000  ? 224 LYS A CD   1 
ATOM   527  C CE   . LYS A 1 85  ? -6.97376  -10.95492 9.85076   1.000 62.18000  ? 224 LYS A CE   1 
ATOM   528  N NZ   . LYS A 1 85  ? -6.78203  -12.43206 9.86176   1.000 49.59000  ? 224 LYS A NZ   1 
ATOM   529  N N    . LEU A 1 86  ? -10.91411 -6.75731  5.97996   1.000 51.65000  ? 225 LEU A N    1 
ATOM   530  C CA   . LEU A 1 86  ? -11.95241 -6.74564  4.96428   1.000 51.62000  ? 225 LEU A CA   1 
ATOM   531  C C    . LEU A 1 86  ? -12.36695 -8.17802  4.63075   1.000 58.99000  ? 225 LEU A C    1 
ATOM   532  O O    . LEU A 1 86  ? -11.65444 -9.13083  4.95496   1.000 65.43000  ? 225 LEU A O    1 
ATOM   533  C CB   . LEU A 1 86  ? -11.45850 -6.03899  3.70236   1.000 52.13000  ? 225 LEU A CB   1 
ATOM   534  C CG   . LEU A 1 86  ? -11.61036 -4.52100  3.59955   1.000 57.98000  ? 225 LEU A CG   1 
ATOM   535  C CD1  . LEU A 1 86  ? -11.01420 -4.01141  2.29409   1.000 50.30000  ? 225 LEU A CD1  1 
ATOM   536  C CD2  . LEU A 1 86  ? -13.07290 -4.12364  3.70508   1.000 77.60000  ? 225 LEU A CD2  1 
ATOM   537  N N    . PRO A 1 87  ? -13.52950 -8.36008  4.00261   1.000 55.96000  ? 226 PRO A N    1 
ATOM   538  C CA   . PRO A 1 87  ? -13.86127 -9.68541  3.46919   1.000 58.95000  ? 226 PRO A CA   1 
ATOM   539  C C    . PRO A 1 87  ? -12.80827 -10.13823 2.46784   1.000 67.42000  ? 226 PRO A C    1 
ATOM   540  O O    . PRO A 1 87  ? -12.29416 -9.34432  1.67717   1.000 73.47000  ? 226 PRO A O    1 
ATOM   541  C CB   . PRO A 1 87  ? -15.22356 -9.47052  2.80231   1.000 54.31000  ? 226 PRO A CB   1 
ATOM   542  C CG   . PRO A 1 87  ? -15.81548 -8.32236  3.53564   1.000 57.70000  ? 226 PRO A CG   1 
ATOM   543  C CD   . PRO A 1 87  ? -14.66247 -7.42418  3.89048   1.000 61.57000  ? 226 PRO A CD   1 
ATOM   544  N N    . GLN A 1 88  ? -12.48542 -11.42760 2.51364   1.000 57.08000  ? 227 GLN A N    1 
ATOM   545  C CA   . GLN A 1 88  ? -11.42353 -11.95711 1.67400   1.000 46.48000  ? 227 GLN A CA   1 
ATOM   546  C C    . GLN A 1 88  ? -11.83655 -11.95408 0.20584   1.000 50.56000  ? 227 GLN A C    1 
ATOM   547  O O    . GLN A 1 88  ? -13.02033 -11.92746 -0.14108  1.000 67.66000  ? 227 GLN A O    1 
ATOM   548  C CB   . GLN A 1 88  ? -11.05367 -13.37680 2.10402   1.000 52.80000  ? 227 GLN A CB   1 
ATOM   549  C CG   . GLN A 1 88  ? -10.32848 -13.46184 3.43533   1.000 58.84000  ? 227 GLN A CG   1 
ATOM   550  C CD   . GLN A 1 88  ? -9.93753  -14.88319 3.78957   1.000 56.34000  ? 227 GLN A CD   1 
ATOM   551  O OE1  . GLN A 1 88  ? -10.43275 -15.84212 3.19636   1.000 57.93000  ? 227 GLN A OE1  1 
ATOM   552  N NE2  . GLN A 1 88  ? -9.04092  -15.02617 4.75752   1.000 56.61000  ? 227 GLN A NE2  1 
ATOM   553  N N    . GLN A 1 89  ? -10.82859 -11.97422 -0.66228  1.000 50.49000  ? 228 GLN A N    1 
ATOM   554  C CA   . GLN A 1 89  ? -11.01559 -12.14677 -2.09564  1.000 56.22000  ? 228 GLN A CA   1 
ATOM   555  C C    . GLN A 1 89  ? -10.21932 -13.36474 -2.53881  1.000 54.87000  ? 228 GLN A C    1 
ATOM   556  O O    . GLN A 1 89  ? -9.00816  -13.43408 -2.30588  1.000 55.09000  ? 228 GLN A O    1 
ATOM   557  C CB   . GLN A 1 89  ? -10.57019 -10.90316 -2.87092  1.000 47.67000  ? 228 GLN A CB   1 
ATOM   558  C CG   . GLN A 1 89  ? -10.70343 -11.03222 -4.37721  1.000 38.07000  ? 228 GLN A CG   1 
ATOM   559  C CD   . GLN A 1 89  ? -10.37080 -9.74370  -5.10507  1.000 60.51000  ? 228 GLN A CD   1 
ATOM   560  O OE1  . GLN A 1 89  ? -10.22588 -8.68843  -4.48819  1.000 74.19000  ? 228 GLN A OE1  1 
ATOM   561  N NE2  . GLN A 1 89  ? -10.24651 -9.82403  -6.42519  1.000 62.55000  ? 228 GLN A NE2  1 
ATOM   562  N N    . THR A 1 90  ? -10.89494 -14.31831 -3.17926  1.000 50.23000  ? 229 THR A N    1 
ATOM   563  C CA   . THR A 1 90  ? -10.27517 -15.57687 -3.56346  1.000 51.77000  ? 229 THR A CA   1 
ATOM   564  C C    . THR A 1 90  ? -10.43657 -15.81562 -5.05778  1.000 58.47000  ? 229 THR A C    1 
ATOM   565  O O    . THR A 1 90  ? -11.43999 -15.43174 -5.66318  1.000 59.63000  ? 229 THR A O    1 
ATOM   566  C CB   . THR A 1 90  ? -10.87514 -16.76218 -2.78744  1.000 55.71000  ? 229 THR A CB   1 
ATOM   567  O OG1  . THR A 1 90  ? -12.29544 -16.79498 -2.97967  1.000 73.24000  ? 229 THR A OG1  1 
ATOM   568  C CG2  . THR A 1 90  ? -10.57313 -16.64030 -1.29925  1.000 55.49000  ? 229 THR A CG2  1 
ATOM   569  N N    . GLY A 1 91  ? -9.42513  -16.44742 -5.64717  1.000 54.93000  ? 230 GLY A N    1 
ATOM   570  C CA   . GLY A 1 91  ? -9.45575  -16.82975 -7.04471  1.000 50.44000  ? 230 GLY A CA   1 
ATOM   571  C C    . GLY A 1 91  ? -8.38709  -17.84745 -7.39048  1.000 53.24000  ? 230 GLY A C    1 
ATOM   572  O O    . GLY A 1 91  ? -7.32185  -17.87166 -6.76728  1.000 52.41000  ? 230 GLY A O    1 
ATOM   573  N N    . ASP A 1 92  ? -8.65541  -18.69363 -8.38168  1.000 52.08000  ? 231 ASP A N    1 
ATOM   574  C CA   . ASP A 1 92  ? -7.68468  -19.69214 -8.81067  1.000 55.48000  ? 231 ASP A CA   1 
ATOM   575  C C    . ASP A 1 92  ? -6.65181  -19.02290 -9.70576  1.000 54.78000  ? 231 ASP A C    1 
ATOM   576  O O    . ASP A 1 92  ? -7.00227  -18.42412 -10.72801 1.000 68.87000  ? 231 ASP A O    1 
ATOM   577  C CB   . ASP A 1 92  ? -8.38031  -20.83646 -9.54104  1.000 62.85000  ? 231 ASP A CB   1 
ATOM   578  C CG   . ASP A 1 92  ? -9.49736  -21.45021 -8.72508  1.000 59.97000  ? 231 ASP A CG   1 
ATOM   579  O OD1  . ASP A 1 92  ? -9.38156  -21.48082 -7.48213  1.000 55.50000  ? 231 ASP A OD1  1 
ATOM   580  O OD2  . ASP A 1 92  ? -10.49369 -21.89787 -9.32798  1.000 53.67000  ? 231 ASP A OD2  1 
ATOM   581  N N    . ARG A 1 93  ? -5.38009  -19.12116 -9.32313  1.000 49.39000  ? 232 ARG A N    1 
ATOM   582  C CA   . ARG A 1 93  ? -4.30924  -18.42130 -10.02273 1.000 54.53000  ? 232 ARG A CA   1 
ATOM   583  C C    . ARG A 1 93  ? -3.06050  -19.28766 -10.05875 1.000 57.94000  ? 232 ARG A C    1 
ATOM   584  O O    . ARG A 1 93  ? -2.53765  -19.66843 -9.00639  1.000 53.05000  ? 232 ARG A O    1 
ATOM   585  C CB   . ARG A 1 93  ? -4.00886  -17.07746 -9.35344  1.000 50.95000  ? 232 ARG A CB   1 
ATOM   586  C CG   . ARG A 1 93  ? -5.05899  -16.01839 -9.62580  1.000 58.82000  ? 232 ARG A CG   1 
ATOM   587  C CD   . ARG A 1 93  ? -4.68054  -14.70048 -8.98965  1.000 51.31000  ? 232 ARG A CD   1 
ATOM   588  N NE   . ARG A 1 93  ? -3.24778  -14.44167 -9.07652  1.000 50.08000  ? 232 ARG A NE   1 
ATOM   589  C CZ   . ARG A 1 93  ? -2.62638  -14.00828 -10.16572 1.000 52.38000  ? 232 ARG A CZ   1 
ATOM   590  N NH1  . ARG A 1 93  ? -3.27848  -13.80191 -11.29775 1.000 57.72000  ? 232 ARG A NH1  1 
ATOM   591  N NH2  . ARG A 1 93  ? -1.31690  -13.77946 -10.11728 1.000 53.81000  ? 232 ARG A NH2  1 
ATOM   592  N N    . ALA A 1 94  ? -2.58910  -19.58487 -11.27201 1.000 60.73000  ? 233 ALA A N    1 
ATOM   593  C CA   . ALA A 1 94  ? -1.33367  -20.30690 -11.49170 1.000 56.52000  ? 233 ALA A CA   1 
ATOM   594  C C    . ALA A 1 94  ? -1.32748  -21.65944 -10.78444 1.000 57.56000  ? 233 ALA A C    1 
ATOM   595  O O    . ALA A 1 94  ? -0.31136  -22.08866 -10.23640 1.000 55.44000  ? 233 ALA A O    1 
ATOM   596  C CB   . ALA A 1 94  ? -0.13140  -19.46206 -11.06308 1.000 55.72000  ? 233 ALA A CB   1 
ATOM   597  N N    . GLY A 1 95  ? -2.47207  -22.34175 -10.79855 1.000 52.94000  ? 234 GLY A N    1 
ATOM   598  C CA   . GLY A 1 95  ? -2.57576  -23.67095 -10.23761 1.000 58.19000  ? 234 GLY A CA   1 
ATOM   599  C C    . GLY A 1 95  ? -2.94785  -23.73129 -8.77103  1.000 60.04000  ? 234 GLY A C    1 
ATOM   600  O O    . GLY A 1 95  ? -3.14756  -24.83319 -8.24612  1.000 66.72000  ? 234 GLY A O    1 
ATOM   601  N N    . ILE A 1 96  ? -3.04353  -22.59620 -8.08805  1.000 56.03000  ? 235 ILE A N    1 
ATOM   602  C CA   . ILE A 1 96  ? -3.40062  -22.55589 -6.67379  1.000 54.46000  ? 235 ILE A CA   1 
ATOM   603  C C    . ILE A 1 96  ? -4.89981  -22.30311 -6.56509  1.000 57.60000  ? 235 ILE A C    1 
ATOM   604  O O    . ILE A 1 96  ? -5.41269  -21.30886 -7.09276  1.000 59.39000  ? 235 ILE A O    1 
ATOM   605  C CB   . ILE A 1 96  ? -2.59967  -21.48075 -5.92105  1.000 51.04000  ? 235 ILE A CB   1 
ATOM   606  C CG1  . ILE A 1 96  ? -1.10759  -21.81456 -5.94285  1.000 46.11000  ? 235 ILE A CG1  1 
ATOM   607  C CG2  . ILE A 1 96  ? -3.09426  -21.35578 -4.48975  1.000 54.27000  ? 235 ILE A CG2  1 
ATOM   608  C CD1  . ILE A 1 96  ? -0.25585  -20.84244 -5.15269  1.000 38.53000  ? 235 ILE A CD1  1 
ATOM   609  N N    . LYS A 1 97  ? -5.60317  -23.19865 -5.87513  1.000 59.17000  ? 236 LYS A N    1 
ATOM   610  C CA   . LYS A 1 97  ? -7.04172  -23.06062 -5.68068  1.000 59.38000  ? 236 LYS A CA   1 
ATOM   611  C C    . LYS A 1 97  ? -7.34095  -22.00939 -4.61890  1.000 57.27000  ? 236 LYS A C    1 
ATOM   612  O O    . LYS A 1 97  ? -6.82606  -22.08282 -3.49892  1.000 55.72000  ? 236 LYS A O    1 
ATOM   613  C CB   . LYS A 1 97  ? -7.66198  -24.39773 -5.27327  1.000 58.16000  ? 236 LYS A CB   1 
ATOM   614  C CG   . LYS A 1 97  ? -8.39914  -25.09903 -6.39486  1.000 62.88000  ? 236 LYS A CG   1 
ATOM   615  C CD   . LYS A 1 97  ? -7.46770  -25.32972 -7.56551  1.000 61.23000  ? 236 LYS A CD   1 
ATOM   616  C CE   . LYS A 1 97  ? -8.20273  -25.81743 -8.79637  1.000 59.17000  ? 236 LYS A CE   1 
ATOM   617  N NZ   . LYS A 1 97  ? -7.21959  -26.09311 -9.88000  1.000 65.61000  ? 236 LYS A NZ   1 
ATOM   618  N N    . ASP A 1 98  ? -8.18751  -21.04073 -4.97483  1.000 62.18000  ? 237 ASP A N    1 
ATOM   619  C CA   . ASP A 1 98  ? -8.68499  -20.02245 -4.04723  1.000 53.21000  ? 237 ASP A CA   1 
ATOM   620  C C    . ASP A 1 98  ? -7.54544  -19.32107 -3.30940  1.000 52.02000  ? 237 ASP A C    1 
ATOM   621  O O    . ASP A 1 98  ? -7.49521  -19.28610 -2.07718  1.000 55.01000  ? 237 ASP A O    1 
ATOM   622  C CB   . ASP A 1 98  ? -9.68309  -20.62713 -3.05885  1.000 48.87000  ? 237 ASP A CB   1 
ATOM   623  C CG   . ASP A 1 98  ? -10.87672 -21.25291 -3.74786  1.000 59.74000  ? 237 ASP A CG   1 
ATOM   624  O OD1  . ASP A 1 98  ? -10.94519 -21.18577 -4.99364  1.000 58.38000  ? 237 ASP A OD1  1 
ATOM   625  O OD2  . ASP A 1 98  ? -11.74537 -21.81439 -3.04740  1.000 71.37000  ? 237 ASP A OD2  1 
ATOM   626  N N    . ARG A 1 99  ? -6.61260  -18.76593 -4.07907  1.000 54.68000  ? 238 ARG A N    1 
ATOM   627  C CA   . ARG A 1 99  ? -5.56543  -17.94120 -3.49226  1.000 51.17000  ? 238 ARG A CA   1 
ATOM   628  C C    . ARG A 1 99  ? -6.18990  -16.71718 -2.83024  1.000 56.54000  ? 238 ARG A C    1 
ATOM   629  O O    . ARG A 1 99  ? -7.01968  -16.02805 -3.43008  1.000 59.32000  ? 238 ARG A O    1 
ATOM   630  C CB   . ARG A 1 99  ? -4.55903  -17.52519 -4.56455  1.000 41.93000  ? 238 ARG A CB   1 
ATOM   631  C CG   . ARG A 1 99  ? -3.44482  -16.62809 -4.06288  1.000 49.65000  ? 238 ARG A CG   1 
ATOM   632  C CD   . ARG A 1 99  ? -2.39337  -16.41399 -5.13725  1.000 39.96000  ? 238 ARG A CD   1 
ATOM   633  N NE   . ARG A 1 99  ? -1.46770  -15.34371 -4.78832  1.000 39.26000  ? 238 ARG A NE   1 
ATOM   634  C CZ   . ARG A 1 99  ? -0.43497  -14.97367 -5.53356  1.000 46.96000  ? 238 ARG A CZ   1 
ATOM   635  N NH1  . ARG A 1 99  ? -0.15177  -15.58060 -6.67494  1.000 45.48000  ? 238 ARG A NH1  1 
ATOM   636  N NH2  . ARG A 1 99  ? 0.33436   -13.96950 -5.12209  1.000 47.36000  ? 238 ARG A NH2  1 
ATOM   637  N N    . VAL A 1 100 ? -5.78216  -16.44439 -1.59324  1.000 51.62000  ? 239 VAL A N    1 
ATOM   638  C CA   . VAL A 1 100 ? -6.48223  -15.50705 -0.72213  1.000 56.82000  ? 239 VAL A CA   1 
ATOM   639  C C    . VAL A 1 100 ? -5.84295  -14.13033 -0.82782  1.000 56.54000  ? 239 VAL A C    1 
ATOM   640  O O    . VAL A 1 100 ? -4.62932  -13.97846 -0.63447  1.000 55.76000  ? 239 VAL A O    1 
ATOM   641  C CB   . VAL A 1 100 ? -6.48426  -15.99945 0.73436   1.000 62.87000  ? 239 VAL A CB   1 
ATOM   642  C CG1  . VAL A 1 100 ? -7.13056  -14.96554 1.64463   1.000 67.01000  ? 239 VAL A CG1  1 
ATOM   643  C CG2  . VAL A 1 100 ? -7.20560  -17.33464 0.84194   1.000 66.49000  ? 239 VAL A CG2  1 
ATOM   644  N N    . TYR A 1 101 ? -6.66487  -13.12807 -1.13516  1.000 63.46000  ? 240 TYR A N    1 
ATOM   645  C CA   . TYR A 1 101 ? -6.27882  -11.72194 -1.11128  1.000 51.02000  ? 240 TYR A CA   1 
ATOM   646  C C    . TYR A 1 101 ? -7.07312  -11.04656 -0.00048  1.000 52.79000  ? 240 TYR A C    1 
ATOM   647  O O    . TYR A 1 101 ? -8.29954  -10.92907 -0.09363  1.000 63.11000  ? 240 TYR A O    1 
ATOM   648  C CB   . TYR A 1 101 ? -6.55004  -11.05467 -2.45746  1.000 43.15000  ? 240 TYR A CB   1 
ATOM   649  C CG   . TYR A 1 101 ? -5.70781  -11.58252 -3.59444  1.000 54.93000  ? 240 TYR A CG   1 
ATOM   650  C CD1  . TYR A 1 101 ? -6.07407  -12.73015 -4.28623  1.000 62.83000  ? 240 TYR A CD1  1 
ATOM   651  C CD2  . TYR A 1 101 ? -4.54941  -10.92570 -3.98287  1.000 52.40000  ? 240 TYR A CD2  1 
ATOM   652  C CE1  . TYR A 1 101 ? -5.30287  -13.21314 -5.32903  1.000 53.73000  ? 240 TYR A CE1  1 
ATOM   653  C CE2  . TYR A 1 101 ? -3.77295  -11.39920 -5.01910  1.000 53.08000  ? 240 TYR A CE2  1 
ATOM   654  C CZ   . TYR A 1 101 ? -4.15277  -12.54122 -5.69004  1.000 52.64000  ? 240 TYR A CZ   1 
ATOM   655  O OH   . TYR A 1 101 ? -3.37554  -13.00806 -6.72343  1.000 59.00000  ? 240 TYR A OH   1 
ATOM   656  N N    . SER A 1 102 ? -6.38030  -10.60386 1.04584   1.000 39.32000  ? 241 SER A N    1 
ATOM   657  C CA   . SER A 1 102 ? -7.02188  -9.94071  2.17127   1.000 43.75000  ? 241 SER A CA   1 
ATOM   658  C C    . SER A 1 102 ? -6.28106  -8.65167  2.49507   1.000 52.91000  ? 241 SER A C    1 
ATOM   659  O O    . SER A 1 102 ? -5.06569  -8.55013  2.30830   1.000 46.22000  ? 241 SER A O    1 
ATOM   660  C CB   . SER A 1 102 ? -7.06679  -10.84350 3.41114   1.000 55.29000  ? 241 SER A CB   1 
ATOM   661  O OG   . SER A 1 102 ? -5.76999  -11.04383 3.94574   1.000 67.91000  ? 241 SER A OG   1 
ATOM   662  N N    . ASN A 1 103 ? -7.02964  -7.66625  2.98395   1.000 52.72000  ? 242 ASN A N    1 
ATOM   663  C CA   . ASN A 1 103 ? -6.48113  -6.36365  3.32513   1.000 45.75000  ? 242 ASN A CA   1 
ATOM   664  C C    . ASN A 1 103 ? -6.94716  -5.96290  4.71768   1.000 51.17000  ? 242 ASN A C    1 
ATOM   665  O O    . ASN A 1 103 ? -8.04205  -6.32925  5.15288   1.000 54.08000  ? 242 ASN A O    1 
ATOM   666  C CB   . ASN A 1 103 ? -6.89402  -5.29951  2.29853   1.000 38.51000  ? 242 ASN A CB   1 
ATOM   667  C CG   . ASN A 1 103 ? -6.62771  -5.73341  0.86941   1.000 45.88000  ? 242 ASN A CG   1 
ATOM   668  O OD1  . ASN A 1 103 ? -7.48325  -6.34044  0.22337   1.000 49.16000  ? 242 ASN A OD1  1 
ATOM   669  N ND2  . ASN A 1 103 ? -5.43663  -5.42549  0.36846   1.000 56.39000  ? 242 ASN A ND2  1 
ATOM   670  N N    . SER A 1 104 ? -6.10386  -5.20524  5.41326   1.000 53.15000  ? 243 SER A N    1 
ATOM   671  C CA   . SER A 1 104 ? -6.36264  -4.79422  6.78589   1.000 56.86000  ? 243 SER A CA   1 
ATOM   672  C C    . SER A 1 104 ? -6.82312  -3.34305  6.83122   1.000 61.04000  ? 243 SER A C    1 
ATOM   673  O O    . SER A 1 104 ? -6.32351  -2.49726  6.08168   1.000 58.20000  ? 243 SER A O    1 
ATOM   674  C CB   . SER A 1 104 ? -5.11282  -4.96845  7.65081   1.000 55.34000  ? 243 SER A CB   1 
ATOM   675  O OG   . SER A 1 104 ? -4.64353  -6.30503  7.61405   1.000 55.36000  ? 243 SER A OG   1 
ATOM   676  N N    . ILE A 1 105 ? -7.77612  -3.06207  7.71755   1.000 56.92000  ? 244 ILE A N    1 
ATOM   677  C CA   . ILE A 1 105 ? -8.31836  -1.71967  7.90949   1.000 66.21000  ? 244 ILE A CA   1 
ATOM   678  C C    . ILE A 1 105 ? -7.71819  -1.13874  9.18201   1.000 62.02000  ? 244 ILE A C    1 
ATOM   679  O O    . ILE A 1 105 ? -7.64335  -1.82095  10.21126  1.000 55.55000  ? 244 ILE A O    1 
ATOM   680  C CB   . ILE A 1 105 ? -9.85450  -1.74399  7.98138   1.000 63.73000  ? 244 ILE A CB   1 
ATOM   681  C CG1  . ILE A 1 105 ? -10.43526 -2.46233  6.76294   1.000 60.25000  ? 244 ILE A CG1  1 
ATOM   682  C CG2  . ILE A 1 105 ? -10.40926 -0.33393  8.06682   1.000 60.02000  ? 244 ILE A CG2  1 
ATOM   683  C CD1  . ILE A 1 105 ? -11.94467 -2.55546  6.77478   1.000 61.20000  ? 244 ILE A CD1  1 
ATOM   684  N N    . TYR A 1 106 ? -7.28325  0.11591   9.11734   1.000 57.81000  ? 245 TYR A N    1 
ATOM   685  C CA   . TYR A 1 106 ? -6.58702  0.75961   10.22145  1.000 58.90000  ? 245 TYR A CA   1 
ATOM   686  C C    . TYR A 1 106 ? -7.29250  2.04456   10.63205  1.000 62.30000  ? 245 TYR A C    1 
ATOM   687  O O    . TYR A 1 106 ? -7.76713  2.80719   9.78323   1.000 62.49000  ? 245 TYR A O    1 
ATOM   688  C CB   . TYR A 1 106 ? -5.12813  1.06566   9.85141   1.000 60.73000  ? 245 TYR A CB   1 
ATOM   689  C CG   . TYR A 1 106 ? -4.25346  -0.16546  9.75534   1.000 63.91000  ? 245 TYR A CG   1 
ATOM   690  C CD1  . TYR A 1 106 ? -4.14501  -0.87412  8.56512   1.000 62.20000  ? 245 TYR A CD1  1 
ATOM   691  C CD2  . TYR A 1 106 ? -3.53965  -0.62291  10.85586  1.000 62.37000  ? 245 TYR A CD2  1 
ATOM   692  C CE1  . TYR A 1 106 ? -3.34926  -2.00157  8.47373   1.000 54.94000  ? 245 TYR A CE1  1 
ATOM   693  C CE2  . TYR A 1 106 ? -2.74146  -1.75033  10.77358  1.000 56.01000  ? 245 TYR A CE2  1 
ATOM   694  C CZ   . TYR A 1 106 ? -2.64924  -2.43513  9.58116   1.000 55.16000  ? 245 TYR A CZ   1 
ATOM   695  O OH   . TYR A 1 106 ? -1.85585  -3.55766  9.49368   1.000 68.64000  ? 245 TYR A OH   1 
ATOM   696  N N    . GLU A 1 107 ? -7.36907  2.27001   11.94120  1.000 61.65000  ? 246 GLU A N    1 
ATOM   697  C CA   . GLU A 1 107 ? -7.82925  3.53273   12.50242  1.000 55.38000  ? 246 GLU A CA   1 
ATOM   698  C C    . GLU A 1 107 ? -6.61765  4.39301   12.83357  1.000 60.73000  ? 246 GLU A C    1 
ATOM   699  O O    . GLU A 1 107 ? -5.68738  3.93244   13.50284  1.000 68.26000  ? 246 GLU A O    1 
ATOM   700  C CB   . GLU A 1 107 ? -8.67206  3.31079   13.75936  1.000 59.81000  ? 246 GLU A CB   1 
ATOM   701  C CG   . GLU A 1 107 ? -10.08292 2.82098   13.49676  1.000 71.77000  ? 246 GLU A CG   1 
ATOM   702  C CD   . GLU A 1 107 ? -10.87280 2.62860   14.77759  1.000 83.48000  ? 246 GLU A CD   1 
ATOM   703  O OE1  . GLU A 1 107 ? -10.25769 2.28244   15.80983  1.000 80.03000  ? 246 GLU A OE1  1 
ATOM   704  O OE2  . GLU A 1 107 ? -12.10620 2.83036   14.75463  1.000 79.85000  ? 246 GLU A OE2  1 
ATOM   705  N N    . LEU A 1 108 ? -6.63215  5.63687   12.36627  1.000 57.69000  ? 247 LEU A N    1 
ATOM   706  C CA   . LEU A 1 108 ? -5.51590  6.55690   12.55015  1.000 64.49000  ? 247 LEU A CA   1 
ATOM   707  C C    . LEU A 1 108 ? -5.86583  7.53636   13.66549  1.000 63.27000  ? 247 LEU A C    1 
ATOM   708  O O    . LEU A 1 108 ? -6.79770  8.33658   13.53217  1.000 60.44000  ? 247 LEU A O    1 
ATOM   709  C CB   . LEU A 1 108 ? -5.20000  7.28401   11.24645  1.000 59.42000  ? 247 LEU A CB   1 
ATOM   710  C CG   . LEU A 1 108 ? -4.75002  6.35926   10.11420  1.000 63.89000  ? 247 LEU A CG   1 
ATOM   711  C CD1  . LEU A 1 108 ? -5.68286  6.46095   8.91687   1.000 64.42000  ? 247 LEU A CD1  1 
ATOM   712  C CD2  . LEU A 1 108 ? -3.31636  6.66869   9.71393   1.000 67.67000  ? 247 LEU A CD2  1 
ATOM   713  N N    . LEU A 1 109 ? -5.11614  7.46881   14.76158  1.000 57.28000  ? 248 LEU A N    1 
ATOM   714  C CA   . LEU A 1 109 ? -5.35124  8.31515   15.91945  1.000 58.81000  ? 248 LEU A CA   1 
ATOM   715  C C    . LEU A 1 109 ? -4.64055  9.65346   15.77158  1.000 61.67000  ? 248 LEU A C    1 
ATOM   716  O O    . LEU A 1 109 ? -3.61026  9.76461   15.10105  1.000 58.17000  ? 248 LEU A O    1 
ATOM   717  C CB   . LEU A 1 109 ? -4.87913  7.62526   17.19956  1.000 58.72000  ? 248 LEU A CB   1 
ATOM   718  C CG   . LEU A 1 109 ? -5.65757  6.38991   17.64838  1.000 63.00000  ? 248 LEU A CG   1 
ATOM   719  C CD1  . LEU A 1 109 ? -5.09267  5.86582   18.95629  1.000 70.79000  ? 248 LEU A CD1  1 
ATOM   720  C CD2  . LEU A 1 109 ? -7.13191  6.71901   17.79351  1.000 61.52000  ? 248 LEU A CD2  1 
ATOM   721  N N    . GLU A 1 110 ? -5.20688  10.67566  16.41013  1.000 63.12000  ? 249 GLU A N    1 
ATOM   722  C CA   . GLU A 1 110 ? -4.60613  12.00658  16.44934  1.000 60.87000  ? 249 GLU A CA   1 
ATOM   723  C C    . GLU A 1 110 ? -4.93561  12.63029  17.79809  1.000 61.44000  ? 249 GLU A C    1 
ATOM   724  O O    . GLU A 1 110 ? -6.10491  12.90994  18.07967  1.000 60.24000  ? 249 GLU A O    1 
ATOM   725  C CB   . GLU A 1 110 ? -5.11456  12.88242  15.30413  1.000 60.53000  ? 249 GLU A CB   1 
ATOM   726  C CG   . GLU A 1 110 ? -4.42655  14.23459  15.20882  1.000 60.98000  ? 249 GLU A CG   1 
ATOM   727  C CD   . GLU A 1 110 ? -4.92804  15.06702  14.04411  1.000 80.98000  ? 249 GLU A CD   1 
ATOM   728  O OE1  . GLU A 1 110 ? -6.16115  15.18505  13.87868  1.000 85.47000  ? 249 GLU A OE1  1 
ATOM   729  O OE2  . GLU A 1 110 ? -4.08695  15.59882  13.28912  1.000 87.73000  ? 249 GLU A OE2  1 
ATOM   730  N N    . ASN A 1 111 ? -3.90848  12.84898  18.62241  1.000 63.53000  ? 250 ASN A N    1 
ATOM   731  C CA   . ASN A 1 111 ? -4.07681  13.41363  19.96228  1.000 64.70000  ? 250 ASN A CA   1 
ATOM   732  C C    . ASN A 1 111 ? -5.07127  12.59856  20.78379  1.000 63.84000  ? 250 ASN A C    1 
ATOM   733  O O    . ASN A 1 111 ? -5.89955  13.13982  21.51928  1.000 68.41000  ? 250 ASN A O    1 
ATOM   734  C CB   . ASN A 1 111 ? -4.49984  14.88247  19.89051  1.000 63.28000  ? 250 ASN A CB   1 
ATOM   735  C CG   . ASN A 1 111 ? -3.32711  15.83310  20.01470  1.000 74.42000  ? 250 ASN A CG   1 
ATOM   736  O OD1  . ASN A 1 111 ? -2.46984  15.66793  20.88320  1.000 71.02000  ? 250 ASN A OD1  1 
ATOM   737  N ND2  . ASN A 1 111 ? -3.28064  16.83553  19.14480  1.000 68.05000  ? 250 ASN A ND2  1 
ATOM   738  N N    . GLY A 1 112 ? -4.98605  11.27619  20.65635  1.000 69.82000  ? 251 GLY A N    1 
ATOM   739  C CA   . GLY A 1 112 ? -5.90205  10.39611  21.34829  1.000 70.67000  ? 251 GLY A CA   1 
ATOM   740  C C    . GLY A 1 112 ? -7.29381  10.33571  20.76429  1.000 65.06000  ? 251 GLY A C    1 
ATOM   741  O O    . GLY A 1 112 ? -8.20321  9.82497   21.42777  1.000 65.04000  ? 251 GLY A O    1 
ATOM   742  N N    . GLN A 1 113 ? -7.49257  10.84213  19.55056  1.000 61.07000  ? 252 GLN A N    1 
ATOM   743  C CA   . GLN A 1 113 ? -8.80005  10.87550  18.91172  1.000 60.45000  ? 252 GLN A CA   1 
ATOM   744  C C    . GLN A 1 113 ? -8.75478  10.10722  17.59871  1.000 61.05000  ? 252 GLN A C    1 
ATOM   745  O O    . GLN A 1 113 ? -7.78217  10.20338  16.84470  1.000 62.08000  ? 252 GLN A O    1 
ATOM   746  C CB   . GLN A 1 113 ? -9.25192  12.31813  18.65133  1.000 53.53000  ? 252 GLN A CB   1 
ATOM   747  C CG   . GLN A 1 113 ? -9.36621  13.18100  19.89890  1.000 57.84000  ? 252 GLN A CG   1 
ATOM   748  C CD   . GLN A 1 113 ? -10.54475 12.79810  20.77118  1.000 63.11000  ? 252 GLN A CD   1 
ATOM   749  O OE1  . GLN A 1 113 ? -11.45338 12.09238  20.33317  1.000 63.81000  ? 252 GLN A OE1  1 
ATOM   750  N NE2  . GLN A 1 113 ? -10.53689 13.26234  22.01509  1.000 65.87000  ? 252 GLN A NE2  1 
ATOM   751  N N    . ARG A 1 114 ? -9.81500  9.35008   17.32969  1.000 58.15000  ? 253 ARG A N    1 
ATOM   752  C CA   . ARG A 1 114 ? -9.94076  8.63897   16.06191  1.000 54.80000  ? 253 ARG A CA   1 
ATOM   753  C C    . ARG A 1 114 ? -10.21954 9.64611   14.95302  1.000 53.93000  ? 253 ARG A C    1 
ATOM   754  O O    . ARG A 1 114 ? -11.32639 10.18602  14.85737  1.000 57.83000  ? 253 ARG A O    1 
ATOM   755  C CB   . ARG A 1 114 ? -11.04788 7.59332   16.15287  1.000 54.20000  ? 253 ARG A CB   1 
ATOM   756  C CG   . ARG A 1 114 ? -10.65095 6.34562   16.92558  1.000 66.75000  ? 253 ARG A CG   1 
ATOM   757  C CD   . ARG A 1 114 ? -11.85634 5.53081   17.37465  1.000 71.24000  ? 253 ARG A CD   1 
ATOM   758  N NE   . ARG A 1 114 ? -12.80126 5.27469   16.29389  1.000 79.87000  ? 253 ARG A NE   1 
ATOM   759  C CZ   . ARG A 1 114 ? -13.99243 5.84809   16.18968  1.000 81.31000  ? 253 ARG A CZ   1 
ATOM   760  N NH1  . ARG A 1 114 ? -14.42415 6.71294   17.09203  1.000 77.35000  ? 253 ARG A NH1  1 
ATOM   761  N NH2  . ARG A 1 114 ? -14.77152 5.54347   15.15637  1.000 81.19000  ? 253 ARG A NH2  1 
ATOM   762  N N    . ALA A 1 115 ? -9.21495  9.90699   14.11932  1.000 49.15000  ? 254 ALA A N    1 
ATOM   763  C CA   . ALA A 1 115 ? -9.30224  10.93201  13.08887  1.000 55.13000  ? 254 ALA A CA   1 
ATOM   764  C C    . ALA A 1 115 ? -9.68086  10.38373  11.71932  1.000 56.22000  ? 254 ALA A C    1 
ATOM   765  O O    . ALA A 1 115 ? -9.79681  11.16383  10.76935  1.000 58.98000  ? 254 ALA A O    1 
ATOM   766  C CB   . ALA A 1 115 ? -7.97608  11.69220  12.98940  1.000 63.28000  ? 254 ALA A CB   1 
ATOM   767  N N    . GLY A 1 116 ? -9.87247  9.07806   11.58812  1.000 55.40000  ? 255 GLY A N    1 
ATOM   768  C CA   . GLY A 1 116 ? -10.25443 8.51395   10.30863  1.000 66.58000  ? 255 GLY A CA   1 
ATOM   769  C C    . GLY A 1 116 ? -10.07809 7.01407   10.30287  1.000 63.80000  ? 255 GLY A C    1 
ATOM   770  O O    . GLY A 1 116 ? -9.53347  6.41729   11.23631  1.000 69.05000  ? 255 GLY A O    1 
ATOM   771  N N    . THR A 1 117 ? -10.55580 6.40916   9.21731   1.000 67.49000  ? 256 THR A N    1 
ATOM   772  C CA   . THR A 1 117 ? -10.48414 4.96456   9.03893   1.000 62.95000  ? 256 THR A CA   1 
ATOM   773  C C    . THR A 1 117 ? -10.35570 4.66485   7.55282   1.000 68.92000  ? 256 THR A C    1 
ATOM   774  O O    . THR A 1 117 ? -11.11485 5.20822   6.74445   1.000 75.43000  ? 256 THR A O    1 
ATOM   775  C CB   . THR A 1 117 ? -11.72489 4.27240   9.61713   1.000 66.24000  ? 256 THR A CB   1 
ATOM   776  O OG1  . THR A 1 117 ? -11.92476 4.69819   10.97140  1.000 63.22000  ? 256 THR A OG1  1 
ATOM   777  C CG2  . THR A 1 117 ? -11.55555 2.76295   9.58924   1.000 73.10000  ? 256 THR A CG2  1 
ATOM   778  N N    . CYS A 1 118 ? -9.40322  3.80518   7.19839   1.000 68.84000  ? 257 CYS A N    1 
ATOM   779  C CA   . CYS A 1 118 ? -9.17441  3.47126   5.79973   1.000 69.41000  ? 257 CYS A CA   1 
ATOM   780  C C    . CYS A 1 118 ? -8.43378  2.14594   5.71368   1.000 65.58000  ? 257 CYS A C    1 
ATOM   781  O O    . CYS A 1 118 ? -7.88175  1.65471   6.70151   1.000 62.36000  ? 257 CYS A O    1 
ATOM   782  C CB   . CYS A 1 118 ? -8.37871  4.56807   5.08347   1.000 67.51000  ? 257 CYS A CB   1 
ATOM   783  S SG   . CYS A 1 118 ? -6.63946  4.66056   5.56192   1.000 62.98000  ? 257 CYS A SG   1 
ATOM   784  N N    . VAL A 1 119 ? -8.43568  1.57262   4.51462   1.000 66.70000  ? 258 VAL A N    1 
ATOM   785  C CA   . VAL A 1 119 ? -7.62416  0.39601   4.22514   1.000 59.74000  ? 258 VAL A CA   1 
ATOM   786  C C    . VAL A 1 119 ? -6.21453  0.86887   3.89727   1.000 50.69000  ? 258 VAL A C    1 
ATOM   787  O O    . VAL A 1 119 ? -6.00502  1.60321   2.92562   1.000 49.33000  ? 258 VAL A O    1 
ATOM   788  C CB   . VAL A 1 119 ? -8.21989  -0.42147  3.07096   1.000 62.12000  ? 258 VAL A CB   1 
ATOM   789  C CG1  . VAL A 1 119 ? -7.47855  -1.73884  2.91928   1.000 55.37000  ? 258 VAL A CG1  1 
ATOM   790  C CG2  . VAL A 1 119 ? -9.70628  -0.65949  3.30043   1.000 66.66000  ? 258 VAL A CG2  1 
ATOM   791  N N    . LEU A 1 120 ? -5.24543  0.45370   4.70710   1.000 57.37000  ? 259 LEU A N    1 
ATOM   792  C CA   . LEU A 1 120 ? -3.88616  0.96566   4.62515   1.000 46.22000  ? 259 LEU A CA   1 
ATOM   793  C C    . LEU A 1 120 ? -2.89801  -0.18925  4.62527   1.000 49.11000  ? 259 LEU A C    1 
ATOM   794  O O    . LEU A 1 120 ? -3.05696  -1.15443  5.37892   1.000 54.49000  ? 259 LEU A O    1 
ATOM   795  C CB   . LEU A 1 120 ? -3.58362  1.90865   5.79540   1.000 48.51000  ? 259 LEU A CB   1 
ATOM   796  C CG   . LEU A 1 120 ? -2.23391  2.62684   5.79138   1.000 55.69000  ? 259 LEU A CG   1 
ATOM   797  C CD1  . LEU A 1 120 ? -2.10335  3.50073   4.55739   1.000 55.54000  ? 259 LEU A CD1  1 
ATOM   798  C CD2  . LEU A 1 120 ? -2.07300  3.45238   7.05770   1.000 52.36000  ? 259 LEU A CD2  1 
ATOM   799  N N    . GLU A 1 121 ? -1.87881  -0.08473  3.77523   1.000 49.77000  ? 260 GLU A N    1 
ATOM   800  C CA   . GLU A 1 121 ? -0.84889  -1.10930  3.69644   1.000 43.22000  ? 260 GLU A CA   1 
ATOM   801  C C    . GLU A 1 121 ? 0.36720   -0.53802  2.98522   1.000 50.56000  ? 260 GLU A C    1 
ATOM   802  O O    . GLU A 1 121 ? 0.26981   0.43089   2.22653   1.000 56.04000  ? 260 GLU A O    1 
ATOM   803  C CB   . GLU A 1 121 ? -1.35597  -2.35634  2.96647   1.000 44.44000  ? 260 GLU A CB   1 
ATOM   804  C CG   . GLU A 1 121 ? -1.62132  -2.13069  1.49233   1.000 42.96000  ? 260 GLU A CG   1 
ATOM   805  C CD   . GLU A 1 121 ? -2.30446  -3.31193  0.83973   1.000 46.59000  ? 260 GLU A CD   1 
ATOM   806  O OE1  . GLU A 1 121 ? -3.03185  -4.04279  1.54217   1.000 48.86000  ? 260 GLU A OE1  1 
ATOM   807  O OE2  . GLU A 1 121 ? -2.11034  -3.51113  -0.37624  1.000 40.10000  ? 260 GLU A OE2  1 
ATOM   808  N N    . TYR A 1 122 ? 1.51679   -1.15227  3.24470   1.000 52.98000  ? 261 TYR A N    1 
ATOM   809  C CA   . TYR A 1 122 ? 2.72931   -0.82190  2.51888   1.000 47.56000  ? 261 TYR A CA   1 
ATOM   810  C C    . TYR A 1 122 ? 2.70948   -1.46692  1.13589   1.000 45.56000  ? 261 TYR A C    1 
ATOM   811  O O    . TYR A 1 122 ? 1.89327   -2.34095  0.83565   1.000 55.19000  ? 261 TYR A O    1 
ATOM   812  C CB   . TYR A 1 122 ? 3.96461   -1.28576  3.28648   1.000 48.92000  ? 261 TYR A CB   1 
ATOM   813  C CG   . TYR A 1 122 ? 4.38202   -0.39035  4.43081   1.000 48.47000  ? 261 TYR A CG   1 
ATOM   814  C CD1  . TYR A 1 122 ? 5.07047   0.79272   4.19384   1.000 46.90000  ? 261 TYR A CD1  1 
ATOM   815  C CD2  . TYR A 1 122 ? 4.11286   -0.73811  5.74762   1.000 44.81000  ? 261 TYR A CD2  1 
ATOM   816  C CE1  . TYR A 1 122 ? 5.46243   1.61361   5.23538   1.000 49.01000  ? 261 TYR A CE1  1 
ATOM   817  C CE2  . TYR A 1 122 ? 4.50307   0.07554   6.79569   1.000 47.62000  ? 261 TYR A CE2  1 
ATOM   818  C CZ   . TYR A 1 122 ? 5.17686   1.25106   6.53326   1.000 51.66000  ? 261 TYR A CZ   1 
ATOM   819  O OH   . TYR A 1 122 ? 5.56989   2.06764   7.57091   1.000 49.09000  ? 261 TYR A OH   1 
ATOM   820  N N    . ALA A 1 123 ? 3.62651   -1.02139  0.28424   1.000 36.82000  ? 262 ALA A N    1 
ATOM   821  C CA   . ALA A 1 123 ? 3.87797   -1.67869  -0.99333  1.000 39.42000  ? 262 ALA A CA   1 
ATOM   822  C C    . ALA A 1 123 ? 4.92038   -2.76538  -0.75689  1.000 47.36000  ? 262 ALA A C    1 
ATOM   823  O O    . ALA A 1 123 ? 6.09966   -2.46799  -0.53856  1.000 49.50000  ? 262 ALA A O    1 
ATOM   824  C CB   . ALA A 1 123 ? 4.34528   -0.67930  -2.04770  1.000 37.96000  ? 262 ALA A CB   1 
ATOM   825  N N    . THR A 1 124 ? 4.48021   -4.02073  -0.79507  1.000 50.74000  ? 263 THR A N    1 
ATOM   826  C CA   . THR A 1 124 ? 5.36995   -5.14815  -0.52733  1.000 50.09000  ? 263 THR A CA   1 
ATOM   827  C C    . THR A 1 124 ? 6.63435   -5.16688  -1.38454  1.000 50.36000  ? 263 THR A C    1 
ATOM   828  O O    . THR A 1 124 ? 7.70105   -5.50041  -0.84192  1.000 52.67000  ? 263 THR A O    1 
ATOM   829  C CB   . THR A 1 124 ? 4.59386   -6.46456  -0.68904  1.000 48.56000  ? 263 THR A CB   1 
ATOM   830  O OG1  . THR A 1 124 ? 3.35921   -6.38559  0.03510   1.000 50.71000  ? 263 THR A OG1  1 
ATOM   831  C CG2  . THR A 1 124 ? 5.40519   -7.63390  -0.15564  1.000 44.24000  ? 263 THR A CG2  1 
ATOM   832  N N    . PRO A 1 125 ? 6.60493   -4.84639  -2.68519  1.000 43.24000  ? 264 PRO A N    1 
ATOM   833  C CA   . PRO A 1 125 ? 7.85573   -4.88099  -3.46385  1.000 51.86000  ? 264 PRO A CA   1 
ATOM   834  C C    . PRO A 1 125 ? 8.92895   -3.93806  -2.95168  1.000 55.03000  ? 264 PRO A C    1 
ATOM   835  O O    . PRO A 1 125 ? 10.10665  -4.14333  -3.27186  1.000 56.55000  ? 264 PRO A O    1 
ATOM   836  C CB   . PRO A 1 125 ? 7.40054   -4.48957  -4.87491  1.000 41.85000  ? 264 PRO A CB   1 
ATOM   837  C CG   . PRO A 1 125 ? 5.98456   -4.89067  -4.92979  1.000 41.31000  ? 264 PRO A CG   1 
ATOM   838  C CD   . PRO A 1 125 ? 5.44176   -4.62292  -3.56285  1.000 41.11000  ? 264 PRO A CD   1 
ATOM   839  N N    . LEU A 1 126 ? 8.56956   -2.91121  -2.17800  1.000 44.20000  ? 265 LEU A N    1 
ATOM   840  C CA   . LEU A 1 126 ? 9.58349   -2.02145  -1.61936  1.000 45.79000  ? 265 LEU A CA   1 
ATOM   841  C C    . LEU A 1 126 ? 10.53115  -2.77593  -0.69501  1.000 56.45000  ? 265 LEU A C    1 
ATOM   842  O O    . LEU A 1 126 ? 11.75289  -2.60263  -0.76553  1.000 61.05000  ? 265 LEU A O    1 
ATOM   843  C CB   . LEU A 1 126 ? 8.92223   -0.86331  -0.87670  1.000 51.00000  ? 265 LEU A CB   1 
ATOM   844  C CG   . LEU A 1 126 ? 8.48055   0.33788   -1.70694  1.000 44.79000  ? 265 LEU A CG   1 
ATOM   845  C CD1  . LEU A 1 126 ? 7.98273   1.42777   -0.78443  1.000 53.72000  ? 265 LEU A CD1  1 
ATOM   846  C CD2  . LEU A 1 126 ? 9.62326   0.84833   -2.57015  1.000 44.36000  ? 265 LEU A CD2  1 
ATOM   847  N N    . GLN A 1 127 ? 9.97872   -3.64516  0.14888   1.000 63.69000  ? 266 GLN A N    1 
ATOM   848  C CA   . GLN A 1 127 ? 10.81519  -4.46599  1.06276   1.000 57.34000  ? 266 GLN A CA   1 
ATOM   849  C C    . GLN A 1 127 ? 11.51114  -5.53051  0.22324   1.000 53.99000  ? 266 GLN A C    1 
ATOM   850  O O    . GLN A 1 127 ? 12.67588  -5.83339  0.49168   1.000 60.67000  ? 266 GLN A O    1 
ATOM   851  C CB   . GLN A 1 127 ? 9.95935   -5.04924  2.18754   1.000 48.17000  ? 266 GLN A CB   1 
ATOM   852  C CG   . GLN A 1 127 ? 9.44505   -6.45479  1.93740   1.000 49.90000  ? 266 GLN A CG   1 
ATOM   853  C CD   . GLN A 1 127 ? 8.74012   -6.97867  3.16221   1.000 51.57000  ? 266 GLN A CD   1 
ATOM   854  O OE1  . GLN A 1 127 ? 8.75077   -6.35322  4.21883   1.000 43.26000  ? 266 GLN A OE1  1 
ATOM   855  N NE2  . GLN A 1 127 ? 8.11811   -8.13664  3.02770   1.000 53.08000  ? 266 GLN A NE2  1 
ATOM   856  N N    . THR A 1 128 ? 10.81581  -6.05354  -0.77495  1.000 56.47000  ? 267 THR A N    1 
ATOM   857  C CA   . THR A 1 128 ? 11.45012  -7.01276  -1.67358  1.000 56.42000  ? 267 THR A CA   1 
ATOM   858  C C    . THR A 1 128 ? 12.65731  -6.38396  -2.35736  1.000 62.45000  ? 267 THR A C    1 
ATOM   859  O O    . THR A 1 128 ? 13.68979  -7.03774  -2.54638  1.000 63.35000  ? 267 THR A O    1 
ATOM   860  C CB   . THR A 1 128 ? 10.43808  -7.51540  -2.70425  1.000 59.23000  ? 267 THR A CB   1 
ATOM   861  O OG1  . THR A 1 128 ? 9.35944   -8.17609  -2.03024  1.000 67.25000  ? 267 THR A OG1  1 
ATOM   862  C CG2  . THR A 1 128 ? 11.09116  -8.48470  -3.67482  1.000 55.38000  ? 267 THR A CG2  1 
ATOM   863  N N    . LEU A 1 129 ? 12.54589  -5.10424  -2.72099  1.000 60.61000  ? 268 LEU A N    1 
ATOM   864  C CA   . LEU A 1 129 ? 13.69457  -4.35351  -3.21731  1.000 55.30000  ? 268 LEU A CA   1 
ATOM   865  C C    . LEU A 1 129 ? 14.75255  -4.17805  -2.13268  1.000 58.41000  ? 268 LEU A C    1 
ATOM   866  O O    . LEU A 1 129 ? 15.95563  -4.25560  -2.41169  1.000 67.29000  ? 268 LEU A O    1 
ATOM   867  C CB   . LEU A 1 129 ? 13.22942  -2.99285  -3.73418  1.000 54.52000  ? 268 LEU A CB   1 
ATOM   868  C CG   . LEU A 1 129 ? 14.08231  -2.27168  -4.77093  1.000 55.94000  ? 268 LEU A CG   1 
ATOM   869  C CD1  . LEU A 1 129 ? 14.11987  -3.06708  -6.06368  1.000 60.09000  ? 268 LEU A CD1  1 
ATOM   870  C CD2  . LEU A 1 129 ? 13.52853  -0.87779  -5.00922  1.000 61.34000  ? 268 LEU A CD2  1 
ATOM   871  N N    . PHE A 1 130 ? 14.32032  -3.93311  -0.89144  1.000 60.32000  ? 269 PHE A N    1 
ATOM   872  C CA   . PHE A 1 130 ? 15.26102  -3.73020  0.20918   1.000 55.94000  ? 269 PHE A CA   1 
ATOM   873  C C    . PHE A 1 130 ? 16.09700  -4.97989  0.46242   1.000 52.69000  ? 269 PHE A C    1 
ATOM   874  O O    . PHE A 1 130 ? 17.30894  -4.89109  0.68574   1.000 55.39000  ? 269 PHE A O    1 
ATOM   875  C CB   . PHE A 1 130 ? 14.49676  -3.32432  1.47293   1.000 55.70000  ? 269 PHE A CB   1 
ATOM   876  C CG   . PHE A 1 130 ? 15.37797  -2.99929  2.65428   1.000 52.92000  ? 269 PHE A CG   1 
ATOM   877  C CD1  . PHE A 1 130 ? 15.81162  -3.99665  3.51420   1.000 58.50000  ? 269 PHE A CD1  1 
ATOM   878  C CD2  . PHE A 1 130 ? 15.74657  -1.68967  2.91953   1.000 60.97000  ? 269 PHE A CD2  1 
ATOM   879  C CE1  . PHE A 1 130 ? 16.61222  -3.69722  4.60234   1.000 52.40000  ? 269 PHE A CE1  1 
ATOM   880  C CE2  . PHE A 1 130 ? 16.54516  -1.38457  4.01006   1.000 56.23000  ? 269 PHE A CE2  1 
ATOM   881  C CZ   . PHE A 1 130 ? 16.97817  -2.38961  4.85087   1.000 49.33000  ? 269 PHE A CZ   1 
ATOM   882  N N    . ALA A 1 131 ? 15.46369  -6.15442  0.43558   1.000 55.72000  ? 270 ALA A N    1 
ATOM   883  C CA   . ALA A 1 131 ? 16.17527  -7.38643  0.75889   1.000 58.97000  ? 270 ALA A CA   1 
ATOM   884  C C    . ALA A 1 131 ? 17.17588  -7.76894  -0.32490  1.000 62.57000  ? 270 ALA A C    1 
ATOM   885  O O    . ALA A 1 131 ? 18.17337  -8.43952  -0.03258  1.000 66.86000  ? 270 ALA A O    1 
ATOM   886  C CB   . ALA A 1 131 ? 15.17905  -8.52202  0.99075   1.000 63.93000  ? 270 ALA A CB   1 
ATOM   887  N N    . MET A 1 132 ? 16.93318  -7.35646  -1.57362  1.000 65.30000  ? 271 MET A N    1 
ATOM   888  C CA   . MET A 1 132 ? 17.85220  -7.69135  -2.65829  1.000 60.09000  ? 271 MET A CA   1 
ATOM   889  C C    . MET A 1 132 ? 19.21945  -7.04885  -2.46133  1.000 56.25000  ? 271 MET A C    1 
ATOM   890  O O    . MET A 1 132 ? 20.22738  -7.57967  -2.94113  1.000 56.68000  ? 271 MET A O    1 
ATOM   891  C CB   . MET A 1 132 ? 17.26404  -7.26696  -4.00606  1.000 62.26000  ? 271 MET A CB   1 
ATOM   892  C CG   . MET A 1 132 ? 16.03298  -8.04954  -4.43365  1.000 48.26000  ? 271 MET A CG   1 
ATOM   893  S SD   . MET A 1 132 ? 15.40567  -7.56424  -6.05513  1.000 77.07000  ? 271 MET A SD   1 
ATOM   894  C CE   . MET A 1 132 ? 16.76755  -8.04739  -7.11295  1.000 57.30000  ? 271 MET A CE   1 
ATOM   895  N N    . SER A 1 133 ? 19.27420  -5.90896  -1.76886  1.000 50.63000  ? 272 SER A N    1 
ATOM   896  C CA   . SER A 1 133 ? 20.55055  -5.24656  -1.52817  1.000 54.94000  ? 272 SER A CA   1 
ATOM   897  C C    . SER A 1 133 ? 21.45499  -6.04723  -0.60096  1.000 60.54000  ? 272 SER A C    1 
ATOM   898  O O    . SER A 1 133 ? 22.67709  -5.86705  -0.64230  1.000 62.58000  ? 272 SER A O    1 
ATOM   899  C CB   . SER A 1 133 ? 20.31639  -3.84816  -0.95292  1.000 57.77000  ? 272 SER A CB   1 
ATOM   900  O OG   . SER A 1 133 ? 19.55365  -3.90793  0.23965   1.000 64.15000  ? 272 SER A OG   1 
ATOM   901  N N    . GLN A 1 134 ? 20.88662  -6.92035  0.23283   1.000 59.88000  ? 273 GLN A N    1 
ATOM   902  C CA   . GLN A 1 134 ? 21.71264  -7.73453  1.11745   1.000 53.77000  ? 273 GLN A CA   1 
ATOM   903  C C    . GLN A 1 134 ? 22.43681  -8.83385  0.35103   1.000 58.22000  ? 273 GLN A C    1 
ATOM   904  O O    . GLN A 1 134 ? 23.63284  -9.06482  0.56629   1.000 59.21000  ? 273 GLN A O    1 
ATOM   905  C CB   . GLN A 1 134 ? 20.85807  -8.33996  2.22945   1.000 53.67000  ? 273 GLN A CB   1 
ATOM   906  C CG   . GLN A 1 134 ? 20.21947  -7.32334  3.15384   1.000 66.17000  ? 273 GLN A CG   1 
ATOM   907  C CD   . GLN A 1 134 ? 19.69143  -7.95423  4.42498   1.000 82.98000  ? 273 GLN A CD   1 
ATOM   908  O OE1  . GLN A 1 134 ? 18.94661  -8.93364  4.38404   1.000 85.14000  ? 273 GLN A OE1  1 
ATOM   909  N NE2  . GLN A 1 134 ? 20.09136  -7.40387  5.56603   1.000 87.44000  ? 273 GLN A NE2  1 
ATOM   910  N N    . TYR A 1 135 ? 21.73438  -9.52053  -0.54693  1.000 55.97000  ? 274 TYR A N    1 
ATOM   911  C CA   . TYR A 1 135 ? 22.29670  -10.67642 -1.23082  1.000 50.98000  ? 274 TYR A CA   1 
ATOM   912  C C    . TYR A 1 135 ? 23.29598  -10.24062 -2.29544  1.000 63.11000  ? 274 TYR A C    1 
ATOM   913  O O    . TYR A 1 135 ? 23.02095  -9.33463  -3.08752  1.000 65.53000  ? 274 TYR A O    1 
ATOM   914  C CB   . TYR A 1 135 ? 21.18491  -11.51523 -1.85810  1.000 46.42000  ? 274 TYR A CB   1 
ATOM   915  C CG   . TYR A 1 135 ? 20.20179  -12.08783 -0.85957  1.000 46.34000  ? 274 TYR A CG   1 
ATOM   916  C CD1  . TYR A 1 135 ? 20.43777  -13.31110 -0.24463  1.000 62.22000  ? 274 TYR A CD1  1 
ATOM   917  C CD2  . TYR A 1 135 ? 19.03596  -11.40845 -0.53602  1.000 59.07000  ? 274 TYR A CD2  1 
ATOM   918  C CE1  . TYR A 1 135 ? 19.53858  -13.84042 0.66716   1.000 66.02000  ? 274 TYR A CE1  1 
ATOM   919  C CE2  . TYR A 1 135 ? 18.13191  -11.92803 0.37364   1.000 61.24000  ? 274 TYR A CE2  1 
ATOM   920  C CZ   . TYR A 1 135 ? 18.38830  -13.14394 0.97244   1.000 61.50000  ? 274 TYR A CZ   1 
ATOM   921  O OH   . TYR A 1 135 ? 17.49039  -13.66362 1.87749   1.000 64.12000  ? 274 TYR A OH   1 
ATOM   922  N N    . SER A 1 136 ? 24.46062  -10.89557 -2.30961  1.000 62.99000  ? 275 SER A N    1 
ATOM   923  C CA   . SER A 1 136 ? 25.48549  -10.56590 -3.29592  1.000 64.42000  ? 275 SER A CA   1 
ATOM   924  C C    . SER A 1 136 ? 25.10101  -11.05748 -4.68581  1.000 65.53000  ? 275 SER A C    1 
ATOM   925  O O    . SER A 1 136 ? 25.35723  -10.37478 -5.68408  1.000 67.58000  ? 275 SER A O    1 
ATOM   926  C CB   . SER A 1 136 ? 26.82885  -11.15915 -2.87303  1.000 59.24000  ? 275 SER A CB   1 
ATOM   927  O OG   . SER A 1 136 ? 26.72137  -12.55329 -2.64414  1.000 62.33000  ? 275 SER A OG   1 
ATOM   928  N N    . GLN A 1 137 ? 24.48694  -12.24143 -4.76903  1.000 63.62000  ? 276 GLN A N    1 
ATOM   929  C CA   . GLN A 1 137 ? 24.13159  -12.81511 -6.06187  1.000 70.93000  ? 276 GLN A CA   1 
ATOM   930  C C    . GLN A 1 137 ? 23.12290  -11.96220 -6.81831  1.000 72.18000  ? 276 GLN A C    1 
ATOM   931  O O    . GLN A 1 137 ? 23.03868  -12.06543 -8.04811  1.000 61.95000  ? 276 GLN A O    1 
ATOM   932  C CB   . GLN A 1 137 ? 23.57824  -14.22853 -5.87121  1.000 64.74000  ? 276 GLN A CB   1 
ATOM   933  C CG   . GLN A 1 137 ? 24.48613  -15.14673 -5.07042  1.000 84.34000  ? 276 GLN A CG   1 
ATOM   934  C CD   . GLN A 1 137 ? 23.85612  -16.50023 -4.80102  1.000 99.34000  ? 276 GLN A CD   1 
ATOM   935  O OE1  . GLN A 1 137 ? 22.78928  -16.81920 -5.32893  1.000 79.91000  ? 276 GLN A OE1  1 
ATOM   936  N NE2  . GLN A 1 137 ? 24.51254  -17.30409 -3.97259  1.000 96.11000  ? 276 GLN A NE2  1 
ATOM   937  N N    . ALA A 1 138 ? 22.35331  -11.12739 -6.11654  1.000 72.43000  ? 277 ALA A N    1 
ATOM   938  C CA   . ALA A 1 138 ? 21.38787  -10.26549 -6.78451  1.000 61.64000  ? 277 ALA A CA   1 
ATOM   939  C C    . ALA A 1 138 ? 22.05629  -9.14095  -7.56255  1.000 57.25000  ? 277 ALA A C    1 
ATOM   940  O O    . ALA A 1 138 ? 21.41763  -8.54648  -8.43774  1.000 67.56000  ? 277 ALA A O    1 
ATOM   941  C CB   . ALA A 1 138 ? 20.40888  -9.68045  -5.76514  1.000 58.58000  ? 277 ALA A CB   1 
ATOM   942  N N    . GLY A 1 139 ? 23.31556  -8.82914  -7.26267  1.000 59.80000  ? 278 GLY A N    1 
ATOM   943  C CA   . GLY A 1 139 ? 23.99070  -7.74089  -7.94418  1.000 69.08000  ? 278 GLY A CA   1 
ATOM   944  C C    . GLY A 1 139 ? 23.37922  -6.38245  -7.70366  1.000 64.66000  ? 278 GLY A C    1 
ATOM   945  O O    . GLY A 1 139 ? 23.65676  -5.44401  -8.45422  1.000 70.37000  ? 278 GLY A O    1 
ATOM   946  N N    . PHE A 1 140 ? 22.54839  -6.24947  -6.67334  1.000 63.29000  ? 279 PHE A N    1 
ATOM   947  C CA   . PHE A 1 140 ? 21.86678  -5.00357  -6.35197  1.000 64.26000  ? 279 PHE A CA   1 
ATOM   948  C C    . PHE A 1 140 ? 22.55333  -4.37452  -5.14546  1.000 64.63000  ? 279 PHE A C    1 
ATOM   949  O O    . PHE A 1 140 ? 22.55884  -4.95710  -4.05614  1.000 65.61000  ? 279 PHE A O    1 
ATOM   950  C CB   . PHE A 1 140 ? 20.38550  -5.26524  -6.07199  1.000 62.42000  ? 279 PHE A CB   1 
ATOM   951  C CG   . PHE A 1 140 ? 19.59504  -4.03216  -5.75027  1.000 58.74000  ? 279 PHE A CG   1 
ATOM   952  C CD1  . PHE A 1 140 ? 19.19597  -3.16891  -6.75378  1.000 62.98000  ? 279 PHE A CD1  1 
ATOM   953  C CD2  . PHE A 1 140 ? 19.23552  -3.74612  -4.44470  1.000 66.18000  ? 279 PHE A CD2  1 
ATOM   954  C CE1  . PHE A 1 140 ? 18.46406  -2.03755  -6.46069  1.000 67.61000  ? 279 PHE A CE1  1 
ATOM   955  C CE2  . PHE A 1 140 ? 18.50189  -2.61525  -4.14434  1.000 62.25000  ? 279 PHE A CE2  1 
ATOM   956  C CZ   . PHE A 1 140 ? 18.11483  -1.75957  -5.15489  1.000 65.65000  ? 279 PHE A CZ   1 
ATOM   957  N N    . SER A 1 141 ? 23.12674  -3.19164  -5.34029  1.000 58.62000  ? 280 SER A N    1 
ATOM   958  C CA   . SER A 1 141 ? 23.94200  -2.56192  -4.31414  1.000 56.34000  ? 280 SER A CA   1 
ATOM   959  C C    . SER A 1 141 ? 23.08565  -1.72604  -3.37050  1.000 63.98000  ? 280 SER A C    1 
ATOM   960  O O    . SER A 1 141 ? 21.99406  -1.27040  -3.72402  1.000 70.55000  ? 280 SER A O    1 
ATOM   961  C CB   . SER A 1 141 ? 25.03019  -1.69010  -4.94170  1.000 69.13000  ? 280 SER A CB   1 
ATOM   962  O OG   . SER A 1 141 ? 24.47120  -0.63901  -5.70455  1.000 80.78000  ? 280 SER A OG   1 
ATOM   963  N N    . ARG A 1 142 ? 23.60185  -1.53492  -2.15419  1.000 66.48000  ? 281 ARG A N    1 
ATOM   964  C CA   . ARG A 1 142 ? 22.86901  -0.80090  -1.12612  1.000 61.19000  ? 281 ARG A CA   1 
ATOM   965  C C    . ARG A 1 142 ? 22.61911  0.64674   -1.53659  1.000 68.78000  ? 281 ARG A C    1 
ATOM   966  O O    . ARG A 1 142 ? 21.54853  1.20148   -1.26208  1.000 67.81000  ? 281 ARG A O    1 
ATOM   967  C CB   . ARG A 1 142 ? 23.63539  -0.86415  0.19495   1.000 59.95000  ? 281 ARG A CB   1 
ATOM   968  C CG   . ARG A 1 142 ? 23.32560  0.26721   1.15954   1.000 77.45000  ? 281 ARG A CG   1 
ATOM   969  C CD   . ARG A 1 142 ? 24.16379  0.16339   2.42298   1.000 70.87000  ? 281 ARG A CD   1 
ATOM   970  N NE   . ARG A 1 142 ? 24.11067  1.38968   3.21036   1.000 75.29000  ? 281 ARG A NE   1 
ATOM   971  C CZ   . ARG A 1 142 ? 23.13805  1.69473   4.05764   1.000 80.26000  ? 281 ARG A CZ   1 
ATOM   972  N NH1  . ARG A 1 142 ? 22.11186  0.88343   4.25344   1.000 75.33000  ? 281 ARG A NH1  1 
ATOM   973  N NH2  . ARG A 1 142 ? 23.19558  2.84452   4.72474   1.000 93.66000  ? 281 ARG A NH2  1 
ATOM   974  N N    . GLU A 1 143 ? 23.59589  1.27410   -2.19789  1.000 67.13000  ? 282 GLU A N    1 
ATOM   975  C CA   . GLU A 1 143 ? 23.48421  2.68728   -2.54225  1.000 63.86000  ? 282 GLU A CA   1 
ATOM   976  C C    . GLU A 1 143 ? 22.35491  2.96919   -3.52598  1.000 73.24000  ? 282 GLU A C    1 
ATOM   977  O O    . GLU A 1 143 ? 21.91976  4.12041   -3.63614  1.000 75.06000  ? 282 GLU A O    1 
ATOM   978  C CB   . GLU A 1 143 ? 24.80880  3.18881   -3.11946  1.000 76.09000  ? 282 GLU A CB   1 
ATOM   979  C CG   . GLU A 1 143 ? 26.00843  2.98766   -2.20413  1.000 72.88000  ? 282 GLU A CG   1 
ATOM   980  C CD   . GLU A 1 143 ? 27.32265  3.33285   -2.87956  1.000 73.44000  ? 282 GLU A CD   1 
ATOM   981  O OE1  . GLU A 1 143 ? 27.31922  3.57668   -4.10418  1.000 72.00000  ? 282 GLU A OE1  1 
ATOM   982  O OE2  . GLU A 1 143 ? 28.36063  3.35924   -2.18448  1.000 73.77000  ? 282 GLU A OE2  1 
ATOM   983  N N    . ASP A 1 144 ? 21.86727  1.95695   -4.24022  1.000 71.80000  ? 283 ASP A N    1 
ATOM   984  C CA   . ASP A 1 144 ? 20.84652  2.15274   -5.26198  1.000 68.59000  ? 283 ASP A CA   1 
ATOM   985  C C    . ASP A 1 144 ? 19.42455  2.07885   -4.72032  1.000 64.34000  ? 283 ASP A C    1 
ATOM   986  O O    . ASP A 1 144 ? 18.47829  2.20499   -5.50437  1.000 65.50000  ? 283 ASP A O    1 
ATOM   987  C CB   . ASP A 1 144 ? 21.01702  1.11932   -6.38161  1.000 69.64000  ? 283 ASP A CB   1 
ATOM   988  C CG   . ASP A 1 144 ? 22.41431  1.11736   -6.96403  1.000 70.20000  ? 283 ASP A CG   1 
ATOM   989  O OD1  . ASP A 1 144 ? 23.10571  2.15343   -6.86385  1.000 74.16000  ? 283 ASP A OD1  1 
ATOM   990  O OD2  . ASP A 1 144 ? 22.82386  0.07811   -7.52218  1.000 69.23000  ? 283 ASP A OD2  1 
ATOM   991  N N    . ARG A 1 145 ? 19.24615  1.87986   -3.41232  1.000 63.32000  ? 284 ARG A N    1 
ATOM   992  C CA   . ARG A 1 145 ? 17.90614  1.66840   -2.86924  1.000 64.93000  ? 284 ARG A CA   1 
ATOM   993  C C    . ARG A 1 145 ? 17.00983  2.88162   -3.09687  1.000 55.41000  ? 284 ARG A C    1 
ATOM   994  O O    . ARG A 1 145 ? 15.86574  2.74391   -3.54475  1.000 57.01000  ? 284 ARG A O    1 
ATOM   995  C CB   . ARG A 1 145 ? 17.98384  1.33535   -1.37858  1.000 63.25000  ? 284 ARG A CB   1 
ATOM   996  C CG   . ARG A 1 145 ? 18.49269  -0.06267  -1.07468  1.000 59.86000  ? 284 ARG A CG   1 
ATOM   997  C CD   . ARG A 1 145 ? 17.86808  -0.59777  0.20579   1.000 59.04000  ? 284 ARG A CD   1 
ATOM   998  N NE   . ARG A 1 145 ? 18.16163  0.24214   1.36134   1.000 70.23000  ? 284 ARG A NE   1 
ATOM   999  C CZ   . ARG A 1 145 ? 19.04557  -0.06031  2.30271   1.000 63.63000  ? 284 ARG A CZ   1 
ATOM   1000 N NH1  . ARG A 1 145 ? 19.73655  -1.18790  2.26498   1.000 48.71000  ? 284 ARG A NH1  1 
ATOM   1001 N NH2  . ARG A 1 145 ? 19.23357  0.78542   3.31204   1.000 64.59000  ? 284 ARG A NH2  1 
ATOM   1002 N N    . LEU A 1 146 ? 17.50955  4.07974   -2.78650  1.000 53.78000  ? 285 LEU A N    1 
ATOM   1003 C CA   . LEU A 1 146 ? 16.68302  5.27658   -2.91535  1.000 60.24000  ? 285 LEU A CA   1 
ATOM   1004 C C    . LEU A 1 146 ? 16.31238  5.54702   -4.36811  1.000 65.53000  ? 285 LEU A C    1 
ATOM   1005 O O    . LEU A 1 146 ? 15.16100  5.88612   -4.66943  1.000 63.28000  ? 285 LEU A O    1 
ATOM   1006 C CB   . LEU A 1 146 ? 17.40249  6.48342   -2.31296  1.000 58.51000  ? 285 LEU A CB   1 
ATOM   1007 C CG   . LEU A 1 146 ? 16.67598  7.82392   -2.45703  1.000 57.83000  ? 285 LEU A CG   1 
ATOM   1008 C CD1  . LEU A 1 146 ? 15.30080  7.76629   -1.80934  1.000 56.34000  ? 285 LEU A CD1  1 
ATOM   1009 C CD2  . LEU A 1 146 ? 17.50380  8.95881   -1.86918  1.000 56.13000  ? 285 LEU A CD2  1 
ATOM   1010 N N    . GLU A 1 147 ? 17.27514  5.40865   -5.28364  1.000 69.96000  ? 286 GLU A N    1 
ATOM   1011 C CA   . GLU A 1 147 ? 16.99738  5.67503   -6.69215  1.000 64.06000  ? 286 GLU A CA   1 
ATOM   1012 C C    . GLU A 1 147 ? 15.96778  4.69764   -7.24673  1.000 61.34000  ? 286 GLU A C    1 
ATOM   1013 O O    . GLU A 1 147 ? 15.05336  5.09628   -7.97898  1.000 68.05000  ? 286 GLU A O    1 
ATOM   1014 C CB   . GLU A 1 147 ? 18.28991  5.61349   -7.50462  1.000 68.50000  ? 286 GLU A CB   1 
ATOM   1015 C CG   . GLU A 1 147 ? 18.12324  5.99943   -8.96426  1.000 73.18000  ? 286 GLU A CG   1 
ATOM   1016 C CD   . GLU A 1 147 ? 19.40211  5.83416   -9.76120  1.000 91.37000  ? 286 GLU A CD   1 
ATOM   1017 O OE1  . GLU A 1 147 ? 20.34952  5.20543   -9.24390  1.000 93.39000  ? 286 GLU A OE1  1 
ATOM   1018 O OE2  . GLU A 1 147 ? 19.46089  6.33467   -10.90425 1.000 96.35000  ? 286 GLU A OE2  1 
ATOM   1019 N N    . GLN A 1 148 ? 16.09703  3.41318   -6.90784  1.000 56.04000  ? 287 GLN A N    1 
ATOM   1020 C CA   . GLN A 1 148 ? 15.12684  2.42927   -7.37616  1.000 53.50000  ? 287 GLN A CA   1 
ATOM   1021 C C    . GLN A 1 148 ? 13.78197  2.59221   -6.68059  1.000 50.54000  ? 287 GLN A C    1 
ATOM   1022 O O    . GLN A 1 148 ? 12.74269  2.26661   -7.26491  1.000 52.35000  ? 287 GLN A O    1 
ATOM   1023 C CB   . GLN A 1 148 ? 15.67128  1.01589   -7.16811  1.000 52.61000  ? 287 GLN A CB   1 
ATOM   1024 C CG   . GLN A 1 148 ? 16.97933  0.74403   -7.89472  1.000 59.03000  ? 287 GLN A CG   1 
ATOM   1025 C CD   . GLN A 1 148 ? 16.81697  -0.19226  -9.07787  1.000 64.74000  ? 287 GLN A CD   1 
ATOM   1026 O OE1  . GLN A 1 148 ? 15.88624  -0.99589  -9.12816  1.000 72.97000  ? 287 GLN A OE1  1 
ATOM   1027 N NE2  . GLN A 1 148 ? 17.73021  -0.09369  -10.03733 1.000 71.45000  ? 287 GLN A NE2  1 
ATOM   1028 N N    . ALA A 1 149 ? 13.77705  3.07588   -5.43507  1.000 54.86000  ? 288 ALA A N    1 
ATOM   1029 C CA   . ALA A 1 149 ? 12.51186  3.34039   -4.75855  1.000 47.12000  ? 288 ALA A CA   1 
ATOM   1030 C C    . ALA A 1 149 ? 11.73275  4.44174   -5.46487  1.000 56.36000  ? 288 ALA A C    1 
ATOM   1031 O O    . ALA A 1 149 ? 10.51755  4.32191   -5.66493  1.000 61.34000  ? 288 ALA A O    1 
ATOM   1032 C CB   . ALA A 1 149 ? 12.75916  3.70951   -3.29582  1.000 52.80000  ? 288 ALA A CB   1 
ATOM   1033 N N    . LYS A 1 150 ? 12.41494  5.52370   -5.84788  1.000 59.42000  ? 289 LYS A N    1 
ATOM   1034 C CA   . LYS A 1 150 ? 11.75569  6.58042   -6.60846  1.000 56.33000  ? 289 LYS A CA   1 
ATOM   1035 C C    . LYS A 1 150 ? 11.28586  6.06539   -7.96124  1.000 58.63000  ? 289 LYS A C    1 
ATOM   1036 O O    . LYS A 1 150 ? 10.18300  6.39631   -8.41184  1.000 60.81000  ? 289 LYS A O    1 
ATOM   1037 C CB   . LYS A 1 150 ? 12.69899  7.76892   -6.79140  1.000 63.68000  ? 289 LYS A CB   1 
ATOM   1038 C CG   . LYS A 1 150 ? 13.14193  8.43060   -5.49961  1.000 67.32000  ? 289 LYS A CG   1 
ATOM   1039 C CD   . LYS A 1 150 ? 14.11618  9.56355   -5.77979  1.000 69.22000  ? 289 LYS A CD   1 
ATOM   1040 C CE   . LYS A 1 150 ? 14.57792  10.22893  -4.49513  1.000 81.85000  ? 289 LYS A CE   1 
ATOM   1041 N NZ   . LYS A 1 150 ? 15.58193  11.29783  -4.75202  1.000 79.14000  ? 289 LYS A NZ   1 
ATOM   1042 N N    . LEU A 1 151 ? 12.11502  5.25742   -8.62782  1.000 55.23000  ? 290 LEU A N    1 
ATOM   1043 C CA   . LEU A 1 151 ? 11.72647  4.69101   -9.91453  1.000 48.59000  ? 290 LEU A CA   1 
ATOM   1044 C C    . LEU A 1 151 ? 10.51333  3.78202   -9.77156  1.000 52.09000  ? 290 LEU A C    1 
ATOM   1045 O O    . LEU A 1 151 ? 9.60700   3.81058   -10.61065 1.000 56.24000  ? 290 LEU A O    1 
ATOM   1046 C CB   . LEU A 1 151 ? 12.90284  3.93127   -10.52597 1.000 48.79000  ? 290 LEU A CB   1 
ATOM   1047 C CG   . LEU A 1 151 ? 12.62514  3.18584   -11.83149 1.000 44.72000  ? 290 LEU A CG   1 
ATOM   1048 C CD1  . LEU A 1 151 ? 12.21164  4.15109   -12.93134 1.000 56.05000  ? 290 LEU A CD1  1 
ATOM   1049 C CD2  . LEU A 1 151 ? 13.84715  2.38582   -12.24499 1.000 52.33000  ? 290 LEU A CD2  1 
ATOM   1050 N N    . PHE A 1 152 ? 10.47925  2.96525   -8.71398  1.000 55.43000  ? 291 PHE A N    1 
ATOM   1051 C CA   . PHE A 1 152 ? 9.31324   2.12362   -8.46304  1.000 55.04000  ? 291 PHE A CA   1 
ATOM   1052 C C    . PHE A 1 152 ? 8.06900   2.97035   -8.23381  1.000 51.46000  ? 291 PHE A C    1 
ATOM   1053 O O    . PHE A 1 152 ? 6.99975   2.68705   -8.78654  1.000 53.32000  ? 291 PHE A O    1 
ATOM   1054 C CB   . PHE A 1 152 ? 9.57116   1.21233   -7.26086  1.000 42.81000  ? 291 PHE A CB   1 
ATOM   1055 C CG   . PHE A 1 152 ? 8.37482   0.39587   -6.84417  1.000 34.93000  ? 291 PHE A CG   1 
ATOM   1056 C CD1  . PHE A 1 152 ? 8.14015   -0.84900  -7.40334  1.000 33.98000  ? 291 PHE A CD1  1 
ATOM   1057 C CD2  . PHE A 1 152 ? 7.49047   0.86862   -5.88360  1.000 36.27000  ? 291 PHE A CD2  1 
ATOM   1058 C CE1  . PHE A 1 152 ? 7.04708   -1.60519  -7.01782  1.000 42.63000  ? 291 PHE A CE1  1 
ATOM   1059 C CE2  . PHE A 1 152 ? 6.39266   0.11900   -5.49848  1.000 33.34000  ? 291 PHE A CE2  1 
ATOM   1060 C CZ   . PHE A 1 152 ? 6.17158   -1.11992  -6.06614  1.000 40.01000  ? 291 PHE A CZ   1 
ATOM   1061 N N    . CYS A 1 153 ? 8.18920   4.01157   -7.40767  1.000 49.26000  ? 292 CYS A N    1 
ATOM   1062 C CA   . CYS A 1 153 ? 7.05597   4.89910   -7.16894  1.000 51.68000  ? 292 CYS A CA   1 
ATOM   1063 C C    . CYS A 1 153 ? 6.64786   5.62433   -8.44415  1.000 57.60000  ? 292 CYS A C    1 
ATOM   1064 O O    . CYS A 1 153 ? 5.45462   5.75877   -8.73665  1.000 65.39000  ? 292 CYS A O    1 
ATOM   1065 C CB   . CYS A 1 153 ? 7.39992   5.90087   -6.06607  1.000 59.38000  ? 292 CYS A CB   1 
ATOM   1066 S SG   . CYS A 1 153 ? 6.18048   7.21609   -5.83933  1.000 70.87000  ? 292 CYS A SG   1 
ATOM   1067 N N    . ARG A 1 154 ? 7.62781   6.09130   -9.22111  1.000 60.90000  ? 293 ARG A N    1 
ATOM   1068 C CA   . ARG A 1 154 ? 7.31409   6.82889   -10.43958 1.000 60.37000  ? 293 ARG A CA   1 
ATOM   1069 C C    . ARG A 1 154 ? 6.72726   5.91282   -11.50813 1.000 54.92000  ? 293 ARG A C    1 
ATOM   1070 O O    . ARG A 1 154 ? 5.76986   6.28841   -12.19432 1.000 64.46000  ? 293 ARG A O    1 
ATOM   1071 C CB   . ARG A 1 154 ? 8.56553   7.54102   -10.95278 1.000 56.99000  ? 293 ARG A CB   1 
ATOM   1072 C CG   . ARG A 1 154 ? 8.28156   8.68004   -11.91596 1.000 72.97000  ? 293 ARG A CG   1 
ATOM   1073 C CD   . ARG A 1 154 ? 9.34675   9.76780   -11.83725 1.000 79.40000  ? 293 ARG A CD   1 
ATOM   1074 N NE   . ARG A 1 154 ? 10.69806  9.25000   -12.02110 1.000 98.09000  ? 293 ARG A NE   1 
ATOM   1075 C CZ   . ARG A 1 154 ? 11.63581  9.24503   -11.08296 1.000 85.46000  ? 293 ARG A CZ   1 
ATOM   1076 N NH1  . ARG A 1 154 ? 11.40942  9.73439   -9.87455  1.000 66.74000  ? 293 ARG A NH1  1 
ATOM   1077 N NH2  . ARG A 1 154 ? 12.83463  8.74175   -11.36710 1.000 79.33000  ? 293 ARG A NH2  1 
ATOM   1078 N N    . THR A 1 155 ? 7.28542   4.70820   -11.66650 1.000 51.88000  ? 294 THR A N    1 
ATOM   1079 C CA   . THR A 1 155 ? 6.74080   3.76684   -12.64093 1.000 52.55000  ? 294 THR A CA   1 
ATOM   1080 C C    . THR A 1 155 ? 5.33306   3.32708   -12.25530 1.000 54.33000  ? 294 THR A C    1 
ATOM   1081 O O    . THR A 1 155 ? 4.45821   3.19047   -13.11864 1.000 54.87000  ? 294 THR A O    1 
ATOM   1082 C CB   . THR A 1 155 ? 7.66444   2.55490   -12.78301 1.000 50.49000  ? 294 THR A CB   1 
ATOM   1083 O OG1  . THR A 1 155 ? 8.96528   2.99169   -13.19715 1.000 54.46000  ? 294 THR A OG1  1 
ATOM   1084 C CG2  . THR A 1 155 ? 7.11641   1.57887   -13.81568 1.000 51.45000  ? 294 THR A CG2  1 
ATOM   1085 N N    . LEU A 1 156 ? 5.09550   3.10503   -10.96012 1.000 57.63000  ? 295 LEU A N    1 
ATOM   1086 C CA   . LEU A 1 156 ? 3.76068   2.72688   -10.50513 1.000 52.61000  ? 295 LEU A CA   1 
ATOM   1087 C C    . LEU A 1 156 ? 2.75368   3.84009   -10.77046 1.000 55.06000  ? 295 LEU A C    1 
ATOM   1088 O O    . LEU A 1 156 ? 1.60143   3.57203   -11.13067 1.000 64.66000  ? 295 LEU A O    1 
ATOM   1089 C CB   . LEU A 1 156 ? 3.79402   2.37054   -9.01884  1.000 47.37000  ? 295 LEU A CB   1 
ATOM   1090 C CG   . LEU A 1 156 ? 2.55414   1.68537   -8.44353  1.000 48.54000  ? 295 LEU A CG   1 
ATOM   1091 C CD1  . LEU A 1 156 ? 2.24654   0.41384   -9.21582  1.000 52.23000  ? 295 LEU A CD1  1 
ATOM   1092 C CD2  . LEU A 1 156 ? 2.74847   1.38217   -6.96535  1.000 39.38000  ? 295 LEU A CD2  1 
ATOM   1093 N N    . GLU A 1 157 ? 3.16738   5.09743   -10.58647 1.000 55.65000  ? 296 GLU A N    1 
ATOM   1094 C CA   . GLU A 1 157 ? 2.27938   6.21899   -10.87649 1.000 57.73000  ? 296 GLU A CA   1 
ATOM   1095 C C    . GLU A 1 157 ? 1.90922   6.26419   -12.35420 1.000 59.36000  ? 296 GLU A C    1 
ATOM   1096 O O    . GLU A 1 157 ? 0.74927   6.51022   -12.70329 1.000 64.30000  ? 296 GLU A O    1 
ATOM   1097 C CB   . GLU A 1 157 ? 2.93095   7.53358   -10.44984 1.000 63.32000  ? 296 GLU A CB   1 
ATOM   1098 C CG   . GLU A 1 157 ? 2.99582   7.74383   -8.94645  1.000 73.81000  ? 296 GLU A CG   1 
ATOM   1099 C CD   . GLU A 1 157 ? 3.73806   9.01128   -8.56930  1.000 82.81000  ? 296 GLU A CD   1 
ATOM   1100 O OE1  . GLU A 1 157 ? 4.15618   9.75050   -9.48496  1.000 92.02000  ? 296 GLU A OE1  1 
ATOM   1101 O OE2  . GLU A 1 157 ? 3.90691   9.26706   -7.35831  1.000 84.79000  ? 296 GLU A OE2  1 
ATOM   1102 N N    . ASP A 1 158 ? 2.88377   6.03460   -13.23770 1.000 52.16000  ? 297 ASP A N    1 
ATOM   1103 C CA   . ASP A 1 158 ? 2.60031   6.04558   -14.66918 1.000 52.39000  ? 297 ASP A CA   1 
ATOM   1104 C C    . ASP A 1 158 ? 1.68595   4.89665   -15.07202 1.000 59.19000  ? 297 ASP A C    1 
ATOM   1105 O O    . ASP A 1 158 ? 0.91895   5.02482   -16.03373 1.000 70.94000  ? 297 ASP A O    1 
ATOM   1106 C CB   . ASP A 1 158 ? 3.90389   5.99073   -15.46729 1.000 56.07000  ? 297 ASP A CB   1 
ATOM   1107 C CG   . ASP A 1 158 ? 4.68920   7.28694   -15.39590 1.000 66.62000  ? 297 ASP A CG   1 
ATOM   1108 O OD1  . ASP A 1 158 ? 4.06230   8.35512   -15.23478 1.000 69.29000  ? 297 ASP A OD1  1 
ATOM   1109 O OD2  . ASP A 1 158 ? 5.93322   7.23860   -15.50578 1.000 77.21000  ? 297 ASP A OD2  1 
ATOM   1110 N N    . ILE A 1 159 ? 1.75539   3.76939   -14.36052 1.000 55.86000  ? 298 ILE A N    1 
ATOM   1111 C CA   . ILE A 1 159 ? 0.90039   2.63078   -14.68449 1.000 56.35000  ? 298 ILE A CA   1 
ATOM   1112 C C    . ILE A 1 159 ? -0.54347  2.91438   -14.28948 1.000 60.66000  ? 298 ILE A C    1 
ATOM   1113 O O    . ILE A 1 159 ? -1.47111  2.71459   -15.08293 1.000 66.64000  ? 298 ILE A O    1 
ATOM   1114 C CB   . ILE A 1 159 ? 1.42613   1.35518   -14.00241 1.000 54.13000  ? 298 ILE A CB   1 
ATOM   1115 C CG1  . ILE A 1 159 ? 2.75135   0.91828   -14.63002 1.000 52.53000  ? 298 ILE A CG1  1 
ATOM   1116 C CG2  . ILE A 1 159 ? 0.39372   0.24420   -14.09203 1.000 49.37000  ? 298 ILE A CG2  1 
ATOM   1117 C CD1  . ILE A 1 159 ? 3.41439   -0.22871  -13.90254 1.000 52.45000  ? 298 ILE A CD1  1 
ATOM   1118 N N    . LEU A 1 160 ? -0.75598  3.38785   -13.05962 1.000 52.85000  ? 299 LEU A N    1 
ATOM   1119 C CA   . LEU A 1 160 ? -2.11250  3.59044   -12.56528 1.000 57.26000  ? 299 LEU A CA   1 
ATOM   1120 C C    . LEU A 1 160 ? -2.80974  4.76994   -13.23147 1.000 71.08000  ? 299 LEU A C    1 
ATOM   1121 O O    . LEU A 1 160 ? -4.03628  4.87971   -13.13306 1.000 80.71000  ? 299 LEU A O    1 
ATOM   1122 C CB   . LEU A 1 160 ? -2.09550  3.78127   -11.04867 1.000 48.32000  ? 299 LEU A CB   1 
ATOM   1123 C CG   . LEU A 1 160 ? -1.63401  2.56447   -10.24289 1.000 52.12000  ? 299 LEU A CG   1 
ATOM   1124 C CD1  . LEU A 1 160 ? -1.61404  2.86986   -8.75653  1.000 52.52000  ? 299 LEU A CD1  1 
ATOM   1125 C CD2  . LEU A 1 160 ? -2.51965  1.36069   -10.52792 1.000 59.16000  ? 299 LEU A CD2  1 
ATOM   1126 N N    . ALA A 1 161 ? -2.06220  5.65103   -13.90042 1.000 69.69000  ? 300 ALA A N    1 
ATOM   1127 C CA   . ALA A 1 161 ? -2.69134  6.74517   -14.63232 1.000 63.04000  ? 300 ALA A CA   1 
ATOM   1128 C C    . ALA A 1 161 ? -3.46888  6.22740   -15.83566 1.000 71.00000  ? 300 ALA A C    1 
ATOM   1129 O O    . ALA A 1 161 ? -4.59946  6.66228   -16.08450 1.000 74.95000  ? 300 ALA A O    1 
ATOM   1130 C CB   . ALA A 1 161 ? -1.63564  7.75960   -15.06815 1.000 54.69000  ? 300 ALA A CB   1 
ATOM   1131 N N    . ASP A 1 162 ? -2.88585  5.29735   -16.58697 1.000 67.83000  ? 301 ASP A N    1 
ATOM   1132 C CA   . ASP A 1 162 ? -3.55121  4.69591   -17.73484 1.000 65.44000  ? 301 ASP A CA   1 
ATOM   1133 C C    . ASP A 1 162 ? -4.27968  3.40415   -17.39064 1.000 69.96000  ? 301 ASP A C    1 
ATOM   1134 O O    . ASP A 1 162 ? -4.86265  2.78338   -18.28638 1.000 73.95000  ? 301 ASP A O    1 
ATOM   1135 C CB   . ASP A 1 162 ? -2.53984  4.42473   -18.85469 1.000 66.74000  ? 301 ASP A CB   1 
ATOM   1136 C CG   . ASP A 1 162 ? -1.91793  5.69445   -19.40203 1.000 71.86000  ? 301 ASP A CG   1 
ATOM   1137 O OD1  . ASP A 1 162 ? -2.55286  6.76495   -19.29550 1.000 78.58000  ? 301 ASP A OD1  1 
ATOM   1138 O OD2  . ASP A 1 162 ? -0.79554  5.62169   -19.94530 1.000 68.58000  ? 301 ASP A OD2  1 
ATOM   1139 N N    . ALA A 1 163 ? -4.26250  2.98087   -16.13158 1.000 69.14000  ? 302 ALA A N    1 
ATOM   1140 C CA   . ALA A 1 163 ? -4.88825  1.71838   -15.75915 1.000 67.90000  ? 302 ALA A CA   1 
ATOM   1141 C C    . ALA A 1 163 ? -6.40177  1.88239   -15.69406 1.000 69.79000  ? 302 ALA A C    1 
ATOM   1142 O O    . ALA A 1 163 ? -6.89321  2.68624   -14.89533 1.000 70.37000  ? 302 ALA A O    1 
ATOM   1143 C CB   . ALA A 1 163 ? -4.35513  1.23094   -14.41826 1.000 63.89000  ? 302 ALA A CB   1 
ATOM   1144 N N    . PRO A 1 164 ? -7.17025  1.15244   -16.50986 1.000 73.36000  ? 303 PRO A N    1 
ATOM   1145 C CA   . PRO A 1 164 ? -8.63503  1.23568   -16.39666 1.000 64.60000  ? 303 PRO A CA   1 
ATOM   1146 C C    . PRO A 1 164 ? -9.16433  0.64027   -15.10412 1.000 65.79000  ? 303 PRO A C    1 
ATOM   1147 O O    . PRO A 1 164 ? -10.23549 1.05194   -14.64001 1.000 73.84000  ? 303 PRO A O    1 
ATOM   1148 C CB   . PRO A 1 164 ? -9.12323  0.45662   -17.62490 1.000 64.89000  ? 303 PRO A CB   1 
ATOM   1149 C CG   . PRO A 1 164 ? -8.02387  -0.51655  -17.90146 1.000 63.64000  ? 303 PRO A CG   1 
ATOM   1150 C CD   . PRO A 1 164 ? -6.74477  0.18605   -17.53543 1.000 67.49000  ? 303 PRO A CD   1 
ATOM   1151 N N    . GLU A 1 165 ? -8.44719  -0.32328  -14.51642 1.000 67.32000  ? 304 GLU A N    1 
ATOM   1152 C CA   . GLU A 1 165 ? -8.85983  -0.89213  -13.23603 1.000 69.81000  ? 304 GLU A CA   1 
ATOM   1153 C C    . GLU A 1 165 ? -8.91792  0.17259   -12.15015 1.000 71.49000  ? 304 GLU A C    1 
ATOM   1154 O O    . GLU A 1 165 ? -9.79405  0.13566   -11.27734 1.000 68.95000  ? 304 GLU A O    1 
ATOM   1155 C CB   . GLU A 1 165 ? -7.90315  -2.01285  -12.82044 1.000 60.07000  ? 304 GLU A CB   1 
ATOM   1156 C CG   . GLU A 1 165 ? -8.06330  -3.31266  -13.59255 1.000 62.70000  ? 304 GLU A CG   1 
ATOM   1157 C CD   . GLU A 1 165 ? -7.41538  -3.27317  -14.96092 1.000 65.45000  ? 304 GLU A CD   1 
ATOM   1158 O OE1  . GLU A 1 165 ? -6.73120  -2.27588  -15.26999 1.000 60.03000  ? 304 GLU A OE1  1 
ATOM   1159 O OE2  . GLU A 1 165 ? -7.58836  -4.24460  -15.72705 1.000 74.25000  ? 304 GLU A OE2  1 
ATOM   1160 N N    . SER A 1 166 ? -7.98428  1.11847   -12.17420 1.000 70.88000  ? 305 SER A N    1 
ATOM   1161 C CA   . SER A 1 166 ? -7.92699  2.17997   -11.17356 1.000 70.77000  ? 305 SER A CA   1 
ATOM   1162 C C    . SER A 1 166 ? -8.73607  3.37026   -11.67361 1.000 77.12000  ? 305 SER A C    1 
ATOM   1163 O O    . SER A 1 166 ? -8.28461  4.12482   -12.53932 1.000 64.91000  ? 305 SER A O    1 
ATOM   1164 C CB   . SER A 1 166 ? -6.48420  2.57333   -10.88167 1.000 66.02000  ? 305 SER A CB   1 
ATOM   1165 O OG   . SER A 1 166 ? -6.43362  3.70069   -10.02398 1.000 65.32000  ? 305 SER A OG   1 
ATOM   1166 N N    . GLN A 1 167 ? -9.94177  3.53569   -11.13212 1.000 80.60000  ? 306 GLN A N    1 
ATOM   1167 C CA   . GLN A 1 167 ? -10.75554 4.73156   -11.34417 1.000 73.15000  ? 306 GLN A CA   1 
ATOM   1168 C C    . GLN A 1 167 ? -10.98578 5.35870   -9.97365  1.000 67.30000  ? 306 GLN A C    1 
ATOM   1169 O O    . GLN A 1 167 ? -12.03268 5.15904   -9.35302  1.000 57.06000  ? 306 GLN A O    1 
ATOM   1170 C CB   . GLN A 1 167 ? -12.07987 4.39718   -12.04027 1.000 76.63000  ? 306 GLN A CB   1 
ATOM   1171 C CG   . GLN A 1 167 ? -11.94222 3.61244   -13.32981 1.000 67.32000  ? 306 GLN A CG   1 
ATOM   1172 C CD   . GLN A 1 167 ? -12.79150 2.35813   -13.32209 1.000 73.69000  ? 306 GLN A CD   1 
ATOM   1173 O OE1  . GLN A 1 167 ? -12.83277 1.63308   -12.32818 1.000 81.16000  ? 306 GLN A OE1  1 
ATOM   1174 N NE2  . GLN A 1 167 ? -13.48403 2.10211   -14.42573 1.000 65.78000  ? 306 GLN A NE2  1 
ATOM   1175 N N    . ASN A 1 168 ? -10.00215 6.13834   -9.51890  1.000 77.73000  ? 307 ASN A N    1 
ATOM   1176 C CA   . ASN A 1 168 ? -10.03707 6.79800   -8.21117  1.000 83.99000  ? 307 ASN A CA   1 
ATOM   1177 C C    . ASN A 1 168 ? -10.39995 5.81907   -7.09574  1.000 73.25000  ? 307 ASN A C    1 
ATOM   1178 O O    . ASN A 1 168 ? -11.19664 6.12267   -6.20420  1.000 73.35000  ? 307 ASN A O    1 
ATOM   1179 C CB   . ASN A 1 168 ? -10.98755 7.99577   -8.22559  1.000 79.04000  ? 307 ASN A CB   1 
ATOM   1180 C CG   . ASN A 1 168 ? -10.45846 9.14387   -9.06359  1.000 87.23000  ? 307 ASN A CG   1 
ATOM   1181 O OD1  . ASN A 1 168 ? -9.71065  9.99251   -8.57538  1.000 94.50000  ? 307 ASN A OD1  1 
ATOM   1182 N ND2  . ASN A 1 168 ? -10.83960 9.17276   -10.33473 1.000 85.60000  ? 307 ASN A ND2  1 
ATOM   1183 N N    . ASN A 1 169 ? -9.80850  4.62684   -7.14905  1.000 69.75000  ? 308 ASN A N    1 
ATOM   1184 C CA   . ASN A 1 169 ? -9.99002  3.61551   -6.11682  1.000 62.05000  ? 308 ASN A CA   1 
ATOM   1185 C C    . ASN A 1 169 ? -8.71151  3.32866   -5.34394  1.000 63.20000  ? 308 ASN A C    1 
ATOM   1186 O O    . ASN A 1 169 ? -8.70271  2.42738   -4.49808  1.000 63.16000  ? 308 ASN A O    1 
ATOM   1187 C CB   . ASN A 1 169 ? -10.52689 2.31870   -6.73615  1.000 54.45000  ? 308 ASN A CB   1 
ATOM   1188 C CG   . ASN A 1 169 ? -9.69403  1.84546   -7.91371  1.000 62.47000  ? 308 ASN A CG   1 
ATOM   1189 O OD1  . ASN A 1 169 ? -8.54089  2.24415   -8.07501  1.000 64.99000  ? 308 ASN A OD1  1 
ATOM   1190 N ND2  . ASN A 1 169 ? -10.27795 0.98940   -8.74433  1.000 64.11000  ? 308 ASN A ND2  1 
ATOM   1191 N N    . CYS A 1 170 ? -7.63684  4.06782   -5.60781  1.000 68.20000  ? 309 CYS A N    1 
ATOM   1192 C CA   . CYS A 1 170 ? -6.34672  3.82093   -4.98413  1.000 55.66000  ? 309 CYS A CA   1 
ATOM   1193 C C    . CYS A 1 170 ? -5.61860  5.14440   -4.80191  1.000 61.40000  ? 309 CYS A C    1 
ATOM   1194 O O    . CYS A 1 170 ? -5.72508  6.04010   -5.64593  1.000 75.31000  ? 309 CYS A O    1 
ATOM   1195 C CB   . CYS A 1 170 ? -5.50212  2.86016   -5.82763  1.000 56.65000  ? 309 CYS A CB   1 
ATOM   1196 S SG   . CYS A 1 170 ? -3.76332  2.78391   -5.36057  1.000 76.86000  ? 309 CYS A SG   1 
ATOM   1197 N N    . ARG A 1 171 ? -4.88239  5.25936   -3.69787  1.000 67.99000  ? 310 ARG A N    1 
ATOM   1198 C CA   . ARG A 1 171 ? -4.07224  6.43485   -3.41281  1.000 68.19000  ? 310 ARG A CA   1 
ATOM   1199 C C    . ARG A 1 171 ? -2.68769  5.98548   -2.97334  1.000 57.71000  ? 310 ARG A C    1 
ATOM   1200 O O    . ARG A 1 171 ? -2.55548  5.04396   -2.18665  1.000 59.37000  ? 310 ARG A O    1 
ATOM   1201 C CB   . ARG A 1 171 ? -4.71282  7.31278   -2.33049  1.000 62.09000  ? 310 ARG A CB   1 
ATOM   1202 N N    . LEU A 1 172 ? -1.67068  6.64683   -3.52647  1.000 48.43000  ? 311 LEU A N    1 
ATOM   1203 C CA   . LEU A 1 172 ? -0.26379  6.28909   -3.23563  1.000 49.68000  ? 311 LEU A CA   1 
ATOM   1204 C C    . LEU A 1 172 ? 0.35391   7.35430   -2.33837  1.000 51.08000  ? 311 LEU A C    1 
ATOM   1205 O O    . LEU A 1 172 ? 0.32789   8.52446   -2.72069  1.000 52.32000  ? 311 LEU A O    1 
ATOM   1206 C CB   . LEU A 1 172 ? 0.49827   6.20398   -4.55802  1.000 43.67000  ? 311 LEU A CB   1 
ATOM   1207 C CG   . LEU A 1 172 ? 0.39721   4.87980   -5.30682  1.000 46.79000  ? 311 LEU A CG   1 
ATOM   1208 C CD1  . LEU A 1 172 ? -1.00328  4.68211   -5.85082  1.000 63.16000  ? 311 LEU A CD1  1 
ATOM   1209 C CD2  . LEU A 1 172 ? 1.40830   4.83340   -6.43941  1.000 61.57000  ? 311 LEU A CD2  1 
ATOM   1210 N N    . ILE A 1 173 ? 0.90012   6.94477   -1.20044  1.000 53.13000  ? 312 ILE A N    1 
ATOM   1211 C CA   . ILE A 1 173 ? 1.52556   7.84383   -0.23842  1.000 51.42000  ? 312 ILE A CA   1 
ATOM   1212 C C    . ILE A 1 173 ? 3.02468   7.58424   -0.27025  1.000 52.94000  ? 312 ILE A C    1 
ATOM   1213 O O    . ILE A 1 173 ? 3.49759   6.54688   0.20923   1.000 61.73000  ? 312 ILE A O    1 
ATOM   1214 C CB   . ILE A 1 173 ? 0.95628   7.65370   1.17346   1.000 51.27000  ? 312 ILE A CB   1 
ATOM   1215 C CG1  . ILE A 1 173 ? -0.55037  7.92451   1.17896   1.000 53.61000  ? 312 ILE A CG1  1 
ATOM   1216 C CG2  . ILE A 1 173 ? 1.66710   8.56316   2.16161   1.000 55.35000  ? 312 ILE A CG2  1 
ATOM   1217 C CD1  . ILE A 1 173 ? -1.21091  7.69543   2.51952   1.000 60.80000  ? 312 ILE A CD1  1 
ATOM   1218 N N    . ALA A 1 174 ? 3.77496   8.52775   -0.83106  1.000 57.95000  ? 313 ALA A N    1 
ATOM   1219 C CA   . ALA A 1 174 ? 5.22443   8.44461   -0.92062  1.000 52.12000  ? 313 ALA A CA   1 
ATOM   1220 C C    . ALA A 1 174 ? 5.84200   9.54586   -0.07185  1.000 53.30000  ? 313 ALA A C    1 
ATOM   1221 O O    . ALA A 1 174 ? 5.33186   10.67000  -0.03122  1.000 55.85000  ? 313 ALA A O    1 
ATOM   1222 C CB   . ALA A 1 174 ? 5.69769   8.56645   -2.37282  1.000 48.28000  ? 313 ALA A CB   1 
ATOM   1223 N N    . TYR A 1 175 ? 6.94015   9.22176   0.60684   1.000 59.52000  ? 314 TYR A N    1 
ATOM   1224 C CA   . TYR A 1 175 ? 7.52763   10.15863  1.55367   1.000 64.72000  ? 314 TYR A CA   1 
ATOM   1225 C C    . TYR A 1 175 ? 8.97742   9.78481   1.81309   1.000 69.00000  ? 314 TYR A C    1 
ATOM   1226 O O    . TYR A 1 175 ? 9.40189   8.64990   1.57696   1.000 62.56000  ? 314 TYR A O    1 
ATOM   1227 C CB   . TYR A 1 175 ? 6.73863   10.18082  2.86758   1.000 62.79000  ? 314 TYR A CB   1 
ATOM   1228 C CG   . TYR A 1 175 ? 6.55225   8.81165   3.48495   1.000 58.74000  ? 314 TYR A CG   1 
ATOM   1229 C CD1  . TYR A 1 175 ? 5.49197   7.99624   3.10651   1.000 62.20000  ? 314 TYR A CD1  1 
ATOM   1230 C CD2  . TYR A 1 175 ? 7.43626   8.33260   4.44202   1.000 63.57000  ? 314 TYR A CD2  1 
ATOM   1231 C CE1  . TYR A 1 175 ? 5.31883   6.74425   3.66430   1.000 63.47000  ? 314 TYR A CE1  1 
ATOM   1232 C CE2  . TYR A 1 175 ? 7.27050   7.08128   5.00574   1.000 59.32000  ? 314 TYR A CE2  1 
ATOM   1233 C CZ   . TYR A 1 175 ? 6.20975   6.29202   4.61329   1.000 59.48000  ? 314 TYR A CZ   1 
ATOM   1234 O OH   . TYR A 1 175 ? 6.04089   5.04589   5.17167   1.000 67.03000  ? 314 TYR A OH   1 
ATOM   1235 N N    . GLN A 1 176 ? 9.73076   10.76280  2.30927   1.000 76.52000  ? 315 GLN A N    1 
ATOM   1236 C CA   . GLN A 1 176 ? 11.09086  10.56573  2.78584   1.000 77.05000  ? 315 GLN A CA   1 
ATOM   1237 C C    . GLN A 1 176 ? 11.17987  11.04101  4.22832   1.000 70.01000  ? 315 GLN A C    1 
ATOM   1238 O O    . GLN A 1 176 ? 10.56693  12.04919  4.59616   1.000 88.41000  ? 315 GLN A O    1 
ATOM   1239 C CB   . GLN A 1 176 ? 12.10923  11.32390  1.92672   1.000 74.25000  ? 315 GLN A CB   1 
ATOM   1240 C CG   . GLN A 1 176 ? 11.99723  11.06387  0.43602   1.000 83.51000  ? 315 GLN A CG   1 
ATOM   1241 C CD   . GLN A 1 176 ? 13.08970  11.75520  -0.35648  1.000 85.55000  ? 315 GLN A CD   1 
ATOM   1242 O OE1  . GLN A 1 176 ? 14.25476  11.75602  0.04211   1.000 79.42000  ? 315 GLN A OE1  1 
ATOM   1243 N NE2  . GLN A 1 176 ? 12.71671  12.35465  -1.48146  1.000 89.67000  ? 315 GLN A NE2  1 
ATOM   1244 N N    . GLU A 1 177 ? 11.93427  10.31087  5.04232   1.000 71.43000  ? 316 GLU A N    1 
ATOM   1245 C CA   . GLU A 1 177 ? 12.10595  10.66440  6.44757   1.000 83.09000  ? 316 GLU A CA   1 
ATOM   1246 C C    . GLU A 1 177 ? 12.82184  12.00432  6.59252   1.000 70.08000  ? 316 GLU A C    1 
ATOM   1247 O O    . GLU A 1 177 ? 13.79340  12.12336  7.33825   1.000 77.53000  ? 316 GLU A O    1 
ATOM   1248 C CB   . GLU A 1 177 ? 12.88302  9.57140   7.18590   1.000 80.66000  ? 316 GLU A CB   1 
ATOM   1249 C CG   . GLU A 1 177 ? 12.18945  8.21736   7.20270   1.000 82.85000  ? 316 GLU A CG   1 
ATOM   1250 C CD   . GLU A 1 177 ? 10.93893  8.20884   8.06187   1.000 81.83000  ? 316 GLU A CD   1 
ATOM   1251 O OE1  . GLU A 1 177 ? 10.93826  8.86689   9.12437   1.000 74.32000  ? 316 GLU A OE1  1 
ATOM   1252 O OE2  . GLU A 1 177 ? 9.95450   7.54538   7.67159   1.000 82.85000  ? 316 GLU A OE2  1 
ATOM   1253 N N    . SER A 1 182 ? 14.41851  15.59188  12.65829  1.000 82.17000  ? 321 SER A N    1 
ATOM   1254 C CA   . SER A 1 182 ? 14.22022  14.14937  12.59540  1.000 88.16000  ? 321 SER A CA   1 
ATOM   1255 C C    . SER A 1 182 ? 12.88731  13.75321  13.22081  1.000 105.00000 ? 321 SER A C    1 
ATOM   1256 O O    . SER A 1 182 ? 12.78249  12.72017  13.88215  1.000 102.17000 ? 321 SER A O    1 
ATOM   1257 C CB   . SER A 1 182 ? 15.36978  13.41992  13.29150  1.000 88.99000  ? 321 SER A CB   1 
ATOM   1258 O OG   . SER A 1 182 ? 16.61450  13.75289  12.70311  1.000 92.44000  ? 321 SER A OG   1 
ATOM   1259 N N    . SER A 1 183 ? 11.87217  14.58559  13.01137  1.000 105.72000 ? 322 SER A N    1 
ATOM   1260 C CA   . SER A 1 183 ? 10.52670  14.33646  13.50874  1.000 93.12000  ? 322 SER A CA   1 
ATOM   1261 C C    . SER A 1 183 ? 9.60437   14.07065  12.32944  1.000 104.53000 ? 322 SER A C    1 
ATOM   1262 O O    . SER A 1 183 ? 9.53246   14.87808  11.39699  1.000 108.31000 ? 322 SER A O    1 
ATOM   1263 C CB   . SER A 1 183 ? 10.01120  15.52322  14.32637  1.000 93.74000  ? 322 SER A CB   1 
ATOM   1264 O OG   . SER A 1 183 ? 8.67798   15.30369  14.75242  1.000 95.45000  ? 322 SER A OG   1 
ATOM   1265 N N    . PHE A 1 184 ? 8.90104   12.94195  12.37313  1.000 109.75000 ? 323 PHE A N    1 
ATOM   1266 C CA   . PHE A 1 184 ? 8.03157   12.54804  11.27710  1.000 94.51000  ? 323 PHE A CA   1 
ATOM   1267 C C    . PHE A 1 184 ? 6.91019   11.68032  11.82498  1.000 84.41000  ? 323 PHE A C    1 
ATOM   1268 O O    . PHE A 1 184 ? 7.13453   10.85454  12.71433  1.000 85.47000  ? 323 PHE A O    1 
ATOM   1269 C CB   . PHE A 1 184 ? 8.81555   11.79773  10.19368  1.000 90.27000  ? 323 PHE A CB   1 
ATOM   1270 C CG   . PHE A 1 184 ? 8.02445   11.52046  8.94829   1.000 90.12000  ? 323 PHE A CG   1 
ATOM   1271 C CD1  . PHE A 1 184 ? 7.79236   12.52355  8.02082   1.000 92.84000  ? 323 PHE A CD1  1 
ATOM   1272 C CD2  . PHE A 1 184 ? 7.52567   10.25260  8.69474   1.000 83.99000  ? 323 PHE A CD2  1 
ATOM   1273 C CE1  . PHE A 1 184 ? 7.06767   12.26979  6.87036   1.000 89.60000  ? 323 PHE A CE1  1 
ATOM   1274 C CE2  . PHE A 1 184 ? 6.80223   9.99306   7.54694   1.000 78.79000  ? 323 PHE A CE2  1 
ATOM   1275 C CZ   . PHE A 1 184 ? 6.57283   11.00334  6.63354   1.000 85.46000  ? 323 PHE A CZ   1 
ATOM   1276 N N    . SER A 1 185 ? 5.70634   11.87928  11.29521  1.000 86.81000  ? 324 SER A N    1 
ATOM   1277 C CA   . SER A 1 185 ? 4.53474   11.11304  11.69972  1.000 78.52000  ? 324 SER A CA   1 
ATOM   1278 C C    . SER A 1 185 ? 3.88234   10.52808  10.45834  1.000 78.93000  ? 324 SER A C    1 
ATOM   1279 O O    . SER A 1 185 ? 3.43803   11.27270  9.57830   1.000 81.74000  ? 324 SER A O    1 
ATOM   1280 C CB   . SER A 1 185 ? 3.53927   11.98369  12.47192  1.000 69.24000  ? 324 SER A CB   1 
ATOM   1281 O OG   . SER A 1 185 ? 2.42320   11.22400  12.90322  1.000 71.71000  ? 324 SER A OG   1 
ATOM   1282 N N    . LEU A 1 186 ? 3.82898   9.19642   10.39025  1.000 74.45000  ? 325 LEU A N    1 
ATOM   1283 C CA   . LEU A 1 186 ? 3.13032   8.54745   9.28823   1.000 66.25000  ? 325 LEU A CA   1 
ATOM   1284 C C    . LEU A 1 186 ? 1.62455   8.74059   9.40120   1.000 69.92000  ? 325 LEU A C    1 
ATOM   1285 O O    . LEU A 1 186 ? 0.93109   8.80841   8.38090   1.000 69.75000  ? 325 LEU A O    1 
ATOM   1286 C CB   . LEU A 1 186 ? 3.48430   7.05983   9.24908   1.000 64.44000  ? 325 LEU A CB   1 
ATOM   1287 C CG   . LEU A 1 186 ? 3.06992   6.28581   7.99763   1.000 62.70000  ? 325 LEU A CG   1 
ATOM   1288 C CD1  . LEU A 1 186 ? 3.47512   7.04964   6.74922   1.000 60.46000  ? 325 LEU A CD1  1 
ATOM   1289 C CD2  . LEU A 1 186 ? 3.69578   4.90102   8.00312   1.000 62.34000  ? 325 LEU A CD2  1 
ATOM   1290 N N    . SER A 1 187 ? 1.10457   8.83031   10.62894  1.000 65.84000  ? 326 SER A N    1 
ATOM   1291 C CA   . SER A 1 187 ? -0.31626  9.10931   10.81026  1.000 64.64000  ? 326 SER A CA   1 
ATOM   1292 C C    . SER A 1 187 ? -0.68208  10.47673  10.24578  1.000 68.27000  ? 326 SER A C    1 
ATOM   1293 O O    . SER A 1 187 ? -1.70990  10.62292  9.57539   1.000 72.47000  ? 326 SER A O    1 
ATOM   1294 C CB   . SER A 1 187 ? -0.68418  9.01900   12.29173  1.000 63.51000  ? 326 SER A CB   1 
ATOM   1295 O OG   . SER A 1 187 ? 0.10128   9.90392   13.07098  1.000 73.19000  ? 326 SER A OG   1 
ATOM   1296 N N    . GLN A 1 188 ? 0.15061   11.48811  10.49989  1.000 73.84000  ? 327 GLN A N    1 
ATOM   1297 C CA   . GLN A 1 188 ? -0.09211  12.80693  9.92265   1.000 69.62000  ? 327 GLN A CA   1 
ATOM   1298 C C    . GLN A 1 188 ? 0.03284   12.77760  8.40443   1.000 65.21000  ? 327 GLN A C    1 
ATOM   1299 O O    . GLN A 1 188 ? -0.74754  13.42591  7.69842   1.000 71.92000  ? 327 GLN A O    1 
ATOM   1300 C CB   . GLN A 1 188 ? 0.87135   13.83067  10.52258  1.000 70.11000  ? 327 GLN A CB   1 
ATOM   1301 C CG   . GLN A 1 188 ? 0.60510   14.14467  11.98588  1.000 73.22000  ? 327 GLN A CG   1 
ATOM   1302 C CD   . GLN A 1 188 ? -0.74909  14.79000  12.20256  1.000 73.31000  ? 327 GLN A CD   1 
ATOM   1303 O OE1  . GLN A 1 188 ? -1.21389  15.57665  11.37780  1.000 74.02000  ? 327 GLN A OE1  1 
ATOM   1304 N NE2  . GLN A 1 188 ? -1.39457  14.45377  13.31391  1.000 77.82000  ? 327 GLN A NE2  1 
ATOM   1305 N N    . GLU A 1 189 ? 1.01469   12.03518  7.88414   1.000 61.29000  ? 328 GLU A N    1 
ATOM   1306 C CA   . GLU A 1 189 ? 1.18009   11.93189  6.43730   1.000 70.82000  ? 328 GLU A CA   1 
ATOM   1307 C C    . GLU A 1 189 ? -0.02486  11.25899  5.79000   1.000 74.09000  ? 328 GLU A C    1 
ATOM   1308 O O    . GLU A 1 189 ? -0.50123  11.70131  4.73661   1.000 75.48000  ? 328 GLU A O    1 
ATOM   1309 C CB   . GLU A 1 189 ? 2.46315   11.16583  6.11158   1.000 73.01000  ? 328 GLU A CB   1 
ATOM   1310 C CG   . GLU A 1 189 ? 2.81073   11.12489  4.63172   1.000 76.87000  ? 328 GLU A CG   1 
ATOM   1311 C CD   . GLU A 1 189 ? 3.32189   12.45606  4.11222   1.000 89.84000  ? 328 GLU A CD   1 
ATOM   1312 O OE1  . GLU A 1 189 ? 3.70056   13.31339  4.93871   1.000 94.38000  ? 328 GLU A OE1  1 
ATOM   1313 O OE2  . GLU A 1 189 ? 3.34694   12.64555  2.87795   1.000 84.36000  ? 328 GLU A OE2  1 
ATOM   1314 N N    . VAL A 1 190 ? -0.52892  10.18477  6.40200   1.000 66.19000  ? 329 VAL A N    1 
ATOM   1315 C CA   . VAL A 1 190 ? -1.70735  9.50950   5.86733   1.000 64.59000  ? 329 VAL A CA   1 
ATOM   1316 C C    . VAL A 1 190 ? -2.94426  10.38541  6.02129   1.000 68.35000  ? 329 VAL A C    1 
ATOM   1317 O O    . VAL A 1 190 ? -3.76800  10.48779  5.10385   1.000 70.42000  ? 329 VAL A O    1 
ATOM   1318 C CB   . VAL A 1 190 ? -1.89431  8.13946   6.54532   1.000 65.07000  ? 329 VAL A CB   1 
ATOM   1319 C CG1  . VAL A 1 190 ? -3.22713  7.52509   6.14566   1.000 63.21000  ? 329 VAL A CG1  1 
ATOM   1320 C CG2  . VAL A 1 190 ? -0.75167  7.20599   6.18043   1.000 62.12000  ? 329 VAL A CG2  1 
ATOM   1321 N N    . LEU A 1 191 ? -3.09576  11.03045  7.18266   1.000 64.38000  ? 330 LEU A N    1 
ATOM   1322 C CA   . LEU A 1 191 ? -4.24851  11.89991  7.40012   1.000 60.26000  ? 330 LEU A CA   1 
ATOM   1323 C C    . LEU A 1 191 ? -4.26395  13.06691  6.42171   1.000 69.49000  ? 330 LEU A C    1 
ATOM   1324 O O    . LEU A 1 191 ? -5.33925  13.56925  6.07607   1.000 74.19000  ? 330 LEU A O    1 
ATOM   1325 C CB   . LEU A 1 191 ? -4.26446  12.40938  8.84298   1.000 57.86000  ? 330 LEU A CB   1 
ATOM   1326 C CG   . LEU A 1 191 ? -4.76818  11.43042  9.90803   1.000 57.19000  ? 330 LEU A CG   1 
ATOM   1327 C CD1  . LEU A 1 191 ? -4.51194  11.96624  11.30999  1.000 67.47000  ? 330 LEU A CD1  1 
ATOM   1328 C CD2  . LEU A 1 191 ? -6.24558  11.13692  9.70838   1.000 61.05000  ? 330 LEU A CD2  1 
ATOM   1329 N N    . ARG A 1 192 ? -3.09024  13.50950  5.96580   1.000 62.60000  ? 331 ARG A N    1 
ATOM   1330 C CA   . ARG A 1 192 ? -3.03756  14.57505  4.96957   1.000 67.68000  ? 331 ARG A CA   1 
ATOM   1331 C C    . ARG A 1 192 ? -3.73434  14.15422  3.67995   1.000 72.33000  ? 331 ARG A C    1 
ATOM   1332 O O    . ARG A 1 192 ? -4.55807  14.89725  3.13340   1.000 71.18000  ? 331 ARG A O    1 
ATOM   1333 C CB   . ARG A 1 192 ? -1.58542  14.96036  4.69227   1.000 70.14000  ? 331 ARG A CB   1 
ATOM   1334 C CG   . ARG A 1 192 ? -1.40697  15.80003  3.44195   1.000 73.58000  ? 331 ARG A CG   1 
ATOM   1335 C CD   . ARG A 1 192 ? 0.02146   15.74081  2.94114   1.000 79.13000  ? 331 ARG A CD   1 
ATOM   1336 N NE   . ARG A 1 192 ? 0.11342   16.10342  1.53253   1.000 78.64000  ? 331 ARG A NE   1 
ATOM   1337 C CZ   . ARG A 1 192 ? 1.20718   15.96806  0.79432   1.000 81.74000  ? 331 ARG A CZ   1 
ATOM   1338 N NH1  . ARG A 1 192 ? 2.32780   15.48433  1.30279   1.000 85.87000  ? 331 ARG A NH1  1 
ATOM   1339 N NH2  . ARG A 1 192 ? 1.17234   16.32350  -0.48677  1.000 79.22000  ? 331 ARG A NH2  1 
ATOM   1340 N N    . HIS A 1 193 ? -3.41612  12.95722  3.17994   1.000 69.07000  ? 332 HIS A N    1 
ATOM   1341 C CA   . HIS A 1 193 ? -4.06475  12.46541  1.96950   1.000 66.32000  ? 332 HIS A CA   1 
ATOM   1342 C C    . HIS A 1 193 ? -5.54969  12.21049  2.19349   1.000 72.80000  ? 332 HIS A C    1 
ATOM   1343 O O    . HIS A 1 193 ? -6.35309  12.38373  1.27057   1.000 85.85000  ? 332 HIS A O    1 
ATOM   1344 C CB   . HIS A 1 193 ? -3.37159  11.19258  1.47865   1.000 69.23000  ? 332 HIS A CB   1 
ATOM   1345 C CG   . HIS A 1 193 ? -2.00576  11.42661  0.91047   1.000 62.49000  ? 332 HIS A CG   1 
ATOM   1346 N ND1  . HIS A 1 193 ? -0.91261  11.72288  1.69544   1.000 67.55000  ? 332 HIS A ND1  1 
ATOM   1347 C CD2  . HIS A 1 193 ? -1.55767  11.40815  -0.36738  1.000 58.88000  ? 332 HIS A CD2  1 
ATOM   1348 C CE1  . HIS A 1 193 ? 0.15031   11.87625  0.92624   1.000 73.62000  ? 332 HIS A CE1  1 
ATOM   1349 N NE2  . HIS A 1 193 ? -0.21396  11.69081  -0.32917  1.000 60.76000  ? 332 HIS A NE2  1 
ATOM   1350 N N    . LEU A 1 194 ? -5.93267  11.80449  3.40590   1.000 70.31000  ? 333 LEU A N    1 
ATOM   1351 C CA   . LEU A 1 194 ? -7.34173  11.56209  3.69905   1.000 71.90000  ? 333 LEU A CA   1 
ATOM   1352 C C    . LEU A 1 194 ? -8.14555  12.85638  3.66014   1.000 81.00000  ? 333 LEU A C    1 
ATOM   1353 O O    . LEU A 1 194 ? -9.22562  12.91031  3.05970   1.000 87.16000  ? 333 LEU A O    1 
ATOM   1354 C CB   . LEU A 1 194 ? -7.48006  10.88709  5.06428   1.000 64.66000  ? 333 LEU A CB   1 
ATOM   1355 C CG   . LEU A 1 194 ? -6.95431  9.45868   5.19091   1.000 68.94000  ? 333 LEU A CG   1 
ATOM   1356 C CD1  . LEU A 1 194 ? -6.83365  9.06763   6.65225   1.000 76.73000  ? 333 LEU A CD1  1 
ATOM   1357 C CD2  . LEU A 1 194 ? -7.87308  8.49873   4.46169   1.000 66.48000  ? 333 LEU A CD2  1 
ATOM   1358 N N    . ARG A 1 195 ? -7.63420  13.90951  4.30270   1.000 82.69000  ? 334 ARG A N    1 
ATOM   1359 C CA   . ARG A 1 195 ? -8.37372  15.16683  4.38133   1.000 80.10000  ? 334 ARG A CA   1 
ATOM   1360 C C    . ARG A 1 195 ? -8.54223  15.80403  3.00673   1.000 78.03000  ? 334 ARG A C    1 
ATOM   1361 O O    . ARG A 1 195 ? -9.62462  16.30415  2.67880   1.000 85.68000  ? 334 ARG A O    1 
ATOM   1362 C CB   . ARG A 1 195 ? -7.66681  16.12910  5.33447   1.000 76.46000  ? 334 ARG A CB   1 
ATOM   1363 C CG   . ARG A 1 195 ? -7.61103  15.64905  6.77574   1.000 68.53000  ? 334 ARG A CG   1 
ATOM   1364 C CD   . ARG A 1 195 ? -6.54389  16.39506  7.55731   1.000 73.96000  ? 334 ARG A CD   1 
ATOM   1365 N NE   . ARG A 1 195 ? -6.42638  15.90844  8.92741   1.000 76.72000  ? 334 ARG A NE   1 
ATOM   1366 C CZ   . ARG A 1 195 ? -5.47149  16.27510  9.77149   1.000 83.32000  ? 334 ARG A CZ   1 
ATOM   1367 N NH1  . ARG A 1 195 ? -4.52184  17.12477  9.41599   1.000 84.10000  ? 334 ARG A NH1  1 
ATOM   1368 N NH2  . ARG A 1 195 ? -5.46880  15.77413  11.00363  1.000 75.28000  ? 334 ARG A NH2  1 
ATOM   1369 N N    . GLN A 1 196 ? -7.48386  15.80069  2.19242   1.000 77.69000  ? 335 GLN A N    1 
ATOM   1370 C CA   . GLN A 1 196 ? -7.57478  16.40251  0.86540   1.000 87.35000  ? 335 GLN A CA   1 
ATOM   1371 C C    . GLN A 1 196 ? -8.51631  15.61906  -0.04124  1.000 88.88000  ? 335 GLN A C    1 
ATOM   1372 O O    . GLN A 1 196 ? -9.15452  16.20458  -0.92409  1.000 95.76000  ? 335 GLN A O    1 
ATOM   1373 C CB   . GLN A 1 196 ? -6.18679  16.50415  0.23531   1.000 84.85000  ? 335 GLN A CB   1 
ATOM   1374 C CG   . GLN A 1 196 ? -6.17266  17.18522  -1.12419  1.000 86.07000  ? 335 GLN A CG   1 
ATOM   1375 C CD   . GLN A 1 196 ? -4.78295  17.27476  -1.72113  1.000 98.31000  ? 335 GLN A CD   1 
ATOM   1376 O OE1  . GLN A 1 196 ? -3.78209  17.14200  -1.01710  1.000 102.67000 ? 335 GLN A OE1  1 
ATOM   1377 N NE2  . GLN A 1 196 ? -4.71414  17.50133  -3.02783  1.000 97.87000  ? 335 GLN A NE2  1 
ATOM   1378 N N    . GLU A 1 197 ? -8.61219  14.30099  0.15651   1.000 84.23000  ? 336 GLU A N    1 
ATOM   1379 C CA   . GLU A 1 197 ? -9.56100  13.49711  -0.60599  1.000 92.71000  ? 336 GLU A CA   1 
ATOM   1380 C C    . GLU A 1 197 ? -10.99430 13.96182  -0.38792  1.000 96.59000  ? 336 GLU A C    1 
ATOM   1381 O O    . GLU A 1 197 ? -11.82573 13.85590  -1.29668  1.000 99.35000  ? 336 GLU A O    1 
ATOM   1382 C CB   . GLU A 1 197 ? -9.42267  12.02140  -0.22906  1.000 87.07000  ? 336 GLU A CB   1 
ATOM   1383 C CG   . GLU A 1 197 ? -8.31190  11.29248  -0.95877  1.000 85.46000  ? 336 GLU A CG   1 
ATOM   1384 C CD   . GLU A 1 197 ? -8.63544  11.06648  -2.41955  1.000 102.31000 ? 336 GLU A CD   1 
ATOM   1385 O OE1  . GLU A 1 197 ? -9.83563  11.04762  -2.76521  1.000 109.91000 ? 336 GLU A OE1  1 
ATOM   1386 O OE2  . GLU A 1 197 ? -7.69069  10.90873  -3.22177  1.000 90.67000  ? 336 GLU A OE2  1 
ATOM   1387 N N    . GLU A 1 198 ? -11.30129 14.47276  0.80153   1.000 89.42000  ? 337 GLU A N    1 
ATOM   1388 C CA   . GLU A 1 198 ? -12.63691 14.97631  1.11335   1.000 90.48000  ? 337 GLU A CA   1 
ATOM   1389 C C    . GLU A 1 198 ? -12.68502 16.45312  0.74186   1.000 96.50000  ? 337 GLU A C    1 
ATOM   1390 O O    . GLU A 1 198 ? -12.39891 17.33299  1.55709   1.000 92.14000  ? 337 GLU A O    1 
ATOM   1391 C CB   . GLU A 1 198 ? -12.96589 14.74670  2.58319   1.000 83.40000  ? 337 GLU A CB   1 
ATOM   1392 C CG   . GLU A 1 198 ? -12.92905 13.28485  3.00506   1.000 100.91000 ? 337 GLU A CG   1 
ATOM   1393 C CD   . GLU A 1 198 ? -12.85388 13.11907  4.51099   1.000 110.74000 ? 337 GLU A CD   1 
ATOM   1394 O OE1  . GLU A 1 198 ? -12.58565 14.12259  5.20440   1.000 109.29000 ? 337 GLU A OE1  1 
ATOM   1395 O OE2  . GLU A 1 198 ? -13.05934 11.98872  5.00066   1.000 114.64000 ? 337 GLU A OE2  1 
ATOM   1396 N N    . LYS A 1 199 ? -13.05770 16.72492  -0.50733  1.000 95.20000  ? 338 LYS A N    1 
ATOM   1397 C CA   . LYS A 1 199 ? -13.15919 18.09115  -1.00911  1.000 95.99000  ? 338 LYS A CA   1 
ATOM   1398 C C    . LYS A 1 199 ? -13.98628 18.12682  -2.28835  1.000 100.01000 ? 338 LYS A C    1 
ATOM   1399 O O    . LYS A 1 199 ? -13.81466 17.28573  -3.17407  1.000 92.54000  ? 338 LYS A O    1 
ATOM   1400 C CB   . LYS A 1 199 ? -11.76955 18.68058  -1.26078  1.000 84.57000  ? 338 LYS A CB   1 
HETATM 1401 C C12  . KAX B 2 .   ? -0.87798  -8.82305  -0.81050  0.500 45.99000  ? 401 KAX A C12  1 
HETATM 1402 C C14  . KAX B 2 .   ? -0.07308  -9.31190  -2.82202  0.500 42.88000  ? 401 KAX A C14  1 
HETATM 1403 C C15  . KAX B 2 .   ? -0.84621  -10.45367 -2.91683  0.500 44.18000  ? 401 KAX A C15  1 
HETATM 1404 C C16  . KAX B 2 .   ? -1.67512  -10.72793 -1.81984  0.500 47.90000  ? 401 KAX A C16  1 
HETATM 1405 C C18  . KAX B 2 .   ? 0.26734   -10.34735 -4.71632  0.500 43.94000  ? 401 KAX A C18  1 
HETATM 1406 C C2   . KAX B 2 .   ? 1.03068   -17.69792 -4.14553  0.500 46.25000  ? 401 KAX A C2   1 
HETATM 1407 C C21  . KAX B 2 .   ? 4.48382   -15.25030 -5.25885  0.500 41.71000  ? 401 KAX A C21  1 
HETATM 1408 C C22  . KAX B 2 .   ? 3.78451   -14.63316 -6.47244  0.500 45.72000  ? 401 KAX A C22  1 
HETATM 1409 C C23  . KAX B 2 .   ? 4.20488   -13.17797 -6.38286  0.500 43.23000  ? 401 KAX A C23  1 
HETATM 1410 C C24  . KAX B 2 .   ? 5.64584   -13.32475 -5.92308  0.500 40.03000  ? 401 KAX A C24  1 
HETATM 1411 C C25  . KAX B 2 .   ? 6.22644   -12.09944 -5.25345  0.500 39.19000  ? 401 KAX A C25  1 
HETATM 1412 C C31  . KAX B 2 .   ? 1.61672   -8.21589  -4.37200  0.500 41.53000  ? 401 KAX A C31  1 
HETATM 1413 C C32  . KAX B 2 .   ? 2.95181   -8.36106  -3.65723  0.500 45.56000  ? 401 KAX A C32  1 
HETATM 1414 C C33  . KAX B 2 .   ? 3.64822   -9.33719  -4.57618  0.500 43.45000  ? 401 KAX A C33  1 
HETATM 1415 C C34  . KAX B 2 .   ? 3.44258   -8.69282  -5.94227  0.500 40.03000  ? 401 KAX A C34  1 
HETATM 1416 C C35  . KAX B 2 .   ? 3.70373   -9.60182  -7.12305  0.500 39.36000  ? 401 KAX A C35  1 
HETATM 1417 C C36  . KAX B 2 .   ? 1.97861   -8.21716  -5.87163  0.500 41.28000  ? 401 KAX A C36  1 
HETATM 1418 C C4   . KAX B 2 .   ? 2.56654   -16.11933 -3.85913  0.500 42.91000  ? 401 KAX A C4   1 
HETATM 1419 C C5   . KAX B 2 .   ? 2.06654   -15.77854 -2.61661  0.500 44.23000  ? 401 KAX A C5   1 
HETATM 1420 C C6   . KAX B 2 .   ? 0.95342   -16.51013 -2.18048  0.500 47.85000  ? 401 KAX A C6   1 
HETATM 1421 C C8   . KAX B 2 .   ? 3.71891   -14.49487 -2.95978  0.500 44.01000  ? 401 KAX A C8   1 
HETATM 1422 F F32  . KAX B 2 .   ? 3.61885   -7.13424  -3.69810  0.500 44.73000  ? 401 KAX A F32  1 
HETATM 1423 N N1   . KAX B 2 .   ? 0.43977   -17.47947 -2.96592  0.500 47.70000  ? 401 KAX A N1   1 
HETATM 1424 N N11  . KAX B 2 .   ? -1.67982  -9.89201  -0.76013  0.500 47.79000  ? 401 KAX A N11  1 
HETATM 1425 N N13  . KAX B 2 .   ? -0.04559  -8.45134  -1.79154  0.500 43.55000  ? 401 KAX A N13  1 
HETATM 1426 N N16  . KAX B 2 .   ? -2.46450  -11.80797 -1.80252  0.500 52.16000  ? 401 KAX A N16  1 
HETATM 1427 N N17  . KAX B 2 .   ? -0.62550  -11.10492 -4.11923  0.500 44.11000  ? 401 KAX A N17  1 
HETATM 1428 N N19  . KAX B 2 .   ? 0.63622   -9.24345  -3.99250  0.500 42.09000  ? 401 KAX A N19  1 
HETATM 1429 N N3   . KAX B 2 .   ? 2.09080   -17.07352 -4.67530  0.500 43.94000  ? 401 KAX A N3   1 
HETATM 1430 N N6   . KAX B 2 .   ? 0.38649   -16.26533 -0.99422  0.500 51.96000  ? 401 KAX A N6   1 
HETATM 1431 N N7   . KAX B 2 .   ? 2.80156   -14.74906 -2.05270  0.500 44.22000  ? 401 KAX A N7   1 
HETATM 1432 N N9   . KAX B 2 .   ? 3.64162   -15.29811 -4.06939  0.500 42.02000  ? 401 KAX A N9   1 
HETATM 1433 O O23  . KAX B 2 .   ? 4.14731   -12.59531 -7.69560  0.500 43.18000  ? 401 KAX A O23  1 
HETATM 1434 O O24  . KAX B 2 .   ? 5.60239   -14.42136 -4.98048  0.500 40.65000  ? 401 KAX A O24  1 
HETATM 1435 O O25  . KAX B 2 .   ? 5.49918   -11.82447 -4.03836  0.500 38.37000  ? 401 KAX A O25  1 
HETATM 1436 O O33  . KAX B 2 .   ? 5.05084   -9.35003  -4.26657  0.500 43.55000  ? 401 KAX A O33  1 
HETATM 1437 O O35  . KAX B 2 .   ? 2.66747   -10.59771 -7.24615  0.500 39.41000  ? 401 KAX A O35  1 
HETATM 1438 P P25  . KAX B 2 .   ? 5.66336   -10.43662 -3.28321  0.500 43.36000  ? 401 KAX A P25  1 
HETATM 1439 P P35  . KAX B 2 .   ? 2.83740   -11.85424 -8.20367  0.500 45.40000  ? 401 KAX A P35  1 
HETATM 1440 O O25A . KAX B 2 .   ? 7.12132   -10.15165 -3.07305  0.500 49.52000  ? 401 KAX A O25A 1 
HETATM 1441 O O25B . KAX B 2 .   ? 4.86695   -10.46308 -2.01237  0.500 43.61000  ? 401 KAX A O25B 1 
HETATM 1442 O O35A . KAX B 2 .   ? 3.04263   -11.38352 -9.61469  0.500 49.24000  ? 401 KAX A O35A 1 
HETATM 1443 O O35B . KAX B 2 .   ? 1.65605   -12.76408 -8.03893  0.500 45.21000  ? 401 KAX A O35B 1 
# 
loop_
_pdbx_poly_seq_scheme.asym_id 
_pdbx_poly_seq_scheme.entity_id 
_pdbx_poly_seq_scheme.seq_id 
_pdbx_poly_seq_scheme.mon_id 
_pdbx_poly_seq_scheme.ndb_seq_num 
_pdbx_poly_seq_scheme.pdb_seq_num 
_pdbx_poly_seq_scheme.auth_seq_num 
_pdbx_poly_seq_scheme.pdb_mon_id 
_pdbx_poly_seq_scheme.auth_mon_id 
_pdbx_poly_seq_scheme.pdb_strand_id 
_pdbx_poly_seq_scheme.pdb_ins_code 
_pdbx_poly_seq_scheme.hetero 
A 1 1   ALA 1   140 ?   ?   ?   A . n 
A 1 2   PRO 2   141 ?   ?   ?   A . n 
A 1 3   ALA 3   142 ?   ?   ?   A . n 
A 1 4   GLU 4   143 ?   ?   ?   A . n 
A 1 5   ILE 5   144 ?   ?   ?   A . n 
A 1 6   SER 6   145 ?   ?   ?   A . n 
A 1 7   ALA 7   146 ?   ?   ?   A . n 
A 1 8   VAL 8   147 ?   ?   ?   A . n 
A 1 9   CYS 9   148 ?   ?   ?   A . n 
A 1 10  GLU 10  149 ?   ?   ?   A . n 
A 1 11  LYS 11  150 ?   ?   ?   A . n 
A 1 12  GLY 12  151 ?   ?   ?   A . n 
A 1 13  ASN 13  152 ?   ?   ?   A . n 
A 1 14  PHE 14  153 ?   ?   ?   A . n 
A 1 15  ASN 15  154 154 ASN ASN A . n 
A 1 16  VAL 16  155 155 VAL VAL A . n 
A 1 17  ALA 17  156 156 ALA ALA A . n 
A 1 18  HIS 18  157 157 HIS HIS A . n 
A 1 19  GLY 19  158 158 GLY GLY A . n 
A 1 20  LEU 20  159 159 LEU LEU A . n 
A 1 21  ALA 21  160 160 ALA ALA A . n 
A 1 22  TRP 22  161 161 TRP TRP A . n 
A 1 23  SER 23  162 162 SER SER A . n 
A 1 24  TYR 24  163 163 TYR TYR A . n 
A 1 25  TYR 25  164 164 TYR TYR A . n 
A 1 26  ILE 26  165 165 ILE ILE A . n 
A 1 27  GLY 27  166 166 GLY GLY A . n 
A 1 28  TYR 28  167 167 TYR TYR A . n 
A 1 29  LEU 29  168 168 LEU LEU A . n 
A 1 30  ARG 30  169 169 ARG ARG A . n 
A 1 31  LEU 31  170 170 LEU LEU A . n 
A 1 32  ILE 32  171 171 ILE ILE A . n 
A 1 33  LEU 33  172 172 LEU LEU A . n 
A 1 34  PRO 34  173 173 PRO PRO A . n 
A 1 35  GLU 35  174 174 GLU GLU A . n 
A 1 36  LEU 36  175 175 LEU LEU A . n 
A 1 37  GLN 37  176 176 GLN GLN A . n 
A 1 38  ALA 38  177 177 ALA ALA A . n 
A 1 39  ARG 39  178 178 ARG ARG A . n 
A 1 40  ILE 40  179 179 ILE ILE A . n 
A 1 41  ARG 41  180 180 ARG ARG A . n 
A 1 42  THR 42  181 181 THR THR A . n 
A 1 43  TYR 43  182 182 TYR TYR A . n 
A 1 44  ASN 44  183 183 ASN ASN A . n 
A 1 45  GLN 45  184 184 GLN GLN A . n 
A 1 46  HIS 46  185 185 HIS HIS A . n 
A 1 47  TYR 47  186 186 TYR TYR A . n 
A 1 48  ASN 48  187 ?   ?   ?   A . n 
A 1 49  ASN 49  188 ?   ?   ?   A . n 
A 1 50  LEU 50  189 ?   ?   ?   A . n 
A 1 51  LEU 51  190 ?   ?   ?   A . n 
A 1 52  ARG 52  191 ?   ?   ?   A . n 
A 1 53  GLY 53  192 ?   ?   ?   A . n 
A 1 54  ALA 54  193 193 ALA ALA A . n 
A 1 55  VAL 55  194 194 VAL VAL A . n 
A 1 56  SER 56  195 195 SER SER A . n 
A 1 57  GLN 57  196 196 GLN GLN A . n 
A 1 58  ARG 58  197 197 ARG ARG A . n 
A 1 59  LEU 59  198 198 LEU LEU A . n 
A 1 60  TYR 60  199 199 TYR TYR A . n 
A 1 61  ILE 61  200 200 ILE ILE A . n 
A 1 62  LEU 62  201 201 LEU LEU A . n 
A 1 63  LEU 63  202 202 LEU LEU A . n 
A 1 64  PRO 64  203 203 PRO PRO A . n 
A 1 65  LEU 65  204 204 LEU LEU A . n 
A 1 66  ASP 66  205 205 ASP ASP A . n 
A 1 67  CYS 67  206 206 CYS CYS A . n 
A 1 68  GLY 68  207 207 GLY GLY A . n 
A 1 69  VAL 69  208 208 VAL VAL A . n 
A 1 70  PRO 70  209 209 PRO PRO A . n 
A 1 71  ASP 71  210 210 ASP ASP A . n 
A 1 72  ASN 72  211 211 ASN ASN A . n 
A 1 73  LEU 73  212 212 LEU LEU A . n 
A 1 74  SER 74  213 213 SER SER A . n 
A 1 75  MET 75  214 214 MET MET A . n 
A 1 76  ALA 76  215 215 ALA ALA A . n 
A 1 77  ASP 77  216 216 ASP ASP A . n 
A 1 78  PRO 78  217 217 PRO PRO A . n 
A 1 79  ASN 79  218 218 ASN ASN A . n 
A 1 80  ILE 80  219 219 ILE ILE A . n 
A 1 81  ARG 81  220 220 ARG ARG A . n 
A 1 82  PHE 82  221 221 PHE PHE A . n 
A 1 83  LEU 83  222 222 LEU LEU A . n 
A 1 84  ASP 84  223 223 ASP ASP A . n 
A 1 85  LYS 85  224 224 LYS LYS A . n 
A 1 86  LEU 86  225 225 LEU LEU A . n 
A 1 87  PRO 87  226 226 PRO PRO A . n 
A 1 88  GLN 88  227 227 GLN GLN A . n 
A 1 89  GLN 89  228 228 GLN GLN A . n 
A 1 90  THR 90  229 229 THR THR A . n 
A 1 91  GLY 91  230 230 GLY GLY A . n 
A 1 92  ASP 92  231 231 ASP ASP A . n 
A 1 93  ARG 93  232 232 ARG ARG A . n 
A 1 94  ALA 94  233 233 ALA ALA A . n 
A 1 95  GLY 95  234 234 GLY GLY A . n 
A 1 96  ILE 96  235 235 ILE ILE A . n 
A 1 97  LYS 97  236 236 LYS LYS A . n 
A 1 98  ASP 98  237 237 ASP ASP A . n 
A 1 99  ARG 99  238 238 ARG ARG A . n 
A 1 100 VAL 100 239 239 VAL VAL A . n 
A 1 101 TYR 101 240 240 TYR TYR A . n 
A 1 102 SER 102 241 241 SER SER A . n 
A 1 103 ASN 103 242 242 ASN ASN A . n 
A 1 104 SER 104 243 243 SER SER A . n 
A 1 105 ILE 105 244 244 ILE ILE A . n 
A 1 106 TYR 106 245 245 TYR TYR A . n 
A 1 107 GLU 107 246 246 GLU GLU A . n 
A 1 108 LEU 108 247 247 LEU LEU A . n 
A 1 109 LEU 109 248 248 LEU LEU A . n 
A 1 110 GLU 110 249 249 GLU GLU A . n 
A 1 111 ASN 111 250 250 ASN ASN A . n 
A 1 112 GLY 112 251 251 GLY GLY A . n 
A 1 113 GLN 113 252 252 GLN GLN A . n 
A 1 114 ARG 114 253 253 ARG ARG A . n 
A 1 115 ALA 115 254 254 ALA ALA A . n 
A 1 116 GLY 116 255 255 GLY GLY A . n 
A 1 117 THR 117 256 256 THR THR A . n 
A 1 118 CYS 118 257 257 CYS CYS A . n 
A 1 119 VAL 119 258 258 VAL VAL A . n 
A 1 120 LEU 120 259 259 LEU LEU A . n 
A 1 121 GLU 121 260 260 GLU GLU A . n 
A 1 122 TYR 122 261 261 TYR TYR A . n 
A 1 123 ALA 123 262 262 ALA ALA A . n 
A 1 124 THR 124 263 263 THR THR A . n 
A 1 125 PRO 125 264 264 PRO PRO A . n 
A 1 126 LEU 126 265 265 LEU LEU A . n 
A 1 127 GLN 127 266 266 GLN GLN A . n 
A 1 128 THR 128 267 267 THR THR A . n 
A 1 129 LEU 129 268 268 LEU LEU A . n 
A 1 130 PHE 130 269 269 PHE PHE A . n 
A 1 131 ALA 131 270 270 ALA ALA A . n 
A 1 132 MET 132 271 271 MET MET A . n 
A 1 133 SER 133 272 272 SER SER A . n 
A 1 134 GLN 134 273 273 GLN GLN A . n 
A 1 135 TYR 135 274 274 TYR TYR A . n 
A 1 136 SER 136 275 275 SER SER A . n 
A 1 137 GLN 137 276 276 GLN GLN A . n 
A 1 138 ALA 138 277 277 ALA ALA A . n 
A 1 139 GLY 139 278 278 GLY GLY A . n 
A 1 140 PHE 140 279 279 PHE PHE A . n 
A 1 141 SER 141 280 280 SER SER A . n 
A 1 142 ARG 142 281 281 ARG ARG A . n 
A 1 143 GLU 143 282 282 GLU GLU A . n 
A 1 144 ASP 144 283 283 ASP ASP A . n 
A 1 145 ARG 145 284 284 ARG ARG A . n 
A 1 146 LEU 146 285 285 LEU LEU A . n 
A 1 147 GLU 147 286 286 GLU GLU A . n 
A 1 148 GLN 148 287 287 GLN GLN A . n 
A 1 149 ALA 149 288 288 ALA ALA A . n 
A 1 150 LYS 150 289 289 LYS LYS A . n 
A 1 151 LEU 151 290 290 LEU LEU A . n 
A 1 152 PHE 152 291 291 PHE PHE A . n 
A 1 153 CYS 153 292 292 CYS CYS A . n 
A 1 154 ARG 154 293 293 ARG ARG A . n 
A 1 155 THR 155 294 294 THR THR A . n 
A 1 156 LEU 156 295 295 LEU LEU A . n 
A 1 157 GLU 157 296 296 GLU GLU A . n 
A 1 158 ASP 158 297 297 ASP ASP A . n 
A 1 159 ILE 159 298 298 ILE ILE A . n 
A 1 160 LEU 160 299 299 LEU LEU A . n 
A 1 161 ALA 161 300 300 ALA ALA A . n 
A 1 162 ASP 162 301 301 ASP ASP A . n 
A 1 163 ALA 163 302 302 ALA ALA A . n 
A 1 164 PRO 164 303 303 PRO PRO A . n 
A 1 165 GLU 165 304 304 GLU GLU A . n 
A 1 166 SER 166 305 305 SER SER A . n 
A 1 167 GLN 167 306 306 GLN GLN A . n 
A 1 168 ASN 168 307 307 ASN ASN A . n 
A 1 169 ASN 169 308 308 ASN ASN A . n 
A 1 170 CYS 170 309 309 CYS CYS A . n 
A 1 171 ARG 171 310 310 ARG ARG A . n 
A 1 172 LEU 172 311 311 LEU LEU A . n 
A 1 173 ILE 173 312 312 ILE ILE A . n 
A 1 174 ALA 174 313 313 ALA ALA A . n 
A 1 175 TYR 175 314 314 TYR TYR A . n 
A 1 176 GLN 176 315 315 GLN GLN A . n 
A 1 177 GLU 177 316 316 GLU GLU A . n 
A 1 178 PRO 178 317 ?   ?   ?   A . n 
A 1 179 ALA 179 318 ?   ?   ?   A . n 
A 1 180 ASP 180 319 ?   ?   ?   A . n 
A 1 181 ASP 181 320 ?   ?   ?   A . n 
A 1 182 SER 182 321 321 SER SER A . n 
A 1 183 SER 183 322 322 SER SER A . n 
A 1 184 PHE 184 323 323 PHE PHE A . n 
A 1 185 SER 185 324 324 SER SER A . n 
A 1 186 LEU 186 325 325 LEU LEU A . n 
A 1 187 SER 187 326 326 SER SER A . n 
A 1 188 GLN 188 327 327 GLN GLN A . n 
A 1 189 GLU 189 328 328 GLU GLU A . n 
A 1 190 VAL 190 329 329 VAL VAL A . n 
A 1 191 LEU 191 330 330 LEU LEU A . n 
A 1 192 ARG 192 331 331 ARG ARG A . n 
A 1 193 HIS 193 332 332 HIS HIS A . n 
A 1 194 LEU 194 333 333 LEU LEU A . n 
A 1 195 ARG 195 334 334 ARG ARG A . n 
A 1 196 GLN 196 335 335 GLN GLN A . n 
A 1 197 GLU 197 336 336 GLU GLU A . n 
A 1 198 GLU 198 337 337 GLU GLU A . n 
A 1 199 LYS 199 338 338 LYS LYS A . n 
A 1 200 GLU 200 339 ?   ?   ?   A . n 
A 1 201 GLU 201 340 ?   ?   ?   A . n 
A 1 202 VAL 202 341 ?   ?   ?   A . n 
A 1 203 THR 203 342 ?   ?   ?   A . n 
A 1 204 VAL 204 343 ?   ?   ?   A . n 
# 
_pdbx_contact_author.id                 2 
_pdbx_contact_author.email              boura@uochb.cas.cz 
_pdbx_contact_author.name_first         Evzen 
_pdbx_contact_author.name_last          Boura 
_pdbx_contact_author.name_mi            ? 
_pdbx_contact_author.role               'principal investigator/group leader' 
_pdbx_contact_author.identifier_ORCID   0000-0002-9652-4065 
# 
_pdbx_nonpoly_scheme.asym_id         B 
_pdbx_nonpoly_scheme.entity_id       2 
_pdbx_nonpoly_scheme.mon_id          KAX 
_pdbx_nonpoly_scheme.ndb_seq_num     1 
_pdbx_nonpoly_scheme.pdb_seq_num     401 
_pdbx_nonpoly_scheme.auth_seq_num    1 
_pdbx_nonpoly_scheme.pdb_mon_id      KAX 
_pdbx_nonpoly_scheme.auth_mon_id     177 
_pdbx_nonpoly_scheme.pdb_strand_id   A 
_pdbx_nonpoly_scheme.pdb_ins_code    . 
# 
_pdbx_struct_assembly.id                   1 
_pdbx_struct_assembly.details              author_and_software_defined_assembly 
_pdbx_struct_assembly.method_details       PISA 
_pdbx_struct_assembly.oligomeric_details   dimeric 
_pdbx_struct_assembly.oligomeric_count     2 
# 
_pdbx_struct_assembly_gen.assembly_id       1 
_pdbx_struct_assembly_gen.oper_expression   1,2 
_pdbx_struct_assembly_gen.asym_id_list      A,B 
# 
loop_
_pdbx_struct_assembly_prop.biol_id 
_pdbx_struct_assembly_prop.type 
_pdbx_struct_assembly_prop.value 
_pdbx_struct_assembly_prop.details 
1 'ABSA (A^2)' 4210  ? 
1 MORE         -12   ? 
1 'SSA (A^2)'  15720 ? 
# 
loop_
_pdbx_struct_oper_list.id 
_pdbx_struct_oper_list.type 
_pdbx_struct_oper_list.name 
_pdbx_struct_oper_list.symmetry_operation 
_pdbx_struct_oper_list.matrix[1][1] 
_pdbx_struct_oper_list.matrix[1][2] 
_pdbx_struct_oper_list.matrix[1][3] 
_pdbx_struct_oper_list.vector[1] 
_pdbx_struct_oper_list.matrix[2][1] 
_pdbx_struct_oper_list.matrix[2][2] 
_pdbx_struct_oper_list.matrix[2][3] 
_pdbx_struct_oper_list.vector[2] 
_pdbx_struct_oper_list.matrix[3][1] 
_pdbx_struct_oper_list.matrix[3][2] 
_pdbx_struct_oper_list.matrix[3][3] 
_pdbx_struct_oper_list.vector[3] 
1 'identity operation'         1_555 x,y,z  1.0000000000 0.0000000000 0.0000000000  0.0000000000 0.0000000000 1.0000000000  0.0000000000  0.0000000000   0.0000000000  0.0000000000  1.0000000000  0.0000000000  
2 'crystal symmetry operation' 7_555 y,x,-z 0.0377116696 0.5429117066 -0.8389426135 5.4241532652 0.5429117066 -0.7159585559 -0.4389193833 -23.8978912378 -0.8389426135 -0.4389193833 -0.3217531137 -8.7559478515 
# 
_pdbx_audit_revision_history.ordinal             1 
_pdbx_audit_revision_history.data_content_type   'Structure model' 
_pdbx_audit_revision_history.major_revision      1 
_pdbx_audit_revision_history.minor_revision      0 
_pdbx_audit_revision_history.revision_date       2023-11-29 
# 
_pdbx_audit_revision_details.ordinal             1 
_pdbx_audit_revision_details.revision_ordinal    1 
_pdbx_audit_revision_details.data_content_type   'Structure model' 
_pdbx_audit_revision_details.provider            repository 
_pdbx_audit_revision_details.type                'Initial release' 
_pdbx_audit_revision_details.description         ? 
_pdbx_audit_revision_details.details             ? 
# 
loop_
_space_group_symop.id 
_space_group_symop.operation_xyz 
1 x,y,z               
2 -y+1/2,x+1/2,z+1/4  
3 y+1/2,-x+1/2,z+3/4  
4 x+1/2,-y+1/2,-z+3/4 
5 -x+1/2,y+1/2,-z+1/4 
6 -x,-y,z+1/2         
7 y,x,-z              
8 -y,-x,-z+1/2        
# 
loop_
_software.citation_id 
_software.classification 
_software.compiler_name 
_software.compiler_version 
_software.contact_author 
_software.contact_author_email 
_software.date 
_software.description 
_software.dependencies 
_software.hardware 
_software.language 
_software.location 
_software.mods 
_software.name 
_software.os 
_software.os_version 
_software.type 
_software.version 
_software.pdbx_ordinal 
? 'data reduction' ? ? ? ? ? ? ? ? ? ? ? XDS    ? ? ? 'xdsapp 2.0' 1 
? 'data scaling'   ? ? ? ? ? ? ? ? ? ? ? XDS    ? ? ? 'xdsapp 2.0' 2 
? phasing          ? ? ? ? ? ? ? ? ? ? ? PHASER ? ? ? 2.8.3        3 
? 'model building' ? ? ? ? ? ? ? ? ? ? ? Coot   ? ? ? 0.9.6        4 
? refinement       ? ? ? ? ? ? ? ? ? ? ? PHENIX ? ? ? 1.20_4459    5 
# 
_pdbx_entry_details.entry_id                 7ZXB 
_pdbx_entry_details.has_ligand_of_interest   Y 
_pdbx_entry_details.compound_details         ? 
_pdbx_entry_details.source_details           ? 
_pdbx_entry_details.nonpolymer_details       ? 
_pdbx_entry_details.sequence_details         ? 
# 
loop_
_pdbx_unobs_or_zero_occ_atoms.id 
_pdbx_unobs_or_zero_occ_atoms.PDB_model_num 
_pdbx_unobs_or_zero_occ_atoms.polymer_flag 
_pdbx_unobs_or_zero_occ_atoms.occupancy_flag 
_pdbx_unobs_or_zero_occ_atoms.auth_asym_id 
_pdbx_unobs_or_zero_occ_atoms.auth_comp_id 
_pdbx_unobs_or_zero_occ_atoms.auth_seq_id 
_pdbx_unobs_or_zero_occ_atoms.PDB_ins_code 
_pdbx_unobs_or_zero_occ_atoms.auth_atom_id 
_pdbx_unobs_or_zero_occ_atoms.label_alt_id 
_pdbx_unobs_or_zero_occ_atoms.label_asym_id 
_pdbx_unobs_or_zero_occ_atoms.label_comp_id 
_pdbx_unobs_or_zero_occ_atoms.label_seq_id 
_pdbx_unobs_or_zero_occ_atoms.label_atom_id 
1  1 Y 1 A ARG 180 ? CG  ? A ARG 41  CG  
2  1 Y 1 A ARG 180 ? CD  ? A ARG 41  CD  
3  1 Y 1 A ARG 180 ? NE  ? A ARG 41  NE  
4  1 Y 1 A ARG 180 ? CZ  ? A ARG 41  CZ  
5  1 Y 1 A ARG 180 ? NH1 ? A ARG 41  NH1 
6  1 Y 1 A ARG 180 ? NH2 ? A ARG 41  NH2 
7  1 Y 1 A ARG 310 ? CG  ? A ARG 171 CG  
8  1 Y 1 A ARG 310 ? CD  ? A ARG 171 CD  
9  1 Y 1 A ARG 310 ? NE  ? A ARG 171 NE  
10 1 Y 1 A ARG 310 ? CZ  ? A ARG 171 CZ  
11 1 Y 1 A ARG 310 ? NH1 ? A ARG 171 NH1 
12 1 Y 1 A ARG 310 ? NH2 ? A ARG 171 NH2 
13 1 Y 1 A LYS 338 ? CG  ? A LYS 199 CG  
14 1 Y 1 A LYS 338 ? CD  ? A LYS 199 CD  
15 1 Y 1 A LYS 338 ? CE  ? A LYS 199 CE  
16 1 Y 1 A LYS 338 ? NZ  ? A LYS 199 NZ  
# 
loop_
_pdbx_unobs_or_zero_occ_residues.id 
_pdbx_unobs_or_zero_occ_residues.PDB_model_num 
_pdbx_unobs_or_zero_occ_residues.polymer_flag 
_pdbx_unobs_or_zero_occ_residues.occupancy_flag 
_pdbx_unobs_or_zero_occ_residues.auth_asym_id 
_pdbx_unobs_or_zero_occ_residues.auth_comp_id 
_pdbx_unobs_or_zero_occ_residues.auth_seq_id 
_pdbx_unobs_or_zero_occ_residues.PDB_ins_code 
_pdbx_unobs_or_zero_occ_residues.label_asym_id 
_pdbx_unobs_or_zero_occ_residues.label_comp_id 
_pdbx_unobs_or_zero_occ_residues.label_seq_id 
1  1 Y 1 A ALA 140 ? A ALA 1   
2  1 Y 1 A PRO 141 ? A PRO 2   
3  1 Y 1 A ALA 142 ? A ALA 3   
4  1 Y 1 A GLU 143 ? A GLU 4   
5  1 Y 1 A ILE 144 ? A ILE 5   
6  1 Y 1 A SER 145 ? A SER 6   
7  1 Y 1 A ALA 146 ? A ALA 7   
8  1 Y 1 A VAL 147 ? A VAL 8   
9  1 Y 1 A CYS 148 ? A CYS 9   
10 1 Y 1 A GLU 149 ? A GLU 10  
11 1 Y 1 A LYS 150 ? A LYS 11  
12 1 Y 1 A GLY 151 ? A GLY 12  
13 1 Y 1 A ASN 152 ? A ASN 13  
14 1 Y 1 A PHE 153 ? A PHE 14  
15 1 Y 1 A ASN 187 ? A ASN 48  
16 1 Y 1 A ASN 188 ? A ASN 49  
17 1 Y 1 A LEU 189 ? A LEU 50  
18 1 Y 1 A LEU 190 ? A LEU 51  
19 1 Y 1 A ARG 191 ? A ARG 52  
20 1 Y 1 A GLY 192 ? A GLY 53  
21 1 Y 1 A PRO 317 ? A PRO 178 
22 1 Y 1 A ALA 318 ? A ALA 179 
23 1 Y 1 A ASP 319 ? A ASP 180 
24 1 Y 1 A ASP 320 ? A ASP 181 
25 1 Y 1 A GLU 339 ? A GLU 200 
26 1 Y 1 A GLU 340 ? A GLU 201 
27 1 Y 1 A VAL 341 ? A VAL 202 
28 1 Y 1 A THR 342 ? A THR 203 
29 1 Y 1 A VAL 343 ? A VAL 204 
# 
loop_
_chem_comp_atom.comp_id 
_chem_comp_atom.atom_id 
_chem_comp_atom.type_symbol 
_chem_comp_atom.pdbx_aromatic_flag 
_chem_comp_atom.pdbx_stereo_config 
_chem_comp_atom.pdbx_ordinal 
ALA N    N N N 1   
ALA CA   C N S 2   
ALA C    C N N 3   
ALA O    O N N 4   
ALA CB   C N N 5   
ALA OXT  O N N 6   
ALA H    H N N 7   
ALA H2   H N N 8   
ALA HA   H N N 9   
ALA HB1  H N N 10  
ALA HB2  H N N 11  
ALA HB3  H N N 12  
ALA HXT  H N N 13  
ARG N    N N N 14  
ARG CA   C N S 15  
ARG C    C N N 16  
ARG O    O N N 17  
ARG CB   C N N 18  
ARG CG   C N N 19  
ARG CD   C N N 20  
ARG NE   N N N 21  
ARG CZ   C N N 22  
ARG NH1  N N N 23  
ARG NH2  N N N 24  
ARG OXT  O N N 25  
ARG H    H N N 26  
ARG H2   H N N 27  
ARG HA   H N N 28  
ARG HB2  H N N 29  
ARG HB3  H N N 30  
ARG HG2  H N N 31  
ARG HG3  H N N 32  
ARG HD2  H N N 33  
ARG HD3  H N N 34  
ARG HE   H N N 35  
ARG HH11 H N N 36  
ARG HH12 H N N 37  
ARG HH21 H N N 38  
ARG HH22 H N N 39  
ARG HXT  H N N 40  
ASN N    N N N 41  
ASN CA   C N S 42  
ASN C    C N N 43  
ASN O    O N N 44  
ASN CB   C N N 45  
ASN CG   C N N 46  
ASN OD1  O N N 47  
ASN ND2  N N N 48  
ASN OXT  O N N 49  
ASN H    H N N 50  
ASN H2   H N N 51  
ASN HA   H N N 52  
ASN HB2  H N N 53  
ASN HB3  H N N 54  
ASN HD21 H N N 55  
ASN HD22 H N N 56  
ASN HXT  H N N 57  
ASP N    N N N 58  
ASP CA   C N S 59  
ASP C    C N N 60  
ASP O    O N N 61  
ASP CB   C N N 62  
ASP CG   C N N 63  
ASP OD1  O N N 64  
ASP OD2  O N N 65  
ASP OXT  O N N 66  
ASP H    H N N 67  
ASP H2   H N N 68  
ASP HA   H N N 69  
ASP HB2  H N N 70  
ASP HB3  H N N 71  
ASP HD2  H N N 72  
ASP HXT  H N N 73  
CYS N    N N N 74  
CYS CA   C N R 75  
CYS C    C N N 76  
CYS O    O N N 77  
CYS CB   C N N 78  
CYS SG   S N N 79  
CYS OXT  O N N 80  
CYS H    H N N 81  
CYS H2   H N N 82  
CYS HA   H N N 83  
CYS HB2  H N N 84  
CYS HB3  H N N 85  
CYS HG   H N N 86  
CYS HXT  H N N 87  
GLN N    N N N 88  
GLN CA   C N S 89  
GLN C    C N N 90  
GLN O    O N N 91  
GLN CB   C N N 92  
GLN CG   C N N 93  
GLN CD   C N N 94  
GLN OE1  O N N 95  
GLN NE2  N N N 96  
GLN OXT  O N N 97  
GLN H    H N N 98  
GLN H2   H N N 99  
GLN HA   H N N 100 
GLN HB2  H N N 101 
GLN HB3  H N N 102 
GLN HG2  H N N 103 
GLN HG3  H N N 104 
GLN HE21 H N N 105 
GLN HE22 H N N 106 
GLN HXT  H N N 107 
GLU N    N N N 108 
GLU CA   C N S 109 
GLU C    C N N 110 
GLU O    O N N 111 
GLU CB   C N N 112 
GLU CG   C N N 113 
GLU CD   C N N 114 
GLU OE1  O N N 115 
GLU OE2  O N N 116 
GLU OXT  O N N 117 
GLU H    H N N 118 
GLU H2   H N N 119 
GLU HA   H N N 120 
GLU HB2  H N N 121 
GLU HB3  H N N 122 
GLU HG2  H N N 123 
GLU HG3  H N N 124 
GLU HE2  H N N 125 
GLU HXT  H N N 126 
GLY N    N N N 127 
GLY CA   C N N 128 
GLY C    C N N 129 
GLY O    O N N 130 
GLY OXT  O N N 131 
GLY H    H N N 132 
GLY H2   H N N 133 
GLY HA2  H N N 134 
GLY HA3  H N N 135 
GLY HXT  H N N 136 
HIS N    N N N 137 
HIS CA   C N S 138 
HIS C    C N N 139 
HIS O    O N N 140 
HIS CB   C N N 141 
HIS CG   C Y N 142 
HIS ND1  N Y N 143 
HIS CD2  C Y N 144 
HIS CE1  C Y N 145 
HIS NE2  N Y N 146 
HIS OXT  O N N 147 
HIS H    H N N 148 
HIS H2   H N N 149 
HIS HA   H N N 150 
HIS HB2  H N N 151 
HIS HB3  H N N 152 
HIS HD1  H N N 153 
HIS HD2  H N N 154 
HIS HE1  H N N 155 
HIS HE2  H N N 156 
HIS HXT  H N N 157 
ILE N    N N N 158 
ILE CA   C N S 159 
ILE C    C N N 160 
ILE O    O N N 161 
ILE CB   C N S 162 
ILE CG1  C N N 163 
ILE CG2  C N N 164 
ILE CD1  C N N 165 
ILE OXT  O N N 166 
ILE H    H N N 167 
ILE H2   H N N 168 
ILE HA   H N N 169 
ILE HB   H N N 170 
ILE HG12 H N N 171 
ILE HG13 H N N 172 
ILE HG21 H N N 173 
ILE HG22 H N N 174 
ILE HG23 H N N 175 
ILE HD11 H N N 176 
ILE HD12 H N N 177 
ILE HD13 H N N 178 
ILE HXT  H N N 179 
KAX C12  C Y N 180 
KAX C14  C Y N 181 
KAX C15  C Y N 182 
KAX C16  C Y N 183 
KAX C18  C Y N 184 
KAX C2   C Y N 185 
KAX C21  C N R 186 
KAX C22  C N N 187 
KAX C23  C N S 188 
KAX C24  C N R 189 
KAX C25  C N N 190 
KAX C31  C N R 191 
KAX C32  C N S 192 
KAX C33  C N R 193 
KAX C34  C N R 194 
KAX C35  C N N 195 
KAX C36  C N N 196 
KAX C4   C Y N 197 
KAX C5   C Y N 198 
KAX C6   C Y N 199 
KAX C8   C Y N 200 
KAX F32  F N N 201 
KAX N1   N Y N 202 
KAX N11  N Y N 203 
KAX N13  N Y N 204 
KAX N16  N N N 205 
KAX N17  N Y N 206 
KAX N19  N Y N 207 
KAX N3   N Y N 208 
KAX N6   N N N 209 
KAX N7   N Y N 210 
KAX N9   N Y N 211 
KAX O23  O N N 212 
KAX O24  O N N 213 
KAX O25  O N N 214 
KAX O33  O N N 215 
KAX O35  O N N 216 
KAX P25  P N N 217 
KAX P35  P N N 218 
KAX O25A O N N 219 
KAX O25B O N N 220 
KAX O35A O N N 221 
KAX O35B O N N 222 
KAX H1   H N N 223 
KAX H2   H N N 224 
KAX H3   H N N 225 
KAX H4   H N N 226 
KAX H5   H N N 227 
KAX H6   H N N 228 
KAX H7   H N N 229 
KAX H8   H N N 230 
KAX H9   H N N 231 
KAX H10  H N N 232 
KAX H11  H N N 233 
KAX H12  H N N 234 
KAX H13  H N N 235 
KAX H14  H N N 236 
KAX H15  H N N 237 
KAX H16  H N N 238 
KAX H17  H N N 239 
KAX H18  H N N 240 
KAX H19  H N N 241 
KAX H20  H N N 242 
KAX H21  H N N 243 
KAX H22  H N N 244 
KAX H23  H N N 245 
KAX H24  H N N 246 
KAX H25  H N N 247 
LEU N    N N N 248 
LEU CA   C N S 249 
LEU C    C N N 250 
LEU O    O N N 251 
LEU CB   C N N 252 
LEU CG   C N N 253 
LEU CD1  C N N 254 
LEU CD2  C N N 255 
LEU OXT  O N N 256 
LEU H    H N N 257 
LEU H2   H N N 258 
LEU HA   H N N 259 
LEU HB2  H N N 260 
LEU HB3  H N N 261 
LEU HG   H N N 262 
LEU HD11 H N N 263 
LEU HD12 H N N 264 
LEU HD13 H N N 265 
LEU HD21 H N N 266 
LEU HD22 H N N 267 
LEU HD23 H N N 268 
LEU HXT  H N N 269 
LYS N    N N N 270 
LYS CA   C N S 271 
LYS C    C N N 272 
LYS O    O N N 273 
LYS CB   C N N 274 
LYS CG   C N N 275 
LYS CD   C N N 276 
LYS CE   C N N 277 
LYS NZ   N N N 278 
LYS OXT  O N N 279 
LYS H    H N N 280 
LYS H2   H N N 281 
LYS HA   H N N 282 
LYS HB2  H N N 283 
LYS HB3  H N N 284 
LYS HG2  H N N 285 
LYS HG3  H N N 286 
LYS HD2  H N N 287 
LYS HD3  H N N 288 
LYS HE2  H N N 289 
LYS HE3  H N N 290 
LYS HZ1  H N N 291 
LYS HZ2  H N N 292 
LYS HZ3  H N N 293 
LYS HXT  H N N 294 
MET N    N N N 295 
MET CA   C N S 296 
MET C    C N N 297 
MET O    O N N 298 
MET CB   C N N 299 
MET CG   C N N 300 
MET SD   S N N 301 
MET CE   C N N 302 
MET OXT  O N N 303 
MET H    H N N 304 
MET H2   H N N 305 
MET HA   H N N 306 
MET HB2  H N N 307 
MET HB3  H N N 308 
MET HG2  H N N 309 
MET HG3  H N N 310 
MET HE1  H N N 311 
MET HE2  H N N 312 
MET HE3  H N N 313 
MET HXT  H N N 314 
PHE N    N N N 315 
PHE CA   C N S 316 
PHE C    C N N 317 
PHE O    O N N 318 
PHE CB   C N N 319 
PHE CG   C Y N 320 
PHE CD1  C Y N 321 
PHE CD2  C Y N 322 
PHE CE1  C Y N 323 
PHE CE2  C Y N 324 
PHE CZ   C Y N 325 
PHE OXT  O N N 326 
PHE H    H N N 327 
PHE H2   H N N 328 
PHE HA   H N N 329 
PHE HB2  H N N 330 
PHE HB3  H N N 331 
PHE HD1  H N N 332 
PHE HD2  H N N 333 
PHE HE1  H N N 334 
PHE HE2  H N N 335 
PHE HZ   H N N 336 
PHE HXT  H N N 337 
PRO N    N N N 338 
PRO CA   C N S 339 
PRO C    C N N 340 
PRO O    O N N 341 
PRO CB   C N N 342 
PRO CG   C N N 343 
PRO CD   C N N 344 
PRO OXT  O N N 345 
PRO H    H N N 346 
PRO HA   H N N 347 
PRO HB2  H N N 348 
PRO HB3  H N N 349 
PRO HG2  H N N 350 
PRO HG3  H N N 351 
PRO HD2  H N N 352 
PRO HD3  H N N 353 
PRO HXT  H N N 354 
SER N    N N N 355 
SER CA   C N S 356 
SER C    C N N 357 
SER O    O N N 358 
SER CB   C N N 359 
SER OG   O N N 360 
SER OXT  O N N 361 
SER H    H N N 362 
SER H2   H N N 363 
SER HA   H N N 364 
SER HB2  H N N 365 
SER HB3  H N N 366 
SER HG   H N N 367 
SER HXT  H N N 368 
THR N    N N N 369 
THR CA   C N S 370 
THR C    C N N 371 
THR O    O N N 372 
THR CB   C N R 373 
THR OG1  O N N 374 
THR CG2  C N N 375 
THR OXT  O N N 376 
THR H    H N N 377 
THR H2   H N N 378 
THR HA   H N N 379 
THR HB   H N N 380 
THR HG1  H N N 381 
THR HG21 H N N 382 
THR HG22 H N N 383 
THR HG23 H N N 384 
THR HXT  H N N 385 
TRP N    N N N 386 
TRP CA   C N S 387 
TRP C    C N N 388 
TRP O    O N N 389 
TRP CB   C N N 390 
TRP CG   C Y N 391 
TRP CD1  C Y N 392 
TRP CD2  C Y N 393 
TRP NE1  N Y N 394 
TRP CE2  C Y N 395 
TRP CE3  C Y N 396 
TRP CZ2  C Y N 397 
TRP CZ3  C Y N 398 
TRP CH2  C Y N 399 
TRP OXT  O N N 400 
TRP H    H N N 401 
TRP H2   H N N 402 
TRP HA   H N N 403 
TRP HB2  H N N 404 
TRP HB3  H N N 405 
TRP HD1  H N N 406 
TRP HE1  H N N 407 
TRP HE3  H N N 408 
TRP HZ2  H N N 409 
TRP HZ3  H N N 410 
TRP HH2  H N N 411 
TRP HXT  H N N 412 
TYR N    N N N 413 
TYR CA   C N S 414 
TYR C    C N N 415 
TYR O    O N N 416 
TYR CB   C N N 417 
TYR CG   C Y N 418 
TYR CD1  C Y N 419 
TYR CD2  C Y N 420 
TYR CE1  C Y N 421 
TYR CE2  C Y N 422 
TYR CZ   C Y N 423 
TYR OH   O N N 424 
TYR OXT  O N N 425 
TYR H    H N N 426 
TYR H2   H N N 427 
TYR HA   H N N 428 
TYR HB2  H N N 429 
TYR HB3  H N N 430 
TYR HD1  H N N 431 
TYR HD2  H N N 432 
TYR HE1  H N N 433 
TYR HE2  H N N 434 
TYR HH   H N N 435 
TYR HXT  H N N 436 
VAL N    N N N 437 
VAL CA   C N S 438 
VAL C    C N N 439 
VAL O    O N N 440 
VAL CB   C N N 441 
VAL CG1  C N N 442 
VAL CG2  C N N 443 
VAL OXT  O N N 444 
VAL H    H N N 445 
VAL H2   H N N 446 
VAL HA   H N N 447 
VAL HB   H N N 448 
VAL HG11 H N N 449 
VAL HG12 H N N 450 
VAL HG13 H N N 451 
VAL HG21 H N N 452 
VAL HG22 H N N 453 
VAL HG23 H N N 454 
VAL HXT  H N N 455 
# 
loop_
_chem_comp_bond.comp_id 
_chem_comp_bond.atom_id_1 
_chem_comp_bond.atom_id_2 
_chem_comp_bond.value_order 
_chem_comp_bond.pdbx_aromatic_flag 
_chem_comp_bond.pdbx_stereo_config 
_chem_comp_bond.pdbx_ordinal 
ALA N    CA   sing N N 1   
ALA N    H    sing N N 2   
ALA N    H2   sing N N 3   
ALA CA   C    sing N N 4   
ALA CA   CB   sing N N 5   
ALA CA   HA   sing N N 6   
ALA C    O    doub N N 7   
ALA C    OXT  sing N N 8   
ALA CB   HB1  sing N N 9   
ALA CB   HB2  sing N N 10  
ALA CB   HB3  sing N N 11  
ALA OXT  HXT  sing N N 12  
ARG N    CA   sing N N 13  
ARG N    H    sing N N 14  
ARG N    H2   sing N N 15  
ARG CA   C    sing N N 16  
ARG CA   CB   sing N N 17  
ARG CA   HA   sing N N 18  
ARG C    O    doub N N 19  
ARG C    OXT  sing N N 20  
ARG CB   CG   sing N N 21  
ARG CB   HB2  sing N N 22  
ARG CB   HB3  sing N N 23  
ARG CG   CD   sing N N 24  
ARG CG   HG2  sing N N 25  
ARG CG   HG3  sing N N 26  
ARG CD   NE   sing N N 27  
ARG CD   HD2  sing N N 28  
ARG CD   HD3  sing N N 29  
ARG NE   CZ   sing N N 30  
ARG NE   HE   sing N N 31  
ARG CZ   NH1  sing N N 32  
ARG CZ   NH2  doub N N 33  
ARG NH1  HH11 sing N N 34  
ARG NH1  HH12 sing N N 35  
ARG NH2  HH21 sing N N 36  
ARG NH2  HH22 sing N N 37  
ARG OXT  HXT  sing N N 38  
ASN N    CA   sing N N 39  
ASN N    H    sing N N 40  
ASN N    H2   sing N N 41  
ASN CA   C    sing N N 42  
ASN CA   CB   sing N N 43  
ASN CA   HA   sing N N 44  
ASN C    O    doub N N 45  
ASN C    OXT  sing N N 46  
ASN CB   CG   sing N N 47  
ASN CB   HB2  sing N N 48  
ASN CB   HB3  sing N N 49  
ASN CG   OD1  doub N N 50  
ASN CG   ND2  sing N N 51  
ASN ND2  HD21 sing N N 52  
ASN ND2  HD22 sing N N 53  
ASN OXT  HXT  sing N N 54  
ASP N    CA   sing N N 55  
ASP N    H    sing N N 56  
ASP N    H2   sing N N 57  
ASP CA   C    sing N N 58  
ASP CA   CB   sing N N 59  
ASP CA   HA   sing N N 60  
ASP C    O    doub N N 61  
ASP C    OXT  sing N N 62  
ASP CB   CG   sing N N 63  
ASP CB   HB2  sing N N 64  
ASP CB   HB3  sing N N 65  
ASP CG   OD1  doub N N 66  
ASP CG   OD2  sing N N 67  
ASP OD2  HD2  sing N N 68  
ASP OXT  HXT  sing N N 69  
CYS N    CA   sing N N 70  
CYS N    H    sing N N 71  
CYS N    H2   sing N N 72  
CYS CA   C    sing N N 73  
CYS CA   CB   sing N N 74  
CYS CA   HA   sing N N 75  
CYS C    O    doub N N 76  
CYS C    OXT  sing N N 77  
CYS CB   SG   sing N N 78  
CYS CB   HB2  sing N N 79  
CYS CB   HB3  sing N N 80  
CYS SG   HG   sing N N 81  
CYS OXT  HXT  sing N N 82  
GLN N    CA   sing N N 83  
GLN N    H    sing N N 84  
GLN N    H2   sing N N 85  
GLN CA   C    sing N N 86  
GLN CA   CB   sing N N 87  
GLN CA   HA   sing N N 88  
GLN C    O    doub N N 89  
GLN C    OXT  sing N N 90  
GLN CB   CG   sing N N 91  
GLN CB   HB2  sing N N 92  
GLN CB   HB3  sing N N 93  
GLN CG   CD   sing N N 94  
GLN CG   HG2  sing N N 95  
GLN CG   HG3  sing N N 96  
GLN CD   OE1  doub N N 97  
GLN CD   NE2  sing N N 98  
GLN NE2  HE21 sing N N 99  
GLN NE2  HE22 sing N N 100 
GLN OXT  HXT  sing N N 101 
GLU N    CA   sing N N 102 
GLU N    H    sing N N 103 
GLU N    H2   sing N N 104 
GLU CA   C    sing N N 105 
GLU CA   CB   sing N N 106 
GLU CA   HA   sing N N 107 
GLU C    O    doub N N 108 
GLU C    OXT  sing N N 109 
GLU CB   CG   sing N N 110 
GLU CB   HB2  sing N N 111 
GLU CB   HB3  sing N N 112 
GLU CG   CD   sing N N 113 
GLU CG   HG2  sing N N 114 
GLU CG   HG3  sing N N 115 
GLU CD   OE1  doub N N 116 
GLU CD   OE2  sing N N 117 
GLU OE2  HE2  sing N N 118 
GLU OXT  HXT  sing N N 119 
GLY N    CA   sing N N 120 
GLY N    H    sing N N 121 
GLY N    H2   sing N N 122 
GLY CA   C    sing N N 123 
GLY CA   HA2  sing N N 124 
GLY CA   HA3  sing N N 125 
GLY C    O    doub N N 126 
GLY C    OXT  sing N N 127 
GLY OXT  HXT  sing N N 128 
HIS N    CA   sing N N 129 
HIS N    H    sing N N 130 
HIS N    H2   sing N N 131 
HIS CA   C    sing N N 132 
HIS CA   CB   sing N N 133 
HIS CA   HA   sing N N 134 
HIS C    O    doub N N 135 
HIS C    OXT  sing N N 136 
HIS CB   CG   sing N N 137 
HIS CB   HB2  sing N N 138 
HIS CB   HB3  sing N N 139 
HIS CG   ND1  sing Y N 140 
HIS CG   CD2  doub Y N 141 
HIS ND1  CE1  doub Y N 142 
HIS ND1  HD1  sing N N 143 
HIS CD2  NE2  sing Y N 144 
HIS CD2  HD2  sing N N 145 
HIS CE1  NE2  sing Y N 146 
HIS CE1  HE1  sing N N 147 
HIS NE2  HE2  sing N N 148 
HIS OXT  HXT  sing N N 149 
ILE N    CA   sing N N 150 
ILE N    H    sing N N 151 
ILE N    H2   sing N N 152 
ILE CA   C    sing N N 153 
ILE CA   CB   sing N N 154 
ILE CA   HA   sing N N 155 
ILE C    O    doub N N 156 
ILE C    OXT  sing N N 157 
ILE CB   CG1  sing N N 158 
ILE CB   CG2  sing N N 159 
ILE CB   HB   sing N N 160 
ILE CG1  CD1  sing N N 161 
ILE CG1  HG12 sing N N 162 
ILE CG1  HG13 sing N N 163 
ILE CG2  HG21 sing N N 164 
ILE CG2  HG22 sing N N 165 
ILE CG2  HG23 sing N N 166 
ILE CD1  HD11 sing N N 167 
ILE CD1  HD12 sing N N 168 
ILE CD1  HD13 sing N N 169 
ILE OXT  HXT  sing N N 170 
KAX O35A P35  doub N N 171 
KAX O35B P35  sing N N 172 
KAX P35  O35  sing N N 173 
KAX P35  O23  sing N N 174 
KAX C36  C31  sing N N 175 
KAX C36  C34  sing N N 176 
KAX O35  C35  sing N N 177 
KAX N17  C18  doub Y N 178 
KAX N17  C15  sing Y N 179 
KAX C18  N19  sing Y N 180 
KAX C35  C34  sing N N 181 
KAX N16  C16  sing N N 182 
KAX N19  C31  sing N N 183 
KAX N19  C14  sing Y N 184 
KAX C15  C16  doub Y N 185 
KAX C15  C14  sing Y N 186 
KAX C31  C32  sing N N 187 
KAX C16  N11  sing Y N 188 
KAX C14  N13  doub Y N 189 
KAX C34  C33  sing N N 190 
KAX O23  C23  sing N N 191 
KAX N11  C12  doub Y N 192 
KAX N13  C12  sing Y N 193 
KAX C32  C33  sing N N 194 
KAX C32  F32  sing N N 195 
KAX C22  C23  sing N N 196 
KAX C22  C21  sing N N 197 
KAX C23  C24  sing N N 198 
KAX C33  O33  sing N N 199 
KAX C2   N3   doub Y N 200 
KAX C2   N1   sing Y N 201 
KAX N3   C4   sing Y N 202 
KAX N1   C6   doub Y N 203 
KAX O33  P25  sing N N 204 
KAX C4   N9   sing Y N 205 
KAX C4   C5   doub Y N 206 
KAX C24  C25  sing N N 207 
KAX C24  O24  sing N N 208 
KAX C21  N9   sing N N 209 
KAX C21  O24  sing N N 210 
KAX C6   C5   sing Y N 211 
KAX C6   N6   sing N N 212 
KAX N9   C8   sing Y N 213 
KAX C5   N7   sing Y N 214 
KAX C25  O25  sing N N 215 
KAX O25  P25  sing N N 216 
KAX C8   N7   doub Y N 217 
KAX P25  O25B doub N N 218 
KAX P25  O25A sing N N 219 
KAX C12  H1   sing N N 220 
KAX C18  H2   sing N N 221 
KAX C2   H3   sing N N 222 
KAX C21  H4   sing N N 223 
KAX C22  H5   sing N N 224 
KAX C22  H6   sing N N 225 
KAX C23  H7   sing N N 226 
KAX C24  H8   sing N N 227 
KAX C25  H9   sing N N 228 
KAX C25  H10  sing N N 229 
KAX C31  H11  sing N N 230 
KAX C32  H12  sing N N 231 
KAX C33  H13  sing N N 232 
KAX C34  H14  sing N N 233 
KAX C35  H15  sing N N 234 
KAX C35  H16  sing N N 235 
KAX C36  H17  sing N N 236 
KAX C36  H18  sing N N 237 
KAX C8   H19  sing N N 238 
KAX N16  H20  sing N N 239 
KAX N16  H21  sing N N 240 
KAX N6   H22  sing N N 241 
KAX N6   H23  sing N N 242 
KAX O25A H24  sing N N 243 
KAX O35B H25  sing N N 244 
LEU N    CA   sing N N 245 
LEU N    H    sing N N 246 
LEU N    H2   sing N N 247 
LEU CA   C    sing N N 248 
LEU CA   CB   sing N N 249 
LEU CA   HA   sing N N 250 
LEU C    O    doub N N 251 
LEU C    OXT  sing N N 252 
LEU CB   CG   sing N N 253 
LEU CB   HB2  sing N N 254 
LEU CB   HB3  sing N N 255 
LEU CG   CD1  sing N N 256 
LEU CG   CD2  sing N N 257 
LEU CG   HG   sing N N 258 
LEU CD1  HD11 sing N N 259 
LEU CD1  HD12 sing N N 260 
LEU CD1  HD13 sing N N 261 
LEU CD2  HD21 sing N N 262 
LEU CD2  HD22 sing N N 263 
LEU CD2  HD23 sing N N 264 
LEU OXT  HXT  sing N N 265 
LYS N    CA   sing N N 266 
LYS N    H    sing N N 267 
LYS N    H2   sing N N 268 
LYS CA   C    sing N N 269 
LYS CA   CB   sing N N 270 
LYS CA   HA   sing N N 271 
LYS C    O    doub N N 272 
LYS C    OXT  sing N N 273 
LYS CB   CG   sing N N 274 
LYS CB   HB2  sing N N 275 
LYS CB   HB3  sing N N 276 
LYS CG   CD   sing N N 277 
LYS CG   HG2  sing N N 278 
LYS CG   HG3  sing N N 279 
LYS CD   CE   sing N N 280 
LYS CD   HD2  sing N N 281 
LYS CD   HD3  sing N N 282 
LYS CE   NZ   sing N N 283 
LYS CE   HE2  sing N N 284 
LYS CE   HE3  sing N N 285 
LYS NZ   HZ1  sing N N 286 
LYS NZ   HZ2  sing N N 287 
LYS NZ   HZ3  sing N N 288 
LYS OXT  HXT  sing N N 289 
MET N    CA   sing N N 290 
MET N    H    sing N N 291 
MET N    H2   sing N N 292 
MET CA   C    sing N N 293 
MET CA   CB   sing N N 294 
MET CA   HA   sing N N 295 
MET C    O    doub N N 296 
MET C    OXT  sing N N 297 
MET CB   CG   sing N N 298 
MET CB   HB2  sing N N 299 
MET CB   HB3  sing N N 300 
MET CG   SD   sing N N 301 
MET CG   HG2  sing N N 302 
MET CG   HG3  sing N N 303 
MET SD   CE   sing N N 304 
MET CE   HE1  sing N N 305 
MET CE   HE2  sing N N 306 
MET CE   HE3  sing N N 307 
MET OXT  HXT  sing N N 308 
PHE N    CA   sing N N 309 
PHE N    H    sing N N 310 
PHE N    H2   sing N N 311 
PHE CA   C    sing N N 312 
PHE CA   CB   sing N N 313 
PHE CA   HA   sing N N 314 
PHE C    O    doub N N 315 
PHE C    OXT  sing N N 316 
PHE CB   CG   sing N N 317 
PHE CB   HB2  sing N N 318 
PHE CB   HB3  sing N N 319 
PHE CG   CD1  doub Y N 320 
PHE CG   CD2  sing Y N 321 
PHE CD1  CE1  sing Y N 322 
PHE CD1  HD1  sing N N 323 
PHE CD2  CE2  doub Y N 324 
PHE CD2  HD2  sing N N 325 
PHE CE1  CZ   doub Y N 326 
PHE CE1  HE1  sing N N 327 
PHE CE2  CZ   sing Y N 328 
PHE CE2  HE2  sing N N 329 
PHE CZ   HZ   sing N N 330 
PHE OXT  HXT  sing N N 331 
PRO N    CA   sing N N 332 
PRO N    CD   sing N N 333 
PRO N    H    sing N N 334 
PRO CA   C    sing N N 335 
PRO CA   CB   sing N N 336 
PRO CA   HA   sing N N 337 
PRO C    O    doub N N 338 
PRO C    OXT  sing N N 339 
PRO CB   CG   sing N N 340 
PRO CB   HB2  sing N N 341 
PRO CB   HB3  sing N N 342 
PRO CG   CD   sing N N 343 
PRO CG   HG2  sing N N 344 
PRO CG   HG3  sing N N 345 
PRO CD   HD2  sing N N 346 
PRO CD   HD3  sing N N 347 
PRO OXT  HXT  sing N N 348 
SER N    CA   sing N N 349 
SER N    H    sing N N 350 
SER N    H2   sing N N 351 
SER CA   C    sing N N 352 
SER CA   CB   sing N N 353 
SER CA   HA   sing N N 354 
SER C    O    doub N N 355 
SER C    OXT  sing N N 356 
SER CB   OG   sing N N 357 
SER CB   HB2  sing N N 358 
SER CB   HB3  sing N N 359 
SER OG   HG   sing N N 360 
SER OXT  HXT  sing N N 361 
THR N    CA   sing N N 362 
THR N    H    sing N N 363 
THR N    H2   sing N N 364 
THR CA   C    sing N N 365 
THR CA   CB   sing N N 366 
THR CA   HA   sing N N 367 
THR C    O    doub N N 368 
THR C    OXT  sing N N 369 
THR CB   OG1  sing N N 370 
THR CB   CG2  sing N N 371 
THR CB   HB   sing N N 372 
THR OG1  HG1  sing N N 373 
THR CG2  HG21 sing N N 374 
THR CG2  HG22 sing N N 375 
THR CG2  HG23 sing N N 376 
THR OXT  HXT  sing N N 377 
TRP N    CA   sing N N 378 
TRP N    H    sing N N 379 
TRP N    H2   sing N N 380 
TRP CA   C    sing N N 381 
TRP CA   CB   sing N N 382 
TRP CA   HA   sing N N 383 
TRP C    O    doub N N 384 
TRP C    OXT  sing N N 385 
TRP CB   CG   sing N N 386 
TRP CB   HB2  sing N N 387 
TRP CB   HB3  sing N N 388 
TRP CG   CD1  doub Y N 389 
TRP CG   CD2  sing Y N 390 
TRP CD1  NE1  sing Y N 391 
TRP CD1  HD1  sing N N 392 
TRP CD2  CE2  doub Y N 393 
TRP CD2  CE3  sing Y N 394 
TRP NE1  CE2  sing Y N 395 
TRP NE1  HE1  sing N N 396 
TRP CE2  CZ2  sing Y N 397 
TRP CE3  CZ3  doub Y N 398 
TRP CE3  HE3  sing N N 399 
TRP CZ2  CH2  doub Y N 400 
TRP CZ2  HZ2  sing N N 401 
TRP CZ3  CH2  sing Y N 402 
TRP CZ3  HZ3  sing N N 403 
TRP CH2  HH2  sing N N 404 
TRP OXT  HXT  sing N N 405 
TYR N    CA   sing N N 406 
TYR N    H    sing N N 407 
TYR N    H2   sing N N 408 
TYR CA   C    sing N N 409 
TYR CA   CB   sing N N 410 
TYR CA   HA   sing N N 411 
TYR C    O    doub N N 412 
TYR C    OXT  sing N N 413 
TYR CB   CG   sing N N 414 
TYR CB   HB2  sing N N 415 
TYR CB   HB3  sing N N 416 
TYR CG   CD1  doub Y N 417 
TYR CG   CD2  sing Y N 418 
TYR CD1  CE1  sing Y N 419 
TYR CD1  HD1  sing N N 420 
TYR CD2  CE2  doub Y N 421 
TYR CD2  HD2  sing N N 422 
TYR CE1  CZ   doub Y N 423 
TYR CE1  HE1  sing N N 424 
TYR CE2  CZ   sing Y N 425 
TYR CE2  HE2  sing N N 426 
TYR CZ   OH   sing N N 427 
TYR OH   HH   sing N N 428 
TYR OXT  HXT  sing N N 429 
VAL N    CA   sing N N 430 
VAL N    H    sing N N 431 
VAL N    H2   sing N N 432 
VAL CA   C    sing N N 433 
VAL CA   CB   sing N N 434 
VAL CA   HA   sing N N 435 
VAL C    O    doub N N 436 
VAL C    OXT  sing N N 437 
VAL CB   CG1  sing N N 438 
VAL CB   CG2  sing N N 439 
VAL CB   HB   sing N N 440 
VAL CG1  HG11 sing N N 441 
VAL CG1  HG12 sing N N 442 
VAL CG1  HG13 sing N N 443 
VAL CG2  HG21 sing N N 444 
VAL CG2  HG22 sing N N 445 
VAL CG2  HG23 sing N N 446 
VAL OXT  HXT  sing N N 447 
# 
_pdbx_audit_support.funding_organization   'Not funded' 
_pdbx_audit_support.country                ? 
_pdbx_audit_support.grant_number           ? 
_pdbx_audit_support.ordinal                1 
# 
_pdbx_entity_instance_feature.ordinal        1 
_pdbx_entity_instance_feature.comp_id        KAX 
_pdbx_entity_instance_feature.asym_id        ? 
_pdbx_entity_instance_feature.seq_num        ? 
_pdbx_entity_instance_feature.auth_comp_id   KAX 
_pdbx_entity_instance_feature.auth_asym_id   ? 
_pdbx_entity_instance_feature.auth_seq_num   ? 
_pdbx_entity_instance_feature.feature_type   'SUBJECT OF INVESTIGATION' 
_pdbx_entity_instance_feature.details        ? 
# 
_pdbx_entity_nonpoly.entity_id   2 
_pdbx_entity_nonpoly.name        
;9-[(1~{R},6~{R},8~{R},10~{S},15~{R},17~{R},18~{S})-8-(6-aminopurin-9-yl)-18-fluoranyl-3,12-bis(oxidanyl)-3,12-bis(oxidanylidene)-2,4,7,11,13-pentaoxa-3$l^{5},12$l^{5}-diphosphatricyclo[13.3.0.0^{6,10}]octadecan-17-yl]purin-6-amine
;
_pdbx_entity_nonpoly.comp_id     KAX 
# 
_pdbx_struct_assembly_auth_evidence.id                     1 
_pdbx_struct_assembly_auth_evidence.assembly_id            1 
_pdbx_struct_assembly_auth_evidence.experimental_support   'gel filtration' 
_pdbx_struct_assembly_auth_evidence.details                ? 
# 
_space_group.name_H-M_alt     'P 41 21 2' 
_space_group.name_Hall        'P 4abw 2nw' 
_space_group.IT_number        92 
_space_group.crystal_system   tetragonal 
_space_group.id               1 
# 
